data_7YWR
#
_entry.id   7YWR
#
_entity_poly.entity_id   1
_entity_poly.type   'polypeptide(L)'
_entity_poly.pdbx_seq_one_letter_code
;AIASEFSSLPSYAAFATAQEAYEQAVANGDSEVVLKKLKKSLNVAKSEFDRDAAMQRKLEKMADQAMTQMYKQARSEDKR
AKVT
;
_entity_poly.pdbx_strand_id   A
#
# COMPACT_ATOMS: atom_id res chain seq x y z
N ALA A 1 13.94 3.48 -13.48
CA ALA A 1 13.91 2.45 -12.41
C ALA A 1 12.55 2.48 -11.67
N ILE A 2 11.63 1.58 -12.04
CA ILE A 2 10.31 1.43 -11.39
C ILE A 2 10.45 0.62 -10.10
N ALA A 3 10.17 1.27 -8.96
CA ALA A 3 10.08 0.66 -7.63
C ALA A 3 9.02 1.39 -6.78
N SER A 4 7.82 0.82 -6.70
CA SER A 4 6.75 1.28 -5.79
C SER A 4 7.20 1.22 -4.33
N GLU A 5 6.56 1.99 -3.45
CA GLU A 5 6.85 2.08 -2.01
C GLU A 5 7.00 0.69 -1.37
N PHE A 6 5.98 -0.17 -1.53
CA PHE A 6 5.99 -1.51 -0.94
C PHE A 6 6.78 -2.53 -1.76
N SER A 7 6.96 -2.34 -3.07
CA SER A 7 7.71 -3.26 -3.93
C SER A 7 9.16 -3.47 -3.46
N SER A 8 9.75 -2.45 -2.84
CA SER A 8 11.09 -2.50 -2.21
C SER A 8 11.16 -3.28 -0.88
N LEU A 9 10.03 -3.55 -0.22
CA LEU A 9 9.97 -4.37 1.01
C LEU A 9 9.99 -5.88 0.69
N PRO A 10 10.51 -6.74 1.60
CA PRO A 10 10.47 -8.19 1.43
C PRO A 10 9.06 -8.77 1.59
N SER A 11 8.22 -8.18 2.44
CA SER A 11 6.83 -8.60 2.69
C SER A 11 5.91 -8.47 1.47
N TYR A 12 6.29 -7.69 0.47
CA TYR A 12 5.58 -7.60 -0.81
C TYR A 12 5.55 -8.92 -1.57
N ALA A 13 6.60 -9.75 -1.50
CA ALA A 13 6.63 -11.04 -2.18
C ALA A 13 5.52 -11.98 -1.65
N ALA A 14 5.29 -12.00 -0.33
CA ALA A 14 4.18 -12.74 0.30
C ALA A 14 2.81 -12.24 -0.21
N PHE A 15 2.62 -10.91 -0.31
CA PHE A 15 1.45 -10.31 -0.96
C PHE A 15 1.29 -10.77 -2.42
N ALA A 16 2.33 -10.63 -3.25
CA ALA A 16 2.32 -11.00 -4.66
C ALA A 16 1.95 -12.49 -4.88
N THR A 17 2.45 -13.41 -4.04
CA THR A 17 2.07 -14.83 -4.03
C THR A 17 0.61 -15.06 -3.59
N ALA A 18 0.15 -14.41 -2.51
CA ALA A 18 -1.23 -14.53 -2.03
C ALA A 18 -2.26 -14.01 -3.06
N GLN A 19 -2.02 -12.82 -3.62
CA GLN A 19 -2.86 -12.24 -4.67
C GLN A 19 -2.78 -13.04 -5.99
N GLU A 20 -1.64 -13.66 -6.31
CA GLU A 20 -1.50 -14.55 -7.48
C GLU A 20 -2.42 -15.76 -7.34
N ALA A 21 -2.40 -16.45 -6.19
CA ALA A 21 -3.31 -17.56 -5.91
C ALA A 21 -4.78 -17.14 -6.14
N TYR A 22 -5.20 -15.97 -5.62
CA TYR A 22 -6.55 -15.44 -5.84
C TYR A 22 -6.85 -15.19 -7.33
N GLU A 23 -6.07 -14.33 -8.00
CA GLU A 23 -6.30 -13.95 -9.40
C GLU A 23 -6.23 -15.15 -10.35
N GLN A 24 -5.34 -16.11 -10.11
CA GLN A 24 -5.27 -17.36 -10.89
C GLN A 24 -6.50 -18.24 -10.66
N ALA A 25 -6.89 -18.48 -9.41
CA ALA A 25 -8.07 -19.29 -9.06
C ALA A 25 -9.38 -18.72 -9.65
N VAL A 26 -9.63 -17.40 -9.54
CA VAL A 26 -10.82 -16.75 -10.13
C VAL A 26 -10.81 -16.78 -11.66
N ALA A 27 -9.65 -16.61 -12.30
CA ALA A 27 -9.51 -16.70 -13.76
C ALA A 27 -9.74 -18.13 -14.31
N ASN A 28 -9.28 -19.16 -13.59
CA ASN A 28 -9.44 -20.57 -13.96
C ASN A 28 -10.79 -21.16 -13.53
N GLY A 29 -11.46 -20.58 -12.53
CA GLY A 29 -12.77 -21.01 -12.02
C GLY A 29 -12.75 -22.37 -11.31
N ASP A 30 -11.62 -22.75 -10.68
CA ASP A 30 -11.40 -24.09 -10.10
C ASP A 30 -12.43 -24.49 -9.03
N SER A 31 -12.71 -23.60 -8.07
CA SER A 31 -13.64 -23.82 -6.94
C SER A 31 -14.21 -22.49 -6.42
N GLU A 32 -15.51 -22.27 -6.55
CA GLU A 32 -16.18 -21.02 -6.11
C GLU A 32 -16.01 -20.68 -4.62
N VAL A 33 -15.79 -21.69 -3.77
CA VAL A 33 -15.48 -21.52 -2.34
C VAL A 33 -14.06 -20.99 -2.09
N VAL A 34 -13.10 -21.38 -2.95
CA VAL A 34 -11.69 -20.95 -2.87
C VAL A 34 -11.57 -19.45 -3.14
N LEU A 35 -12.41 -18.91 -4.02
CA LEU A 35 -12.51 -17.46 -4.28
C LEU A 35 -12.81 -16.69 -3.00
N LYS A 36 -13.91 -17.01 -2.29
CA LYS A 36 -14.30 -16.36 -1.02
C LYS A 36 -13.19 -16.39 0.05
N LYS A 37 -12.52 -17.54 0.20
CA LYS A 37 -11.40 -17.76 1.13
C LYS A 37 -10.19 -16.89 0.78
N LEU A 38 -9.75 -16.95 -0.48
CA LEU A 38 -8.61 -16.19 -0.99
C LEU A 38 -8.85 -14.68 -1.09
N LYS A 39 -10.09 -14.24 -1.33
CA LYS A 39 -10.50 -12.82 -1.26
C LYS A 39 -10.26 -12.26 0.14
N LYS A 40 -10.71 -12.99 1.17
CA LYS A 40 -10.49 -12.65 2.59
C LYS A 40 -9.00 -12.61 2.95
N SER A 41 -8.19 -13.62 2.57
CA SER A 41 -6.75 -13.58 2.83
C SER A 41 -6.00 -12.49 2.03
N LEU A 42 -6.44 -12.19 0.80
CA LEU A 42 -5.94 -11.07 0.00
C LEU A 42 -6.09 -9.73 0.73
N ASN A 43 -7.23 -9.44 1.34
CA ASN A 43 -7.42 -8.18 2.08
C ASN A 43 -6.34 -7.97 3.16
N VAL A 44 -5.97 -9.02 3.90
CA VAL A 44 -4.86 -8.98 4.87
C VAL A 44 -3.51 -8.72 4.19
N ALA A 45 -3.21 -9.45 3.12
CA ALA A 45 -1.95 -9.34 2.37
C ALA A 45 -1.76 -7.96 1.70
N LYS A 46 -2.78 -7.46 1.00
CA LYS A 46 -2.82 -6.13 0.34
C LYS A 46 -2.76 -5.00 1.39
N SER A 47 -3.39 -5.16 2.55
CA SER A 47 -3.32 -4.19 3.66
C SER A 47 -1.88 -3.85 4.08
N GLU A 48 -0.96 -4.81 3.99
CA GLU A 48 0.47 -4.58 4.27
C GLU A 48 1.12 -3.55 3.31
N PHE A 49 0.67 -3.50 2.03
CA PHE A 49 1.01 -2.45 1.07
C PHE A 49 0.56 -1.10 1.61
N ASP A 50 -0.75 -0.92 1.85
CA ASP A 50 -1.32 0.33 2.36
C ASP A 50 -0.62 0.81 3.65
N ARG A 51 -0.35 -0.12 4.59
CA ARG A 51 0.36 0.14 5.84
C ARG A 51 1.77 0.72 5.63
N ASP A 52 2.62 0.03 4.86
CA ASP A 52 3.97 0.54 4.55
C ASP A 52 3.94 1.82 3.70
N ALA A 53 3.17 1.81 2.62
CA ALA A 53 3.04 2.95 1.72
C ALA A 53 2.56 4.24 2.43
N ALA A 54 1.62 4.14 3.38
CA ALA A 54 1.22 5.24 4.25
C ALA A 54 2.38 5.79 5.09
N MET A 55 3.18 4.91 5.71
CA MET A 55 4.39 5.27 6.45
C MET A 55 5.36 6.04 5.55
N GLN A 56 5.70 5.52 4.37
CA GLN A 56 6.58 6.18 3.40
C GLN A 56 6.03 7.55 2.92
N ARG A 57 4.73 7.64 2.59
CA ARG A 57 4.05 8.90 2.20
C ARG A 57 4.13 9.96 3.29
N LYS A 58 3.80 9.61 4.54
CA LYS A 58 3.86 10.51 5.71
C LYS A 58 5.28 10.97 6.00
N LEU A 59 6.24 10.03 6.01
CA LEU A 59 7.68 10.33 6.15
C LEU A 59 8.16 11.30 5.05
N GLU A 60 7.78 11.08 3.79
CA GLU A 60 8.10 11.99 2.68
C GLU A 60 7.59 13.42 2.94
N LYS A 61 6.32 13.61 3.34
CA LYS A 61 5.76 14.93 3.70
C LYS A 61 6.56 15.64 4.80
N MET A 62 6.84 14.95 5.92
CA MET A 62 7.62 15.52 7.03
C MET A 62 9.08 15.81 6.63
N ALA A 63 9.74 14.92 5.89
CA ALA A 63 11.11 15.10 5.39
C ALA A 63 11.24 16.24 4.37
N ASP A 64 10.25 16.41 3.49
CA ASP A 64 10.17 17.54 2.55
C ASP A 64 10.13 18.88 3.29
N GLN A 65 9.31 18.99 4.34
CA GLN A 65 9.27 20.15 5.25
C GLN A 65 10.65 20.40 5.91
N ALA A 66 11.33 19.35 6.36
CA ALA A 66 12.67 19.41 6.96
C ALA A 66 13.74 19.93 5.98
N MET A 67 13.67 19.55 4.70
CA MET A 67 14.50 20.10 3.62
C MET A 67 14.15 21.56 3.30
N THR A 68 12.87 21.92 3.22
CA THR A 68 12.44 23.32 2.95
C THR A 68 12.92 24.29 4.04
N GLN A 69 12.68 23.98 5.32
CA GLN A 69 13.09 24.86 6.42
C GLN A 69 14.62 25.10 6.46
N MET A 70 15.42 24.13 6.01
CA MET A 70 16.89 24.23 5.93
C MET A 70 17.38 25.36 5.00
N TYR A 71 16.65 25.72 3.94
CA TYR A 71 16.96 26.89 3.11
C TYR A 71 16.66 28.22 3.81
N LYS A 72 15.58 28.29 4.60
CA LYS A 72 15.12 29.48 5.34
C LYS A 72 15.70 29.60 6.77
N GLN A 73 16.46 28.61 7.22
CA GLN A 73 17.05 28.50 8.57
C GLN A 73 18.01 29.67 8.89
N ALA A 74 17.96 30.18 10.12
CA ALA A 74 18.89 31.19 10.63
C ALA A 74 20.32 30.62 10.81
N ARG A 75 21.33 31.51 10.89
CA ARG A 75 22.75 31.15 11.05
C ARG A 75 23.12 31.07 12.54
N SER A 76 23.33 29.86 13.05
CA SER A 76 23.66 29.57 14.46
C SER A 76 24.73 28.47 14.56
N GLU A 77 25.91 28.82 15.08
CA GLU A 77 27.03 27.90 15.33
C GLU A 77 26.85 27.17 16.68
N ASP A 78 26.20 26.01 16.65
CA ASP A 78 25.96 25.15 17.82
C ASP A 78 26.28 23.68 17.52
N LYS A 79 26.96 22.99 18.46
CA LYS A 79 27.37 21.58 18.36
C LYS A 79 26.15 20.63 18.41
N ARG A 80 25.74 20.14 17.23
CA ARG A 80 24.67 19.13 17.04
C ARG A 80 25.16 17.88 16.29
N ALA A 81 24.50 16.76 16.51
CA ALA A 81 24.71 15.52 15.77
C ALA A 81 24.10 15.62 14.35
N LYS A 82 24.95 15.60 13.32
CA LYS A 82 24.58 15.65 11.89
C LYS A 82 25.10 14.43 11.15
N VAL A 83 24.20 13.52 10.75
CA VAL A 83 24.51 12.38 9.87
C VAL A 83 24.56 12.81 8.40
N THR A 84 25.34 12.10 7.59
CA THR A 84 25.58 12.38 6.15
C THR A 84 25.29 11.14 5.29
N ALA A 1 12.46 -4.03 -12.92
CA ALA A 1 11.72 -2.87 -13.46
C ALA A 1 10.80 -2.22 -12.42
N ILE A 2 9.77 -2.94 -11.91
CA ILE A 2 8.77 -2.43 -10.95
C ILE A 2 9.44 -1.84 -9.69
N ALA A 3 9.16 -0.57 -9.40
CA ALA A 3 9.72 0.20 -8.27
C ALA A 3 8.61 0.86 -7.43
N SER A 4 7.87 0.04 -6.69
CA SER A 4 6.89 0.45 -5.67
C SER A 4 7.53 0.47 -4.27
N GLU A 5 6.96 1.22 -3.33
CA GLU A 5 7.49 1.33 -1.96
C GLU A 5 7.53 -0.04 -1.25
N PHE A 6 6.39 -0.75 -1.21
CA PHE A 6 6.31 -2.02 -0.51
C PHE A 6 7.12 -3.14 -1.18
N SER A 7 7.38 -3.04 -2.50
CA SER A 7 8.17 -4.03 -3.27
C SER A 7 9.59 -4.27 -2.69
N SER A 8 10.15 -3.28 -1.99
CA SER A 8 11.43 -3.37 -1.27
C SER A 8 11.40 -4.35 -0.08
N LEU A 9 10.24 -4.54 0.57
CA LEU A 9 10.06 -5.34 1.79
C LEU A 9 9.93 -6.84 1.47
N PRO A 10 10.29 -7.75 2.40
CA PRO A 10 10.15 -9.19 2.20
C PRO A 10 8.68 -9.65 2.17
N SER A 11 7.80 -9.03 2.97
CA SER A 11 6.37 -9.35 3.08
C SER A 11 5.57 -9.09 1.80
N TYR A 12 6.07 -8.23 0.89
CA TYR A 12 5.48 -8.03 -0.44
C TYR A 12 5.43 -9.31 -1.27
N ALA A 13 6.43 -10.19 -1.18
CA ALA A 13 6.46 -11.44 -1.92
C ALA A 13 5.25 -12.33 -1.56
N ALA A 14 4.97 -12.52 -0.26
CA ALA A 14 3.81 -13.24 0.22
C ALA A 14 2.48 -12.64 -0.28
N PHE A 15 2.36 -11.31 -0.21
CA PHE A 15 1.24 -10.56 -0.83
C PHE A 15 1.09 -10.85 -2.33
N ALA A 16 2.12 -10.62 -3.14
CA ALA A 16 2.08 -10.82 -4.59
C ALA A 16 1.70 -12.27 -4.98
N THR A 17 2.24 -13.27 -4.28
CA THR A 17 1.85 -14.69 -4.44
C THR A 17 0.36 -14.92 -4.12
N ALA A 18 -0.16 -14.38 -3.01
CA ALA A 18 -1.57 -14.53 -2.64
C ALA A 18 -2.52 -13.79 -3.62
N GLN A 19 -2.13 -12.60 -4.08
CA GLN A 19 -2.82 -11.79 -5.08
C GLN A 19 -2.94 -12.56 -6.41
N GLU A 20 -1.82 -13.08 -6.95
CA GLU A 20 -1.84 -13.90 -8.16
C GLU A 20 -2.62 -15.21 -7.99
N ALA A 21 -2.47 -15.92 -6.85
CA ALA A 21 -3.26 -17.11 -6.55
C ALA A 21 -4.76 -16.82 -6.64
N TYR A 22 -5.23 -15.70 -6.05
CA TYR A 22 -6.61 -15.24 -6.15
C TYR A 22 -7.05 -14.96 -7.59
N GLU A 23 -6.32 -14.11 -8.31
CA GLU A 23 -6.67 -13.75 -9.70
C GLU A 23 -6.65 -14.96 -10.65
N GLN A 24 -5.68 -15.86 -10.52
CA GLN A 24 -5.61 -17.12 -11.28
C GLN A 24 -6.84 -18.00 -10.98
N ALA A 25 -7.17 -18.20 -9.70
CA ALA A 25 -8.34 -18.96 -9.27
C ALA A 25 -9.65 -18.45 -9.87
N VAL A 26 -9.95 -17.13 -9.79
CA VAL A 26 -11.14 -16.56 -10.45
C VAL A 26 -11.06 -16.64 -11.99
N ALA A 27 -9.88 -16.49 -12.58
CA ALA A 27 -9.68 -16.48 -14.05
C ALA A 27 -10.08 -17.77 -14.77
N ASN A 28 -9.89 -18.92 -14.13
CA ASN A 28 -10.31 -20.24 -14.64
C ASN A 28 -11.57 -20.78 -13.95
N GLY A 29 -11.98 -20.18 -12.83
CA GLY A 29 -13.19 -20.52 -12.07
C GLY A 29 -13.12 -21.87 -11.33
N ASP A 30 -11.91 -22.37 -11.02
CA ASP A 30 -11.66 -23.74 -10.53
C ASP A 30 -12.60 -24.20 -9.38
N SER A 31 -12.68 -23.41 -8.31
CA SER A 31 -13.45 -23.71 -7.08
C SER A 31 -13.99 -22.42 -6.44
N GLU A 32 -15.30 -22.20 -6.48
CA GLU A 32 -15.95 -20.97 -5.96
C GLU A 32 -15.69 -20.68 -4.47
N VAL A 33 -15.45 -21.71 -3.66
CA VAL A 33 -15.05 -21.56 -2.25
C VAL A 33 -13.61 -21.05 -2.08
N VAL A 34 -12.71 -21.43 -2.98
CA VAL A 34 -11.30 -21.02 -2.98
C VAL A 34 -11.18 -19.51 -3.24
N LEU A 35 -12.04 -18.96 -4.11
CA LEU A 35 -12.18 -17.52 -4.34
C LEU A 35 -12.46 -16.77 -3.03
N LYS A 36 -13.55 -17.12 -2.31
CA LYS A 36 -13.97 -16.45 -1.08
C LYS A 36 -12.87 -16.43 -0.01
N LYS A 37 -12.17 -17.56 0.16
CA LYS A 37 -11.03 -17.75 1.07
C LYS A 37 -9.83 -16.86 0.68
N LEU A 38 -9.40 -16.93 -0.58
CA LEU A 38 -8.29 -16.15 -1.13
C LEU A 38 -8.55 -14.64 -1.13
N LYS A 39 -9.77 -14.18 -1.41
CA LYS A 39 -10.17 -12.76 -1.29
C LYS A 39 -9.94 -12.24 0.13
N LYS A 40 -10.35 -13.03 1.13
CA LYS A 40 -10.19 -12.70 2.55
C LYS A 40 -8.71 -12.65 2.97
N SER A 41 -7.90 -13.66 2.62
CA SER A 41 -6.45 -13.65 2.90
C SER A 41 -5.68 -12.55 2.13
N LEU A 42 -6.11 -12.21 0.91
CA LEU A 42 -5.61 -11.07 0.13
C LEU A 42 -5.81 -9.74 0.90
N ASN A 43 -6.98 -9.50 1.50
CA ASN A 43 -7.21 -8.29 2.30
C ASN A 43 -6.19 -8.12 3.44
N VAL A 44 -5.84 -9.21 4.15
CA VAL A 44 -4.76 -9.23 5.17
C VAL A 44 -3.42 -8.81 4.55
N ALA A 45 -2.98 -9.52 3.50
CA ALA A 45 -1.67 -9.31 2.88
C ALA A 45 -1.52 -7.94 2.20
N LYS A 46 -2.55 -7.44 1.51
CA LYS A 46 -2.61 -6.10 0.90
C LYS A 46 -2.57 -4.99 1.96
N SER A 47 -3.12 -5.21 3.15
CA SER A 47 -3.05 -4.26 4.27
C SER A 47 -1.60 -3.96 4.69
N GLU A 48 -0.68 -4.92 4.54
CA GLU A 48 0.75 -4.72 4.81
C GLU A 48 1.39 -3.69 3.84
N PHE A 49 0.95 -3.67 2.57
CA PHE A 49 1.32 -2.63 1.59
C PHE A 49 0.90 -1.26 2.12
N ASP A 50 -0.38 -1.06 2.42
CA ASP A 50 -0.93 0.21 2.92
C ASP A 50 -0.19 0.69 4.19
N ARG A 51 0.01 -0.20 5.17
CA ARG A 51 0.76 0.05 6.42
C ARG A 51 2.19 0.50 6.18
N ASP A 52 2.96 -0.25 5.38
CA ASP A 52 4.35 0.11 5.06
C ASP A 52 4.45 1.40 4.22
N ALA A 53 3.66 1.50 3.15
CA ALA A 53 3.60 2.68 2.28
C ALA A 53 3.24 3.97 3.05
N ALA A 54 2.31 3.93 4.01
CA ALA A 54 1.95 5.06 4.86
C ALA A 54 3.16 5.66 5.60
N MET A 55 4.14 4.84 6.00
CA MET A 55 5.39 5.28 6.63
C MET A 55 6.20 6.20 5.70
N GLN A 56 6.31 5.87 4.41
CA GLN A 56 6.89 6.76 3.39
C GLN A 56 6.00 8.00 3.15
N ARG A 57 4.68 7.82 3.00
CA ARG A 57 3.74 8.93 2.70
C ARG A 57 3.75 10.04 3.76
N LYS A 58 4.01 9.71 5.03
CA LYS A 58 4.28 10.69 6.11
C LYS A 58 5.45 11.62 5.79
N LEU A 59 6.56 11.10 5.26
CA LEU A 59 7.71 11.89 4.79
C LEU A 59 7.40 12.63 3.47
N GLU A 60 6.65 12.04 2.55
CA GLU A 60 6.21 12.71 1.31
C GLU A 60 5.37 13.96 1.59
N LYS A 61 4.46 13.91 2.58
CA LYS A 61 3.65 15.04 3.05
C LYS A 61 4.48 16.25 3.49
N MET A 62 5.66 16.02 4.07
CA MET A 62 6.61 17.08 4.47
C MET A 62 7.09 17.89 3.25
N ALA A 63 7.48 17.20 2.17
CA ALA A 63 7.86 17.81 0.89
C ALA A 63 6.65 18.43 0.15
N ASP A 64 5.47 17.82 0.23
CA ASP A 64 4.24 18.32 -0.41
C ASP A 64 3.85 19.75 0.04
N GLN A 65 4.16 20.13 1.29
CA GLN A 65 3.98 21.50 1.78
C GLN A 65 4.83 22.54 0.99
N ALA A 66 6.05 22.18 0.57
CA ALA A 66 6.89 23.03 -0.27
C ALA A 66 6.38 23.14 -1.71
N MET A 67 5.75 22.09 -2.25
CA MET A 67 5.10 22.10 -3.57
C MET A 67 4.00 23.17 -3.66
N THR A 68 3.26 23.42 -2.56
CA THR A 68 2.22 24.46 -2.46
C THR A 68 2.74 25.86 -2.81
N GLN A 69 3.99 26.21 -2.46
CA GLN A 69 4.59 27.50 -2.82
C GLN A 69 4.68 27.67 -4.34
N MET A 70 5.07 26.63 -5.08
CA MET A 70 5.13 26.60 -6.55
C MET A 70 3.76 26.86 -7.20
N TYR A 71 2.69 26.42 -6.53
CA TYR A 71 1.30 26.57 -6.98
C TYR A 71 0.75 27.98 -6.65
N LYS A 72 1.08 28.52 -5.47
CA LYS A 72 0.72 29.89 -5.03
C LYS A 72 1.39 30.95 -5.91
N GLN A 73 2.71 30.90 -6.08
CA GLN A 73 3.46 31.81 -6.96
C GLN A 73 3.12 31.60 -8.45
N ALA A 74 3.46 32.57 -9.30
CA ALA A 74 3.30 32.45 -10.75
C ALA A 74 4.22 31.37 -11.35
N ARG A 75 3.79 30.74 -12.46
CA ARG A 75 4.51 29.67 -13.18
C ARG A 75 4.35 29.78 -14.70
N SER A 76 5.19 29.06 -15.45
CA SER A 76 5.26 29.09 -16.92
C SER A 76 5.58 27.73 -17.51
N GLU A 77 4.55 26.92 -17.76
CA GLU A 77 4.57 25.61 -18.40
C GLU A 77 3.36 25.48 -19.34
N ASP A 78 3.60 24.96 -20.54
CA ASP A 78 2.56 24.64 -21.52
C ASP A 78 1.60 23.53 -21.02
N LYS A 79 0.34 23.54 -21.49
CA LYS A 79 -0.72 22.58 -21.11
C LYS A 79 -0.32 21.10 -21.29
N ARG A 80 -0.06 20.38 -20.18
CA ARG A 80 0.37 18.97 -20.18
C ARG A 80 -0.67 18.06 -20.84
N ALA A 81 -0.22 17.26 -21.83
CA ALA A 81 -1.04 16.29 -22.56
C ALA A 81 -1.28 15.00 -21.74
N LYS A 82 -2.43 14.90 -21.05
CA LYS A 82 -2.86 13.65 -20.37
C LYS A 82 -3.14 12.51 -21.37
N VAL A 83 -3.29 11.28 -20.86
CA VAL A 83 -3.55 10.06 -21.65
C VAL A 83 -4.75 9.28 -21.09
N THR A 84 -5.66 8.88 -21.98
CA THR A 84 -6.92 8.15 -21.65
C THR A 84 -6.67 6.74 -21.10
N ALA A 1 14.87 -0.46 -13.20
CA ALA A 1 13.95 0.70 -13.24
C ALA A 1 12.74 0.51 -12.33
N ILE A 2 11.80 -0.39 -12.67
CA ILE A 2 10.53 -0.62 -11.94
C ILE A 2 10.80 -1.02 -10.47
N ALA A 3 10.48 -0.13 -9.53
CA ALA A 3 10.56 -0.34 -8.09
C ALA A 3 9.48 0.47 -7.36
N SER A 4 8.27 -0.10 -7.22
CA SER A 4 7.20 0.44 -6.38
C SER A 4 7.64 0.49 -4.91
N GLU A 5 6.99 1.32 -4.09
CA GLU A 5 7.34 1.50 -2.68
C GLU A 5 7.29 0.15 -1.92
N PHE A 6 6.15 -0.53 -1.95
CA PHE A 6 5.98 -1.78 -1.21
C PHE A 6 6.77 -2.96 -1.82
N SER A 7 7.05 -2.94 -3.13
CA SER A 7 7.80 -4.00 -3.84
C SER A 7 9.18 -4.29 -3.23
N SER A 8 9.80 -3.29 -2.59
CA SER A 8 11.08 -3.42 -1.87
C SER A 8 11.00 -4.19 -0.55
N LEU A 9 9.80 -4.38 0.04
CA LEU A 9 9.58 -5.10 1.31
C LEU A 9 9.43 -6.62 1.05
N PRO A 10 9.78 -7.48 2.03
CA PRO A 10 9.57 -8.93 1.91
C PRO A 10 8.10 -9.32 1.92
N SER A 11 7.26 -8.60 2.68
CA SER A 11 5.81 -8.83 2.81
C SER A 11 5.02 -8.65 1.51
N TYR A 12 5.55 -7.89 0.54
CA TYR A 12 4.98 -7.77 -0.81
C TYR A 12 4.89 -9.11 -1.55
N ALA A 13 5.87 -10.00 -1.38
CA ALA A 13 5.87 -11.30 -2.05
C ALA A 13 4.63 -12.14 -1.66
N ALA A 14 4.31 -12.21 -0.36
CA ALA A 14 3.11 -12.87 0.16
C ALA A 14 1.83 -12.30 -0.47
N PHE A 15 1.71 -10.97 -0.53
CA PHE A 15 0.64 -10.27 -1.25
C PHE A 15 0.57 -10.67 -2.73
N ALA A 16 1.63 -10.44 -3.51
CA ALA A 16 1.67 -10.70 -4.95
C ALA A 16 1.35 -12.16 -5.31
N THR A 17 1.91 -13.13 -4.56
CA THR A 17 1.59 -14.56 -4.70
C THR A 17 0.12 -14.84 -4.41
N ALA A 18 -0.48 -14.28 -3.35
CA ALA A 18 -1.90 -14.46 -3.06
C ALA A 18 -2.80 -13.83 -4.14
N GLN A 19 -2.45 -12.64 -4.61
CA GLN A 19 -3.12 -11.90 -5.68
C GLN A 19 -3.15 -12.71 -6.98
N GLU A 20 -2.00 -13.21 -7.45
CA GLU A 20 -1.89 -14.10 -8.60
C GLU A 20 -2.69 -15.40 -8.41
N ALA A 21 -2.47 -16.11 -7.30
CA ALA A 21 -3.17 -17.37 -7.01
C ALA A 21 -4.70 -17.19 -7.05
N TYR A 22 -5.21 -16.10 -6.49
CA TYR A 22 -6.63 -15.75 -6.52
C TYR A 22 -7.16 -15.48 -7.93
N GLU A 23 -6.53 -14.57 -8.68
CA GLU A 23 -6.94 -14.26 -10.07
C GLU A 23 -6.89 -15.49 -10.98
N GLN A 24 -5.84 -16.30 -10.88
CA GLN A 24 -5.72 -17.55 -11.62
C GLN A 24 -6.79 -18.57 -11.19
N ALA A 25 -7.01 -18.74 -9.89
CA ALA A 25 -8.05 -19.63 -9.35
C ALA A 25 -9.47 -19.25 -9.82
N VAL A 26 -9.87 -17.96 -9.77
CA VAL A 26 -11.21 -17.54 -10.22
C VAL A 26 -11.38 -17.76 -11.73
N ALA A 27 -10.34 -17.49 -12.52
CA ALA A 27 -10.31 -17.72 -13.98
C ALA A 27 -10.42 -19.20 -14.37
N ASN A 28 -9.74 -20.09 -13.63
CA ASN A 28 -9.75 -21.54 -13.87
C ASN A 28 -10.94 -22.28 -13.21
N GLY A 29 -11.56 -21.70 -12.17
CA GLY A 29 -12.70 -22.27 -11.44
C GLY A 29 -12.35 -23.48 -10.57
N ASP A 30 -11.10 -23.60 -10.11
CA ASP A 30 -10.57 -24.81 -9.44
C ASP A 30 -11.31 -25.18 -8.13
N SER A 31 -11.65 -24.19 -7.29
CA SER A 31 -12.36 -24.37 -6.01
C SER A 31 -12.99 -23.06 -5.54
N GLU A 32 -14.33 -22.98 -5.51
CA GLU A 32 -15.06 -21.77 -5.08
C GLU A 32 -14.73 -21.31 -3.65
N VAL A 33 -14.49 -22.24 -2.72
CA VAL A 33 -14.12 -21.95 -1.33
C VAL A 33 -12.73 -21.30 -1.20
N VAL A 34 -11.80 -21.67 -2.09
CA VAL A 34 -10.46 -21.06 -2.19
C VAL A 34 -10.59 -19.59 -2.57
N LEU A 35 -11.53 -19.25 -3.46
CA LEU A 35 -11.80 -17.85 -3.85
C LEU A 35 -12.27 -17.02 -2.65
N LYS A 36 -13.29 -17.48 -1.93
CA LYS A 36 -13.81 -16.83 -0.72
C LYS A 36 -12.71 -16.55 0.30
N LYS A 37 -11.85 -17.55 0.57
CA LYS A 37 -10.77 -17.48 1.55
C LYS A 37 -9.59 -16.61 1.08
N LEU A 38 -9.22 -16.67 -0.19
CA LEU A 38 -8.21 -15.80 -0.78
C LEU A 38 -8.65 -14.33 -0.83
N LYS A 39 -9.89 -14.02 -1.25
CA LYS A 39 -10.43 -12.66 -1.33
C LYS A 39 -10.33 -11.91 0.00
N LYS A 40 -10.75 -12.56 1.09
CA LYS A 40 -10.61 -12.00 2.46
C LYS A 40 -9.15 -11.80 2.90
N SER A 41 -8.24 -12.73 2.56
CA SER A 41 -6.79 -12.55 2.79
C SER A 41 -6.18 -11.45 1.93
N LEU A 42 -6.65 -11.25 0.70
CA LEU A 42 -6.22 -10.19 -0.23
C LEU A 42 -6.45 -8.80 0.38
N ASN A 43 -7.60 -8.57 1.01
CA ASN A 43 -7.90 -7.33 1.74
C ASN A 43 -6.82 -6.99 2.77
N VAL A 44 -6.39 -7.96 3.58
CA VAL A 44 -5.28 -7.81 4.54
C VAL A 44 -3.95 -7.58 3.82
N ALA A 45 -3.60 -8.44 2.86
CA ALA A 45 -2.31 -8.42 2.17
C ALA A 45 -2.07 -7.15 1.33
N LYS A 46 -3.10 -6.66 0.61
CA LYS A 46 -3.09 -5.36 -0.10
C LYS A 46 -3.07 -4.17 0.87
N SER A 47 -3.68 -4.29 2.05
CA SER A 47 -3.62 -3.25 3.09
C SER A 47 -2.17 -2.98 3.51
N GLU A 48 -1.32 -4.03 3.63
CA GLU A 48 0.11 -3.86 3.91
C GLU A 48 0.82 -2.93 2.91
N PHE A 49 0.45 -2.97 1.62
CA PHE A 49 0.91 -2.03 0.59
C PHE A 49 0.57 -0.60 1.00
N ASP A 50 -0.72 -0.28 1.16
CA ASP A 50 -1.19 1.06 1.50
C ASP A 50 -0.56 1.58 2.81
N ARG A 51 -0.44 0.74 3.84
CA ARG A 51 0.23 1.02 5.11
C ARG A 51 1.69 1.42 4.92
N ASP A 52 2.51 0.52 4.35
CA ASP A 52 3.95 0.78 4.17
C ASP A 52 4.23 1.93 3.19
N ALA A 53 3.52 2.00 2.06
CA ALA A 53 3.60 3.11 1.12
C ALA A 53 3.28 4.47 1.78
N ALA A 54 2.18 4.55 2.55
CA ALA A 54 1.85 5.75 3.34
C ALA A 54 2.92 6.08 4.37
N MET A 55 3.47 5.09 5.10
CA MET A 55 4.54 5.27 6.10
C MET A 55 5.80 5.92 5.50
N GLN A 56 6.22 5.52 4.30
CA GLN A 56 7.33 6.15 3.58
C GLN A 56 7.09 7.64 3.32
N ARG A 57 5.88 8.00 2.82
CA ARG A 57 5.49 9.40 2.59
C ARG A 57 5.34 10.18 3.91
N LYS A 58 4.80 9.55 4.96
CA LYS A 58 4.63 10.11 6.32
C LYS A 58 5.95 10.56 6.93
N LEU A 59 7.03 9.79 6.77
CA LEU A 59 8.39 10.15 7.22
C LEU A 59 8.87 11.49 6.60
N GLU A 60 8.66 11.69 5.30
CA GLU A 60 8.96 12.96 4.61
C GLU A 60 8.00 14.08 5.07
N LYS A 61 6.69 13.80 5.12
CA LYS A 61 5.64 14.75 5.56
C LYS A 61 5.88 15.28 6.98
N MET A 62 6.29 14.41 7.91
CA MET A 62 6.65 14.74 9.29
C MET A 62 7.72 15.83 9.37
N ALA A 63 8.79 15.72 8.58
CA ALA A 63 9.87 16.71 8.54
C ALA A 63 9.39 18.10 8.08
N ASP A 64 8.53 18.16 7.07
CA ASP A 64 7.87 19.40 6.62
C ASP A 64 6.89 19.95 7.69
N GLN A 65 6.03 19.09 8.24
CA GLN A 65 5.04 19.44 9.27
C GLN A 65 5.69 20.02 10.54
N ALA A 66 6.86 19.51 10.95
CA ALA A 66 7.65 20.03 12.06
C ALA A 66 8.10 21.49 11.85
N MET A 67 8.40 21.90 10.61
CA MET A 67 8.58 23.31 10.24
C MET A 67 7.26 24.08 10.26
N THR A 68 6.19 23.57 9.61
CA THR A 68 4.87 24.24 9.57
C THR A 68 4.29 24.53 10.96
N GLN A 69 4.60 23.71 11.96
CA GLN A 69 4.26 23.93 13.38
C GLN A 69 4.72 25.30 13.91
N MET A 70 5.83 25.86 13.41
CA MET A 70 6.34 27.18 13.85
C MET A 70 5.38 28.35 13.51
N TYR A 71 4.56 28.21 12.45
CA TYR A 71 3.54 29.18 12.06
C TYR A 71 2.26 29.05 12.92
N LYS A 72 1.86 27.80 13.22
CA LYS A 72 0.69 27.46 14.07
C LYS A 72 1.00 27.52 15.59
N GLN A 73 2.24 27.84 15.98
CA GLN A 73 2.73 27.88 17.36
C GLN A 73 1.82 28.71 18.28
N ALA A 74 1.31 28.07 19.33
CA ALA A 74 0.41 28.63 20.34
C ALA A 74 0.99 28.43 21.76
N ARG A 75 0.24 28.86 22.80
CA ARG A 75 0.61 28.65 24.20
C ARG A 75 0.79 27.15 24.52
N SER A 76 1.82 26.83 25.29
CA SER A 76 2.13 25.46 25.72
C SER A 76 0.97 24.87 26.56
N GLU A 77 0.58 23.63 26.26
CA GLU A 77 -0.57 22.94 26.88
C GLU A 77 -0.12 21.56 27.39
N ASP A 78 0.04 21.44 28.71
CA ASP A 78 0.46 20.21 29.39
C ASP A 78 -0.54 19.06 29.16
N LYS A 79 -0.09 18.04 28.41
CA LYS A 79 -0.86 16.84 27.99
C LYS A 79 -0.06 15.57 28.24
N ARG A 80 -0.72 14.40 28.11
CA ARG A 80 -0.12 13.07 28.33
C ARG A 80 1.03 12.80 27.36
N ALA A 81 2.21 12.47 27.89
CA ALA A 81 3.38 12.10 27.09
C ALA A 81 3.19 10.75 26.36
N LYS A 82 3.79 10.61 25.18
CA LYS A 82 3.85 9.37 24.38
C LYS A 82 4.79 8.35 25.02
N VAL A 83 4.26 7.19 25.40
CA VAL A 83 5.01 6.03 25.90
C VAL A 83 5.87 5.41 24.77
N THR A 84 7.01 4.82 25.15
CA THR A 84 8.01 4.17 24.27
C THR A 84 8.58 2.88 24.88
N ALA A 1 14.36 1.25 -12.62
CA ALA A 1 13.64 2.51 -12.33
C ALA A 1 12.36 2.25 -11.51
N ILE A 2 11.34 1.58 -12.09
CA ILE A 2 10.04 1.29 -11.46
C ILE A 2 10.23 0.49 -10.15
N ALA A 3 9.93 1.12 -9.01
CA ALA A 3 9.97 0.54 -7.67
C ALA A 3 8.89 1.16 -6.76
N SER A 4 7.75 0.49 -6.61
CA SER A 4 6.66 0.91 -5.70
C SER A 4 7.12 0.91 -4.24
N GLU A 5 6.41 1.66 -3.38
CA GLU A 5 6.75 1.84 -1.96
C GLU A 5 6.87 0.49 -1.22
N PHE A 6 5.89 -0.41 -1.37
CA PHE A 6 5.95 -1.73 -0.73
C PHE A 6 6.86 -2.73 -1.46
N SER A 7 7.07 -2.58 -2.78
CA SER A 7 7.87 -3.50 -3.60
C SER A 7 9.33 -3.66 -3.11
N SER A 8 9.87 -2.63 -2.43
CA SER A 8 11.20 -2.65 -1.81
C SER A 8 11.30 -3.50 -0.53
N LEU A 9 10.18 -3.87 0.11
CA LEU A 9 10.13 -4.68 1.34
C LEU A 9 10.14 -6.19 1.01
N PRO A 10 10.65 -7.06 1.92
CA PRO A 10 10.61 -8.51 1.73
C PRO A 10 9.20 -9.10 1.83
N SER A 11 8.32 -8.49 2.64
CA SER A 11 6.92 -8.93 2.83
C SER A 11 6.05 -8.79 1.58
N TYR A 12 6.43 -7.94 0.62
CA TYR A 12 5.75 -7.82 -0.67
C TYR A 12 5.76 -9.12 -1.48
N ALA A 13 6.83 -9.92 -1.42
CA ALA A 13 6.91 -11.19 -2.13
C ALA A 13 5.81 -12.18 -1.68
N ALA A 14 5.60 -12.30 -0.37
CA ALA A 14 4.50 -13.09 0.21
C ALA A 14 3.12 -12.59 -0.24
N PHE A 15 2.90 -11.26 -0.21
CA PHE A 15 1.69 -10.64 -0.76
C PHE A 15 1.49 -10.98 -2.25
N ALA A 16 2.52 -10.81 -3.09
CA ALA A 16 2.48 -11.09 -4.52
C ALA A 16 2.08 -12.55 -4.84
N THR A 17 2.59 -13.53 -4.08
CA THR A 17 2.17 -14.94 -4.14
C THR A 17 0.71 -15.14 -3.69
N ALA A 18 0.28 -14.53 -2.58
CA ALA A 18 -1.08 -14.64 -2.05
C ALA A 18 -2.14 -14.05 -3.02
N GLN A 19 -1.89 -12.84 -3.54
CA GLN A 19 -2.75 -12.20 -4.55
C GLN A 19 -2.74 -12.94 -5.89
N GLU A 20 -1.61 -13.57 -6.27
CA GLU A 20 -1.53 -14.40 -7.48
C GLU A 20 -2.44 -15.63 -7.37
N ALA A 21 -2.42 -16.33 -6.24
CA ALA A 21 -3.33 -17.45 -5.99
C ALA A 21 -4.81 -17.03 -6.19
N TYR A 22 -5.22 -15.89 -5.64
CA TYR A 22 -6.57 -15.33 -5.85
C TYR A 22 -6.86 -15.02 -7.32
N GLU A 23 -6.04 -14.17 -7.95
CA GLU A 23 -6.22 -13.70 -9.33
C GLU A 23 -6.21 -14.85 -10.36
N GLN A 24 -5.35 -15.86 -10.18
CA GLN A 24 -5.36 -17.08 -11.00
C GLN A 24 -6.61 -17.93 -10.75
N ALA A 25 -6.97 -18.19 -9.49
CA ALA A 25 -8.16 -18.98 -9.15
C ALA A 25 -9.47 -18.38 -9.73
N VAL A 26 -9.70 -17.08 -9.59
CA VAL A 26 -10.87 -16.38 -10.18
C VAL A 26 -10.85 -16.38 -11.72
N ALA A 27 -9.68 -16.22 -12.35
CA ALA A 27 -9.53 -16.26 -13.81
C ALA A 27 -9.77 -17.67 -14.40
N ASN A 28 -9.34 -18.73 -13.70
CA ASN A 28 -9.53 -20.12 -14.11
C ASN A 28 -10.90 -20.71 -13.70
N GLY A 29 -11.58 -20.10 -12.71
CA GLY A 29 -12.90 -20.52 -12.22
C GLY A 29 -12.88 -21.87 -11.49
N ASP A 30 -11.75 -22.24 -10.88
CA ASP A 30 -11.48 -23.61 -10.38
C ASP A 30 -12.48 -24.11 -9.32
N SER A 31 -12.78 -23.28 -8.32
CA SER A 31 -13.75 -23.54 -7.23
C SER A 31 -14.33 -22.24 -6.68
N GLU A 32 -15.63 -22.00 -6.85
CA GLU A 32 -16.31 -20.76 -6.41
C GLU A 32 -16.17 -20.46 -4.90
N VAL A 33 -15.99 -21.49 -4.06
CA VAL A 33 -15.73 -21.35 -2.61
C VAL A 33 -14.31 -20.86 -2.31
N VAL A 34 -13.32 -21.27 -3.11
CA VAL A 34 -11.90 -20.89 -2.98
C VAL A 34 -11.71 -19.40 -3.22
N LEU A 35 -12.50 -18.80 -4.10
CA LEU A 35 -12.55 -17.35 -4.32
C LEU A 35 -12.83 -16.60 -3.02
N LYS A 36 -13.91 -16.94 -2.30
CA LYS A 36 -14.29 -16.27 -1.04
C LYS A 36 -13.19 -16.37 0.04
N LYS A 37 -12.56 -17.55 0.18
CA LYS A 37 -11.44 -17.82 1.09
C LYS A 37 -10.22 -16.93 0.76
N LEU A 38 -9.77 -16.99 -0.49
CA LEU A 38 -8.61 -16.24 -0.99
C LEU A 38 -8.84 -14.71 -1.00
N LYS A 39 -10.05 -14.23 -1.29
CA LYS A 39 -10.44 -12.81 -1.16
C LYS A 39 -10.23 -12.30 0.27
N LYS A 40 -10.69 -13.07 1.27
CA LYS A 40 -10.51 -12.76 2.69
C LYS A 40 -9.02 -12.75 3.09
N SER A 41 -8.25 -13.74 2.65
CA SER A 41 -6.79 -13.81 2.84
C SER A 41 -6.04 -12.64 2.16
N LEU A 42 -6.45 -12.26 0.95
CA LEU A 42 -5.90 -11.13 0.19
C LEU A 42 -6.03 -9.81 0.96
N ASN A 43 -7.15 -9.54 1.62
CA ASN A 43 -7.31 -8.32 2.42
C ASN A 43 -6.18 -8.16 3.47
N VAL A 44 -5.81 -9.24 4.16
CA VAL A 44 -4.68 -9.25 5.11
C VAL A 44 -3.35 -8.95 4.42
N ALA A 45 -3.07 -9.62 3.29
CA ALA A 45 -1.84 -9.45 2.51
C ALA A 45 -1.70 -8.05 1.89
N LYS A 46 -2.74 -7.53 1.22
CA LYS A 46 -2.79 -6.20 0.61
C LYS A 46 -2.76 -5.08 1.67
N SER A 47 -3.34 -5.30 2.86
CA SER A 47 -3.24 -4.37 3.99
C SER A 47 -1.78 -4.07 4.38
N GLU A 48 -0.88 -5.05 4.27
CA GLU A 48 0.56 -4.85 4.52
C GLU A 48 1.19 -3.83 3.55
N PHE A 49 0.76 -3.81 2.27
CA PHE A 49 1.11 -2.77 1.29
C PHE A 49 0.71 -1.39 1.81
N ASP A 50 -0.58 -1.18 2.08
CA ASP A 50 -1.10 0.11 2.57
C ASP A 50 -0.39 0.57 3.86
N ARG A 51 -0.16 -0.35 4.80
CA ARG A 51 0.53 -0.11 6.08
C ARG A 51 1.98 0.36 5.88
N ASP A 52 2.80 -0.39 5.13
CA ASP A 52 4.20 0.02 4.86
C ASP A 52 4.27 1.27 3.96
N ALA A 53 3.49 1.34 2.89
CA ALA A 53 3.42 2.52 2.02
C ALA A 53 3.06 3.81 2.79
N ALA A 54 2.14 3.75 3.76
CA ALA A 54 1.81 4.88 4.64
C ALA A 54 3.04 5.42 5.41
N MET A 55 3.97 4.56 5.83
CA MET A 55 5.22 4.96 6.49
C MET A 55 6.18 5.76 5.58
N GLN A 56 6.05 5.63 4.25
CA GLN A 56 6.75 6.49 3.28
C GLN A 56 5.93 7.73 2.89
N ARG A 57 4.61 7.59 2.69
CA ARG A 57 3.68 8.70 2.36
C ARG A 57 3.67 9.80 3.43
N LYS A 58 3.66 9.45 4.71
CA LYS A 58 3.76 10.40 5.84
C LYS A 58 5.10 11.16 5.88
N LEU A 59 6.17 10.58 5.33
CA LEU A 59 7.49 11.19 5.17
C LEU A 59 7.50 12.15 3.96
N GLU A 60 6.89 11.75 2.83
CA GLU A 60 6.71 12.62 1.65
C GLU A 60 6.02 13.95 1.99
N LYS A 61 4.99 13.91 2.85
CA LYS A 61 4.30 15.09 3.39
C LYS A 61 5.24 16.10 4.08
N MET A 62 6.30 15.64 4.74
CA MET A 62 7.31 16.52 5.36
C MET A 62 8.07 17.33 4.29
N ALA A 63 8.48 16.68 3.19
CA ALA A 63 9.14 17.33 2.06
C ALA A 63 8.22 18.28 1.28
N ASP A 64 6.91 17.98 1.17
CA ASP A 64 5.94 18.89 0.54
C ASP A 64 5.82 20.25 1.25
N GLN A 65 6.07 20.34 2.56
CA GLN A 65 6.13 21.62 3.27
C GLN A 65 7.32 22.49 2.79
N ALA A 66 8.46 21.88 2.47
CA ALA A 66 9.61 22.56 1.89
C ALA A 66 9.37 23.01 0.43
N MET A 67 8.55 22.29 -0.34
CA MET A 67 8.14 22.70 -1.69
C MET A 67 7.40 24.05 -1.68
N THR A 68 6.51 24.29 -0.70
CA THR A 68 5.75 25.56 -0.56
C THR A 68 6.68 26.78 -0.49
N GLN A 69 7.83 26.67 0.16
CA GLN A 69 8.83 27.76 0.25
C GLN A 69 9.30 28.24 -1.14
N MET A 70 9.48 27.32 -2.10
CA MET A 70 9.84 27.63 -3.48
C MET A 70 8.74 28.40 -4.24
N TYR A 71 7.47 28.23 -3.88
CA TYR A 71 6.35 29.05 -4.40
C TYR A 71 6.26 30.44 -3.73
N LYS A 72 6.64 30.55 -2.45
CA LYS A 72 6.71 31.83 -1.71
C LYS A 72 7.85 32.73 -2.19
N GLN A 73 9.07 32.20 -2.32
CA GLN A 73 10.21 32.95 -2.88
C GLN A 73 10.08 33.20 -4.39
N ALA A 74 10.89 34.11 -4.94
CA ALA A 74 11.05 34.31 -6.38
C ALA A 74 11.95 33.22 -7.00
N ARG A 75 11.35 32.25 -7.70
CA ARG A 75 12.03 31.15 -8.42
C ARG A 75 11.32 30.85 -9.77
N SER A 76 12.06 30.31 -10.73
CA SER A 76 11.60 30.00 -12.09
C SER A 76 11.66 28.49 -12.38
N GLU A 77 10.56 27.77 -12.14
CA GLU A 77 10.41 26.32 -12.33
C GLU A 77 9.07 25.99 -13.03
N ASP A 78 9.12 25.68 -14.33
CA ASP A 78 7.98 25.18 -15.12
C ASP A 78 7.58 23.76 -14.71
N LYS A 79 6.30 23.54 -14.40
CA LYS A 79 5.70 22.24 -14.03
C LYS A 79 4.27 22.12 -14.58
N ARG A 80 4.00 21.10 -15.38
CA ARG A 80 2.69 20.72 -15.90
C ARG A 80 1.94 19.83 -14.90
N ALA A 81 1.06 20.42 -14.09
CA ALA A 81 0.05 19.70 -13.33
C ALA A 81 -1.09 19.23 -14.24
N LYS A 82 -1.32 17.91 -14.32
CA LYS A 82 -2.50 17.32 -14.99
C LYS A 82 -3.82 17.85 -14.44
N VAL A 83 -4.83 17.99 -15.30
CA VAL A 83 -6.20 18.41 -14.93
C VAL A 83 -7.14 17.22 -14.76
N THR A 84 -7.95 17.24 -13.70
CA THR A 84 -8.99 16.24 -13.37
C THR A 84 -10.25 16.36 -14.23
N ALA A 1 14.83 2.10 -11.70
CA ALA A 1 13.67 2.82 -12.27
C ALA A 1 12.37 2.47 -11.52
N ILE A 2 11.65 1.42 -11.92
CA ILE A 2 10.36 1.02 -11.33
C ILE A 2 10.57 0.34 -9.96
N ALA A 3 10.18 1.01 -8.87
CA ALA A 3 10.18 0.49 -7.50
C ALA A 3 9.03 1.11 -6.68
N SER A 4 7.94 0.37 -6.46
CA SER A 4 6.82 0.80 -5.61
C SER A 4 7.23 0.89 -4.13
N GLU A 5 6.46 1.64 -3.34
CA GLU A 5 6.73 1.89 -1.91
C GLU A 5 6.81 0.59 -1.08
N PHE A 6 5.94 -0.40 -1.35
CA PHE A 6 6.00 -1.71 -0.69
C PHE A 6 6.91 -2.72 -1.40
N SER A 7 7.13 -2.59 -2.72
CA SER A 7 7.94 -3.54 -3.52
C SER A 7 9.37 -3.75 -2.99
N SER A 8 9.94 -2.72 -2.35
CA SER A 8 11.26 -2.76 -1.70
C SER A 8 11.32 -3.61 -0.40
N LEU A 9 10.18 -3.93 0.22
CA LEU A 9 10.09 -4.74 1.45
C LEU A 9 10.07 -6.24 1.12
N PRO A 10 10.54 -7.12 2.03
CA PRO A 10 10.50 -8.58 1.83
C PRO A 10 9.07 -9.14 1.88
N SER A 11 8.19 -8.57 2.70
CA SER A 11 6.78 -8.98 2.86
C SER A 11 5.93 -8.82 1.60
N TYR A 12 6.32 -7.95 0.66
CA TYR A 12 5.68 -7.80 -0.64
C TYR A 12 5.70 -9.10 -1.46
N ALA A 13 6.76 -9.90 -1.37
CA ALA A 13 6.85 -11.18 -2.09
C ALA A 13 5.72 -12.15 -1.67
N ALA A 14 5.48 -12.30 -0.36
CA ALA A 14 4.36 -13.08 0.18
C ALA A 14 3.00 -12.55 -0.27
N PHE A 15 2.80 -11.22 -0.26
CA PHE A 15 1.62 -10.58 -0.83
C PHE A 15 1.42 -10.93 -2.32
N ALA A 16 2.46 -10.77 -3.15
CA ALA A 16 2.41 -11.10 -4.57
C ALA A 16 2.03 -12.58 -4.82
N THR A 17 2.54 -13.52 -4.03
CA THR A 17 2.13 -14.95 -4.09
C THR A 17 0.67 -15.14 -3.70
N ALA A 18 0.20 -14.52 -2.60
CA ALA A 18 -1.18 -14.63 -2.13
C ALA A 18 -2.20 -14.03 -3.12
N GLN A 19 -1.94 -12.81 -3.63
CA GLN A 19 -2.80 -12.15 -4.62
C GLN A 19 -2.76 -12.88 -5.98
N GLU A 20 -1.63 -13.46 -6.37
CA GLU A 20 -1.54 -14.30 -7.58
C GLU A 20 -2.47 -15.52 -7.48
N ALA A 21 -2.42 -16.26 -6.37
CA ALA A 21 -3.34 -17.38 -6.14
C ALA A 21 -4.80 -16.97 -6.31
N TYR A 22 -5.21 -15.82 -5.74
CA TYR A 22 -6.57 -15.28 -5.91
C TYR A 22 -6.90 -14.96 -7.37
N GLU A 23 -6.13 -14.08 -8.01
CA GLU A 23 -6.34 -13.63 -9.39
C GLU A 23 -6.30 -14.79 -10.41
N GLN A 24 -5.42 -15.77 -10.21
CA GLN A 24 -5.34 -16.97 -11.04
C GLN A 24 -6.56 -17.89 -10.82
N ALA A 25 -6.94 -18.18 -9.58
CA ALA A 25 -8.11 -19.00 -9.26
C ALA A 25 -9.43 -18.41 -9.81
N VAL A 26 -9.68 -17.10 -9.63
CA VAL A 26 -10.87 -16.42 -10.16
C VAL A 26 -10.90 -16.40 -11.70
N ALA A 27 -9.74 -16.21 -12.36
CA ALA A 27 -9.62 -16.26 -13.82
C ALA A 27 -9.86 -17.68 -14.40
N ASN A 28 -9.41 -18.73 -13.70
CA ASN A 28 -9.60 -20.13 -14.11
C ASN A 28 -10.98 -20.69 -13.70
N GLY A 29 -11.64 -20.09 -12.70
CA GLY A 29 -12.95 -20.52 -12.18
C GLY A 29 -12.94 -21.89 -11.50
N ASP A 30 -11.80 -22.29 -10.92
CA ASP A 30 -11.54 -23.65 -10.43
C ASP A 30 -12.54 -24.14 -9.35
N SER A 31 -12.80 -23.30 -8.33
CA SER A 31 -13.72 -23.55 -7.21
C SER A 31 -14.28 -22.25 -6.64
N GLU A 32 -15.59 -22.01 -6.74
CA GLU A 32 -16.25 -20.77 -6.26
C GLU A 32 -16.05 -20.47 -4.76
N VAL A 33 -15.83 -21.51 -3.94
CA VAL A 33 -15.51 -21.38 -2.51
C VAL A 33 -14.09 -20.87 -2.26
N VAL A 34 -13.14 -21.22 -3.14
CA VAL A 34 -11.73 -20.81 -3.06
C VAL A 34 -11.60 -19.31 -3.28
N LEU A 35 -12.45 -18.72 -4.14
CA LEU A 35 -12.54 -17.27 -4.35
C LEU A 35 -12.83 -16.54 -3.03
N LYS A 36 -13.91 -16.91 -2.32
CA LYS A 36 -14.30 -16.28 -1.04
C LYS A 36 -13.18 -16.38 0.02
N LYS A 37 -12.54 -17.55 0.14
CA LYS A 37 -11.40 -17.80 1.05
C LYS A 37 -10.20 -16.90 0.71
N LEU A 38 -9.72 -16.98 -0.53
CA LEU A 38 -8.57 -16.21 -1.02
C LEU A 38 -8.81 -14.70 -1.01
N LYS A 39 -10.03 -14.20 -1.28
CA LYS A 39 -10.40 -12.77 -1.15
C LYS A 39 -10.19 -12.26 0.27
N LYS A 40 -10.65 -13.03 1.26
CA LYS A 40 -10.47 -12.75 2.69
C LYS A 40 -8.98 -12.74 3.09
N SER A 41 -8.20 -13.74 2.65
CA SER A 41 -6.74 -13.79 2.84
C SER A 41 -6.00 -12.64 2.14
N LEU A 42 -6.41 -12.27 0.92
CA LEU A 42 -5.87 -11.13 0.15
C LEU A 42 -6.01 -9.81 0.91
N ASN A 43 -7.16 -9.54 1.56
CA ASN A 43 -7.34 -8.32 2.35
C ASN A 43 -6.24 -8.16 3.43
N VAL A 44 -5.84 -9.25 4.10
CA VAL A 44 -4.72 -9.27 5.06
C VAL A 44 -3.39 -8.95 4.37
N ALA A 45 -3.07 -9.65 3.28
CA ALA A 45 -1.83 -9.48 2.52
C ALA A 45 -1.68 -8.08 1.89
N LYS A 46 -2.71 -7.58 1.21
CA LYS A 46 -2.78 -6.24 0.60
C LYS A 46 -2.71 -5.13 1.67
N SER A 47 -3.28 -5.34 2.85
CA SER A 47 -3.16 -4.40 3.98
C SER A 47 -1.70 -4.09 4.31
N GLU A 48 -0.78 -5.07 4.23
CA GLU A 48 0.66 -4.84 4.44
C GLU A 48 1.24 -3.79 3.48
N PHE A 49 0.76 -3.72 2.22
CA PHE A 49 1.10 -2.65 1.27
C PHE A 49 0.72 -1.29 1.84
N ASP A 50 -0.55 -1.07 2.19
CA ASP A 50 -1.03 0.20 2.72
C ASP A 50 -0.31 0.59 4.02
N ARG A 51 -0.08 -0.36 4.94
CA ARG A 51 0.65 -0.17 6.21
C ARG A 51 2.08 0.30 5.99
N ASP A 52 2.87 -0.43 5.21
CA ASP A 52 4.28 -0.08 4.94
C ASP A 52 4.41 1.18 4.04
N ALA A 53 3.58 1.32 3.00
CA ALA A 53 3.54 2.52 2.18
C ALA A 53 3.19 3.80 2.98
N ALA A 54 2.28 3.72 3.97
CA ALA A 54 1.95 4.85 4.84
C ALA A 54 3.17 5.38 5.63
N MET A 55 4.12 4.52 6.00
CA MET A 55 5.39 4.91 6.65
C MET A 55 6.21 5.86 5.76
N GLN A 56 6.24 5.60 4.45
CA GLN A 56 6.90 6.45 3.46
C GLN A 56 6.08 7.70 3.14
N ARG A 57 4.75 7.56 2.99
CA ARG A 57 3.79 8.65 2.75
C ARG A 57 3.87 9.76 3.80
N LYS A 58 3.99 9.41 5.08
CA LYS A 58 4.19 10.35 6.20
C LYS A 58 5.37 11.31 5.97
N LEU A 59 6.55 10.77 5.65
CA LEU A 59 7.73 11.57 5.31
C LEU A 59 7.53 12.33 3.99
N GLU A 60 6.99 11.67 2.96
CA GLU A 60 6.76 12.25 1.63
C GLU A 60 5.82 13.48 1.67
N LYS A 61 4.79 13.45 2.51
CA LYS A 61 3.86 14.59 2.76
C LYS A 61 4.59 15.86 3.21
N MET A 62 5.64 15.74 4.00
CA MET A 62 6.48 16.86 4.44
C MET A 62 7.16 17.55 3.24
N ALA A 63 7.73 16.77 2.32
CA ALA A 63 8.33 17.27 1.08
C ALA A 63 7.26 17.79 0.09
N ASP A 64 6.11 17.12 0.01
CA ASP A 64 4.97 17.47 -0.86
C ASP A 64 4.44 18.89 -0.64
N GLN A 65 4.41 19.39 0.61
CA GLN A 65 4.06 20.78 0.91
C GLN A 65 5.00 21.78 0.20
N ALA A 66 6.31 21.55 0.23
CA ALA A 66 7.31 22.38 -0.46
C ALA A 66 7.21 22.26 -2.00
N MET A 67 6.91 21.06 -2.53
CA MET A 67 6.69 20.83 -3.97
C MET A 67 5.40 21.50 -4.49
N THR A 68 4.34 21.52 -3.67
CA THR A 68 3.05 22.17 -3.97
C THR A 68 3.21 23.67 -4.23
N GLN A 69 4.13 24.36 -3.54
CA GLN A 69 4.44 25.77 -3.81
C GLN A 69 4.93 26.02 -5.24
N MET A 70 5.75 25.13 -5.82
CA MET A 70 6.14 25.18 -7.24
C MET A 70 4.93 24.94 -8.16
N TYR A 71 4.11 23.93 -7.88
CA TYR A 71 2.92 23.63 -8.71
C TYR A 71 1.85 24.75 -8.69
N LYS A 72 1.72 25.49 -7.58
CA LYS A 72 0.84 26.68 -7.44
C LYS A 72 1.48 27.99 -7.93
N GLN A 73 2.78 28.02 -8.21
CA GLN A 73 3.47 29.17 -8.81
C GLN A 73 2.93 29.45 -10.24
N ALA A 74 3.11 30.68 -10.75
CA ALA A 74 2.69 31.08 -12.09
C ALA A 74 3.44 30.27 -13.19
N ARG A 75 2.77 29.25 -13.74
CA ARG A 75 3.27 28.28 -14.73
C ARG A 75 2.19 27.92 -15.77
N SER A 76 2.63 27.47 -16.95
CA SER A 76 1.79 27.09 -18.09
C SER A 76 1.74 25.56 -18.23
N GLU A 77 0.64 24.95 -17.77
CA GLU A 77 0.37 23.51 -17.81
C GLU A 77 -1.14 23.28 -18.04
N ASP A 78 -1.48 22.54 -19.10
CA ASP A 78 -2.87 22.16 -19.45
C ASP A 78 -3.55 21.30 -18.35
N LYS A 79 -4.80 21.64 -18.03
CA LYS A 79 -5.63 20.94 -17.03
C LYS A 79 -5.99 19.52 -17.51
N ARG A 80 -5.85 18.51 -16.64
CA ARG A 80 -6.18 17.09 -16.86
C ARG A 80 -7.44 16.65 -16.12
N ALA A 81 -8.22 15.74 -16.71
CA ALA A 81 -9.38 15.13 -16.06
C ALA A 81 -8.97 14.25 -14.86
N LYS A 82 -9.83 14.18 -13.84
CA LYS A 82 -9.65 13.37 -12.62
C LYS A 82 -10.91 12.54 -12.33
N VAL A 83 -10.74 11.21 -12.32
CA VAL A 83 -11.78 10.23 -11.98
C VAL A 83 -11.83 10.02 -10.45
N THR A 84 -13.05 9.94 -9.90
CA THR A 84 -13.33 9.75 -8.45
C THR A 84 -13.16 8.29 -8.03
N ALA A 1 13.24 1.39 -14.45
CA ALA A 1 13.25 2.13 -13.17
C ALA A 1 12.03 1.83 -12.24
N ILE A 2 11.25 0.77 -12.49
CA ILE A 2 10.03 0.44 -11.70
C ILE A 2 10.40 -0.19 -10.35
N ALA A 3 10.17 0.56 -9.27
CA ALA A 3 10.31 0.13 -7.88
C ALA A 3 9.19 0.72 -7.00
N SER A 4 8.07 0.02 -6.88
CA SER A 4 7.02 0.35 -5.91
C SER A 4 7.53 0.28 -4.47
N GLU A 5 6.97 1.08 -3.58
CA GLU A 5 7.44 1.22 -2.19
C GLU A 5 7.45 -0.12 -1.43
N PHE A 6 6.32 -0.83 -1.43
CA PHE A 6 6.23 -2.11 -0.71
C PHE A 6 7.02 -3.24 -1.39
N SER A 7 7.23 -3.17 -2.71
CA SER A 7 7.95 -4.20 -3.49
C SER A 7 9.38 -4.45 -2.99
N SER A 8 10.00 -3.46 -2.35
CA SER A 8 11.32 -3.57 -1.69
C SER A 8 11.33 -4.49 -0.45
N LEU A 9 10.19 -4.66 0.23
CA LEU A 9 10.07 -5.44 1.47
C LEU A 9 9.93 -6.96 1.19
N PRO A 10 10.33 -7.84 2.12
CA PRO A 10 10.17 -9.29 1.96
C PRO A 10 8.71 -9.74 2.08
N SER A 11 7.89 -9.06 2.89
CA SER A 11 6.47 -9.34 3.11
C SER A 11 5.58 -9.07 1.89
N TYR A 12 6.04 -8.28 0.92
CA TYR A 12 5.39 -8.11 -0.39
C TYR A 12 5.28 -9.43 -1.16
N ALA A 13 6.30 -10.31 -1.08
CA ALA A 13 6.29 -11.59 -1.79
C ALA A 13 5.10 -12.48 -1.38
N ALA A 14 4.84 -12.59 -0.07
CA ALA A 14 3.68 -13.32 0.46
C ALA A 14 2.34 -12.78 -0.08
N PHE A 15 2.18 -11.45 -0.07
CA PHE A 15 1.05 -10.76 -0.72
C PHE A 15 0.94 -11.10 -2.21
N ALA A 16 2.00 -10.86 -2.99
CA ALA A 16 2.01 -11.08 -4.44
C ALA A 16 1.69 -12.54 -4.83
N THR A 17 2.20 -13.54 -4.11
CA THR A 17 1.84 -14.95 -4.26
C THR A 17 0.34 -15.20 -4.04
N ALA A 18 -0.25 -14.65 -2.98
CA ALA A 18 -1.69 -14.77 -2.72
C ALA A 18 -2.53 -14.05 -3.79
N GLN A 19 -2.11 -12.84 -4.19
CA GLN A 19 -2.73 -12.00 -5.21
C GLN A 19 -2.76 -12.68 -6.58
N GLU A 20 -1.63 -13.24 -7.04
CA GLU A 20 -1.56 -14.07 -8.24
C GLU A 20 -2.48 -15.28 -8.14
N ALA A 21 -2.34 -16.11 -7.10
CA ALA A 21 -3.15 -17.32 -6.91
C ALA A 21 -4.66 -17.00 -6.96
N TYR A 22 -5.09 -15.95 -6.27
CA TYR A 22 -6.48 -15.48 -6.24
C TYR A 22 -6.99 -14.98 -7.59
N GLU A 23 -6.31 -14.02 -8.22
CA GLU A 23 -6.69 -13.49 -9.55
C GLU A 23 -6.71 -14.59 -10.62
N GLN A 24 -5.71 -15.47 -10.64
CA GLN A 24 -5.64 -16.58 -11.57
C GLN A 24 -6.78 -17.60 -11.32
N ALA A 25 -7.05 -17.93 -10.05
CA ALA A 25 -8.16 -18.80 -9.67
C ALA A 25 -9.53 -18.24 -10.10
N VAL A 26 -9.85 -16.97 -9.84
CA VAL A 26 -11.15 -16.38 -10.26
C VAL A 26 -11.27 -16.35 -11.79
N ALA A 27 -10.18 -16.07 -12.52
CA ALA A 27 -10.13 -16.08 -13.97
C ALA A 27 -10.34 -17.47 -14.60
N ASN A 28 -9.82 -18.53 -13.97
CA ASN A 28 -9.97 -19.92 -14.43
C ASN A 28 -11.25 -20.62 -13.91
N GLY A 29 -11.82 -20.15 -12.80
CA GLY A 29 -13.02 -20.72 -12.17
C GLY A 29 -12.79 -22.11 -11.54
N ASP A 30 -11.56 -22.41 -11.09
CA ASP A 30 -11.17 -23.72 -10.57
C ASP A 30 -12.02 -24.19 -9.37
N SER A 31 -12.13 -23.35 -8.34
CA SER A 31 -12.87 -23.63 -7.10
C SER A 31 -13.43 -22.33 -6.48
N GLU A 32 -14.75 -22.17 -6.45
CA GLU A 32 -15.41 -20.96 -5.90
C GLU A 32 -15.08 -20.71 -4.42
N VAL A 33 -14.96 -21.78 -3.61
CA VAL A 33 -14.59 -21.69 -2.18
C VAL A 33 -13.19 -21.14 -1.95
N VAL A 34 -12.23 -21.49 -2.80
CA VAL A 34 -10.85 -20.98 -2.77
C VAL A 34 -10.87 -19.45 -2.90
N LEU A 35 -11.76 -18.91 -3.74
CA LEU A 35 -11.92 -17.46 -3.92
C LEU A 35 -12.34 -16.76 -2.64
N LYS A 36 -13.40 -17.23 -1.97
CA LYS A 36 -13.88 -16.65 -0.70
C LYS A 36 -12.79 -16.65 0.39
N LYS A 37 -12.05 -17.75 0.52
CA LYS A 37 -10.95 -17.89 1.51
C LYS A 37 -9.75 -17.00 1.16
N LEU A 38 -9.31 -17.00 -0.09
CA LEU A 38 -8.23 -16.14 -0.58
C LEU A 38 -8.56 -14.66 -0.45
N LYS A 39 -9.73 -14.21 -0.92
CA LYS A 39 -10.19 -12.80 -0.85
C LYS A 39 -10.09 -12.24 0.57
N LYS A 40 -10.55 -13.02 1.55
CA LYS A 40 -10.47 -12.70 2.99
C LYS A 40 -9.02 -12.43 3.44
N SER A 41 -8.11 -13.36 3.14
CA SER A 41 -6.67 -13.21 3.39
C SER A 41 -6.05 -12.03 2.62
N LEU A 42 -6.46 -11.83 1.37
CA LEU A 42 -5.99 -10.78 0.46
C LEU A 42 -6.21 -9.39 1.02
N ASN A 43 -7.36 -9.13 1.67
CA ASN A 43 -7.62 -7.87 2.37
C ASN A 43 -6.49 -7.51 3.34
N VAL A 44 -6.10 -8.44 4.23
CA VAL A 44 -4.98 -8.29 5.17
C VAL A 44 -3.65 -8.13 4.43
N ALA A 45 -3.38 -8.97 3.43
CA ALA A 45 -2.14 -8.98 2.65
C ALA A 45 -1.90 -7.66 1.89
N LYS A 46 -2.91 -7.14 1.17
CA LYS A 46 -2.87 -5.83 0.49
C LYS A 46 -2.82 -4.67 1.49
N SER A 47 -3.45 -4.80 2.66
CA SER A 47 -3.33 -3.80 3.73
C SER A 47 -1.88 -3.66 4.23
N GLU A 48 -1.06 -4.70 4.16
CA GLU A 48 0.37 -4.60 4.46
C GLU A 48 1.11 -3.65 3.48
N PHE A 49 0.70 -3.61 2.21
CA PHE A 49 1.15 -2.61 1.23
C PHE A 49 0.80 -1.20 1.72
N ASP A 50 -0.49 -0.89 1.90
CA ASP A 50 -0.89 0.47 2.27
C ASP A 50 -0.29 0.93 3.61
N ARG A 51 -0.17 0.01 4.59
CA ARG A 51 0.47 0.25 5.89
C ARG A 51 1.95 0.61 5.77
N ASP A 52 2.74 -0.21 5.07
CA ASP A 52 4.16 0.05 4.86
C ASP A 52 4.41 1.28 3.98
N ALA A 53 3.71 1.38 2.86
CA ALA A 53 3.79 2.53 1.94
C ALA A 53 3.46 3.86 2.65
N ALA A 54 2.41 3.90 3.49
CA ALA A 54 2.06 5.07 4.29
C ALA A 54 3.21 5.56 5.18
N MET A 55 4.03 4.66 5.75
CA MET A 55 5.19 5.03 6.58
C MET A 55 6.20 5.90 5.82
N GLN A 56 6.51 5.56 4.56
CA GLN A 56 7.40 6.34 3.70
C GLN A 56 6.69 7.57 3.11
N ARG A 57 5.45 7.43 2.63
CA ARG A 57 4.63 8.55 2.12
C ARG A 57 4.45 9.66 3.14
N LYS A 58 4.36 9.33 4.44
CA LYS A 58 4.30 10.29 5.57
C LYS A 58 5.45 11.30 5.54
N LEU A 59 6.69 10.86 5.27
CA LEU A 59 7.87 11.73 5.16
C LEU A 59 7.70 12.79 4.05
N GLU A 60 7.19 12.40 2.88
CA GLU A 60 6.84 13.32 1.79
C GLU A 60 5.67 14.24 2.18
N LYS A 61 4.63 13.69 2.81
CA LYS A 61 3.47 14.45 3.33
C LYS A 61 3.88 15.55 4.31
N MET A 62 4.86 15.35 5.20
CA MET A 62 5.35 16.41 6.09
C MET A 62 5.87 17.64 5.31
N ALA A 63 6.70 17.40 4.28
CA ALA A 63 7.24 18.45 3.41
C ALA A 63 6.15 19.14 2.56
N ASP A 64 5.24 18.35 1.96
CA ASP A 64 4.11 18.87 1.17
C ASP A 64 3.13 19.69 2.02
N GLN A 65 2.81 19.22 3.23
CA GLN A 65 1.96 19.90 4.21
C GLN A 65 2.54 21.27 4.60
N ALA A 66 3.86 21.43 4.73
CA ALA A 66 4.48 22.73 5.02
C ALA A 66 4.15 23.81 3.96
N MET A 67 4.06 23.42 2.67
CA MET A 67 3.57 24.29 1.59
C MET A 67 2.06 24.51 1.70
N THR A 68 1.26 23.45 1.83
CA THR A 68 -0.22 23.53 1.95
C THR A 68 -0.67 24.40 3.13
N GLN A 69 0.00 24.33 4.27
CA GLN A 69 -0.27 25.14 5.48
C GLN A 69 -0.19 26.65 5.24
N MET A 70 0.62 27.13 4.29
CA MET A 70 0.69 28.55 3.91
C MET A 70 -0.62 29.05 3.29
N TYR A 71 -1.24 28.23 2.42
CA TYR A 71 -2.56 28.51 1.81
C TYR A 71 -3.71 28.26 2.81
N LYS A 72 -3.61 27.17 3.58
CA LYS A 72 -4.56 26.74 4.64
C LYS A 72 -4.28 27.39 6.02
N GLN A 73 -3.63 28.56 6.07
CA GLN A 73 -3.35 29.28 7.33
C GLN A 73 -4.62 29.57 8.15
N ALA A 74 -4.46 29.76 9.46
CA ALA A 74 -5.53 30.09 10.40
C ALA A 74 -6.18 31.46 10.08
N ARG A 75 -7.32 31.42 9.40
CA ARG A 75 -8.13 32.55 8.92
C ARG A 75 -9.62 32.36 9.27
N SER A 76 -10.43 33.38 9.03
CA SER A 76 -11.89 33.38 9.28
C SER A 76 -12.64 32.51 8.26
N GLU A 77 -12.89 31.25 8.59
CA GLU A 77 -13.62 30.27 7.81
C GLU A 77 -14.37 29.28 8.73
N ASP A 78 -15.61 28.98 8.38
CA ASP A 78 -16.44 27.95 9.04
C ASP A 78 -15.92 26.53 8.81
N LYS A 79 -16.02 25.66 9.82
CA LYS A 79 -15.64 24.24 9.76
C LYS A 79 -16.64 23.39 8.97
N ARG A 80 -16.28 22.13 8.70
CA ARG A 80 -17.13 21.11 8.06
C ARG A 80 -17.20 19.83 8.89
N ALA A 81 -18.32 19.10 8.77
CA ALA A 81 -18.52 17.78 9.37
C ALA A 81 -18.02 16.64 8.45
N LYS A 82 -17.73 15.46 9.01
CA LYS A 82 -17.25 14.29 8.26
C LYS A 82 -18.02 13.03 8.67
N VAL A 83 -18.65 12.38 7.69
CA VAL A 83 -19.42 11.13 7.84
C VAL A 83 -18.46 9.93 7.87
N THR A 84 -18.65 9.02 8.83
CA THR A 84 -17.84 7.79 9.03
C THR A 84 -17.88 6.86 7.81
N ALA A 1 16.37 0.04 -10.91
CA ALA A 1 15.68 1.35 -10.78
C ALA A 1 14.26 1.21 -10.20
N ILE A 2 13.33 0.57 -10.95
CA ILE A 2 11.92 0.38 -10.55
C ILE A 2 11.79 -0.37 -9.20
N ALA A 3 11.29 0.34 -8.18
CA ALA A 3 11.01 -0.18 -6.84
C ALA A 3 9.83 0.60 -6.20
N SER A 4 8.66 -0.01 -6.11
CA SER A 4 7.47 0.58 -5.45
C SER A 4 7.70 0.76 -3.94
N GLU A 5 6.86 1.58 -3.30
CA GLU A 5 6.86 1.80 -1.85
C GLU A 5 6.82 0.50 -1.02
N PHE A 6 5.94 -0.46 -1.37
CA PHE A 6 5.83 -1.72 -0.65
C PHE A 6 6.74 -2.82 -1.20
N SER A 7 7.18 -2.75 -2.47
CA SER A 7 8.01 -3.79 -3.11
C SER A 7 9.36 -4.03 -2.40
N SER A 8 9.86 -3.04 -1.65
CA SER A 8 11.08 -3.16 -0.84
C SER A 8 10.92 -3.97 0.46
N LEU A 9 9.69 -4.21 0.93
CA LEU A 9 9.38 -5.02 2.13
C LEU A 9 9.35 -6.52 1.78
N PRO A 10 9.63 -7.42 2.75
CA PRO A 10 9.56 -8.87 2.53
C PRO A 10 8.11 -9.37 2.38
N SER A 11 7.14 -8.75 3.07
CA SER A 11 5.73 -9.16 3.07
C SER A 11 5.01 -8.92 1.72
N TYR A 12 5.51 -7.98 0.91
CA TYR A 12 5.03 -7.74 -0.47
C TYR A 12 5.13 -9.00 -1.35
N ALA A 13 6.19 -9.81 -1.20
CA ALA A 13 6.36 -11.04 -1.96
C ALA A 13 5.18 -12.01 -1.76
N ALA A 14 4.80 -12.25 -0.50
CA ALA A 14 3.63 -13.05 -0.14
C ALA A 14 2.31 -12.45 -0.69
N PHE A 15 2.12 -11.13 -0.56
CA PHE A 15 0.99 -10.39 -1.16
C PHE A 15 0.89 -10.63 -2.67
N ALA A 16 1.93 -10.32 -3.45
CA ALA A 16 1.93 -10.45 -4.90
C ALA A 16 1.58 -11.88 -5.37
N THR A 17 2.17 -12.89 -4.74
CA THR A 17 1.84 -14.31 -4.97
C THR A 17 0.38 -14.64 -4.65
N ALA A 18 -0.16 -14.15 -3.53
CA ALA A 18 -1.57 -14.36 -3.16
C ALA A 18 -2.55 -13.64 -4.10
N GLN A 19 -2.20 -12.43 -4.55
CA GLN A 19 -2.93 -11.63 -5.53
C GLN A 19 -3.05 -12.37 -6.87
N GLU A 20 -1.92 -12.87 -7.40
CA GLU A 20 -1.90 -13.75 -8.58
C GLU A 20 -2.74 -15.01 -8.37
N ALA A 21 -2.51 -15.74 -7.27
CA ALA A 21 -3.24 -16.97 -6.95
C ALA A 21 -4.77 -16.75 -6.97
N TYR A 22 -5.25 -15.63 -6.41
CA TYR A 22 -6.66 -15.25 -6.45
C TYR A 22 -7.18 -15.02 -7.88
N GLU A 23 -6.56 -14.12 -8.64
CA GLU A 23 -6.97 -13.81 -10.01
C GLU A 23 -6.89 -15.02 -10.96
N GLN A 24 -5.90 -15.90 -10.78
CA GLN A 24 -5.79 -17.18 -11.49
C GLN A 24 -6.93 -18.12 -11.10
N ALA A 25 -7.15 -18.34 -9.80
CA ALA A 25 -8.21 -19.23 -9.30
C ALA A 25 -9.62 -18.81 -9.79
N VAL A 26 -9.99 -17.53 -9.70
CA VAL A 26 -11.29 -17.02 -10.19
C VAL A 26 -11.42 -17.12 -11.72
N ALA A 27 -10.35 -16.85 -12.48
CA ALA A 27 -10.34 -16.97 -13.95
C ALA A 27 -10.46 -18.44 -14.43
N ASN A 28 -9.84 -19.39 -13.72
CA ASN A 28 -9.89 -20.83 -14.04
C ASN A 28 -11.13 -21.54 -13.45
N GLY A 29 -11.79 -20.96 -12.43
CA GLY A 29 -12.97 -21.52 -11.77
C GLY A 29 -12.70 -22.84 -11.02
N ASP A 30 -11.49 -23.02 -10.50
CA ASP A 30 -11.00 -24.30 -9.98
C ASP A 30 -11.74 -24.80 -8.71
N SER A 31 -12.17 -23.89 -7.83
CA SER A 31 -12.94 -24.18 -6.60
C SER A 31 -13.58 -22.91 -6.03
N GLU A 32 -14.90 -22.78 -6.05
CA GLU A 32 -15.65 -21.60 -5.58
C GLU A 32 -15.37 -21.22 -4.11
N VAL A 33 -15.00 -22.19 -3.27
CA VAL A 33 -14.57 -21.95 -1.87
C VAL A 33 -13.19 -21.30 -1.76
N VAL A 34 -12.27 -21.65 -2.67
CA VAL A 34 -10.90 -21.10 -2.73
C VAL A 34 -10.94 -19.61 -3.06
N LEU A 35 -11.88 -19.17 -3.90
CA LEU A 35 -12.13 -17.75 -4.19
C LEU A 35 -12.35 -16.95 -2.89
N LYS A 36 -13.33 -17.32 -2.07
CA LYS A 36 -13.61 -16.66 -0.79
C LYS A 36 -12.41 -16.64 0.15
N LYS A 37 -11.73 -17.78 0.33
CA LYS A 37 -10.55 -17.93 1.20
C LYS A 37 -9.40 -17.02 0.76
N LEU A 38 -9.09 -17.05 -0.53
CA LEU A 38 -8.06 -16.20 -1.15
C LEU A 38 -8.43 -14.72 -1.06
N LYS A 39 -9.67 -14.32 -1.41
CA LYS A 39 -10.12 -12.91 -1.33
C LYS A 39 -9.93 -12.34 0.08
N LYS A 40 -10.39 -13.07 1.10
CA LYS A 40 -10.20 -12.73 2.53
C LYS A 40 -8.72 -12.56 2.88
N SER A 41 -7.87 -13.53 2.52
CA SER A 41 -6.41 -13.46 2.74
C SER A 41 -5.74 -12.31 1.98
N LEU A 42 -6.17 -12.03 0.75
CA LEU A 42 -5.73 -10.92 -0.10
C LEU A 42 -6.03 -9.58 0.57
N ASN A 43 -7.24 -9.36 1.10
CA ASN A 43 -7.59 -8.12 1.81
C ASN A 43 -6.59 -7.79 2.95
N VAL A 44 -6.18 -8.80 3.73
CA VAL A 44 -5.12 -8.65 4.74
C VAL A 44 -3.77 -8.31 4.08
N ALA A 45 -3.32 -9.12 3.13
CA ALA A 45 -2.02 -8.97 2.48
C ALA A 45 -1.85 -7.63 1.71
N LYS A 46 -2.91 -7.15 1.04
CA LYS A 46 -3.01 -5.82 0.41
C LYS A 46 -2.99 -4.69 1.42
N SER A 47 -3.63 -4.85 2.59
CA SER A 47 -3.63 -3.81 3.62
C SER A 47 -2.22 -3.45 4.11
N GLU A 48 -1.30 -4.42 4.12
CA GLU A 48 0.12 -4.20 4.43
C GLU A 48 0.79 -3.22 3.45
N PHE A 49 0.39 -3.19 2.17
CA PHE A 49 0.80 -2.19 1.19
C PHE A 49 0.45 -0.78 1.69
N ASP A 50 -0.83 -0.52 2.00
CA ASP A 50 -1.28 0.79 2.51
C ASP A 50 -0.57 1.18 3.83
N ARG A 51 -0.44 0.24 4.78
CA ARG A 51 0.24 0.42 6.08
C ARG A 51 1.70 0.83 5.92
N ASP A 52 2.49 0.01 5.23
CA ASP A 52 3.93 0.25 5.03
C ASP A 52 4.20 1.41 4.06
N ALA A 53 3.35 1.64 3.07
CA ALA A 53 3.38 2.86 2.24
C ALA A 53 3.21 4.13 3.09
N ALA A 54 2.24 4.17 4.02
CA ALA A 54 2.00 5.31 4.90
C ALA A 54 3.22 5.69 5.75
N MET A 55 4.00 4.72 6.25
CA MET A 55 5.26 4.97 6.96
C MET A 55 6.24 5.82 6.11
N GLN A 56 6.46 5.43 4.86
CA GLN A 56 7.28 6.17 3.89
C GLN A 56 6.65 7.53 3.53
N ARG A 57 5.34 7.53 3.19
CA ARG A 57 4.57 8.71 2.77
C ARG A 57 4.56 9.83 3.82
N LYS A 58 4.46 9.53 5.12
CA LYS A 58 4.57 10.50 6.22
C LYS A 58 5.88 11.30 6.16
N LEU A 59 7.01 10.61 6.05
CA LEU A 59 8.34 11.23 5.93
C LEU A 59 8.47 12.01 4.61
N GLU A 60 8.02 11.43 3.50
CA GLU A 60 7.98 12.07 2.18
C GLU A 60 7.18 13.39 2.19
N LYS A 61 6.04 13.44 2.87
CA LYS A 61 5.16 14.62 2.99
C LYS A 61 5.85 15.84 3.62
N MET A 62 6.80 15.63 4.53
CA MET A 62 7.64 16.71 5.09
C MET A 62 8.53 17.37 4.02
N ALA A 63 9.22 16.55 3.21
CA ALA A 63 10.01 17.02 2.07
C ALA A 63 9.14 17.61 0.94
N ASP A 64 7.96 17.07 0.70
CA ASP A 64 7.00 17.58 -0.28
C ASP A 64 6.54 19.01 0.02
N GLN A 65 6.31 19.36 1.29
CA GLN A 65 5.99 20.73 1.72
C GLN A 65 7.10 21.74 1.35
N ALA A 66 8.37 21.35 1.48
CA ALA A 66 9.51 22.19 1.06
C ALA A 66 9.50 22.49 -0.45
N MET A 67 9.10 21.50 -1.27
CA MET A 67 8.89 21.68 -2.72
C MET A 67 7.68 22.57 -3.01
N THR A 68 6.55 22.37 -2.33
CA THR A 68 5.32 23.20 -2.45
C THR A 68 5.61 24.69 -2.25
N GLN A 69 6.50 25.05 -1.31
CA GLN A 69 6.91 26.43 -1.05
C GLN A 69 7.48 27.13 -2.30
N MET A 70 8.17 26.41 -3.19
CA MET A 70 8.75 26.96 -4.43
C MET A 70 7.68 27.44 -5.43
N TYR A 71 6.50 26.81 -5.43
CA TYR A 71 5.34 27.22 -6.24
C TYR A 71 4.72 28.52 -5.71
N LYS A 72 4.70 28.71 -4.38
CA LYS A 72 4.24 29.91 -3.68
C LYS A 72 5.21 31.10 -3.74
N GLN A 73 6.52 30.87 -3.94
CA GLN A 73 7.50 31.95 -4.16
C GLN A 73 7.16 32.83 -5.38
N ALA A 74 7.60 34.09 -5.34
CA ALA A 74 7.46 35.05 -6.44
C ALA A 74 8.36 34.69 -7.63
N ARG A 75 7.78 33.99 -8.62
CA ARG A 75 8.42 33.50 -9.85
C ARG A 75 7.55 33.81 -11.08
N SER A 76 8.11 34.61 -12.00
CA SER A 76 7.52 34.94 -13.31
C SER A 76 7.47 33.70 -14.24
N GLU A 77 6.27 33.16 -14.42
CA GLU A 77 5.97 31.99 -15.29
C GLU A 77 4.66 32.25 -16.07
N ASP A 78 4.78 32.57 -17.36
CA ASP A 78 3.63 32.66 -18.27
C ASP A 78 3.01 31.28 -18.54
N LYS A 79 1.67 31.23 -18.61
CA LYS A 79 0.86 30.04 -18.95
C LYS A 79 -0.18 30.37 -20.01
N ARG A 80 -0.63 29.34 -20.75
CA ARG A 80 -1.70 29.43 -21.74
C ARG A 80 -3.07 29.22 -21.08
N ALA A 81 -4.10 29.90 -21.61
CA ALA A 81 -5.49 29.71 -21.19
C ALA A 81 -5.97 28.28 -21.54
N LYS A 82 -6.80 27.71 -20.66
CA LYS A 82 -7.45 26.40 -20.81
C LYS A 82 -8.97 26.51 -20.67
N VAL A 83 -9.71 25.69 -21.42
CA VAL A 83 -11.19 25.68 -21.47
C VAL A 83 -11.71 24.41 -20.81
N THR A 84 -11.81 24.44 -19.46
CA THR A 84 -12.29 23.33 -18.61
C THR A 84 -13.78 23.06 -18.81
N ALA A 1 13.35 -1.32 -13.36
CA ALA A 1 12.71 0.01 -13.40
C ALA A 1 11.62 0.16 -12.32
N ILE A 2 10.46 -0.49 -12.47
CA ILE A 2 9.32 -0.40 -11.53
C ILE A 2 9.71 -0.89 -10.13
N ALA A 3 9.63 0.01 -9.14
CA ALA A 3 9.81 -0.27 -7.72
C ALA A 3 8.81 0.57 -6.87
N SER A 4 7.61 0.03 -6.65
CA SER A 4 6.58 0.58 -5.76
C SER A 4 7.06 0.66 -4.31
N GLU A 5 6.40 1.46 -3.47
CA GLU A 5 6.84 1.74 -2.08
C GLU A 5 6.93 0.48 -1.19
N PHE A 6 6.04 -0.51 -1.39
CA PHE A 6 6.12 -1.79 -0.68
C PHE A 6 7.01 -2.84 -1.38
N SER A 7 7.22 -2.75 -2.70
CA SER A 7 7.97 -3.76 -3.48
C SER A 7 9.43 -3.97 -3.04
N SER A 8 10.03 -2.96 -2.41
CA SER A 8 11.38 -3.00 -1.81
C SER A 8 11.48 -3.84 -0.53
N LEU A 9 10.35 -4.17 0.13
CA LEU A 9 10.29 -4.96 1.37
C LEU A 9 10.25 -6.48 1.05
N PRO A 10 10.73 -7.35 1.94
CA PRO A 10 10.66 -8.81 1.74
C PRO A 10 9.23 -9.37 1.87
N SER A 11 8.38 -8.75 2.70
CA SER A 11 6.97 -9.14 2.91
C SER A 11 6.09 -8.99 1.65
N TYR A 12 6.44 -8.08 0.73
CA TYR A 12 5.77 -7.94 -0.57
C TYR A 12 5.76 -9.24 -1.38
N ALA A 13 6.84 -10.04 -1.35
CA ALA A 13 6.89 -11.32 -2.07
C ALA A 13 5.77 -12.28 -1.62
N ALA A 14 5.53 -12.39 -0.30
CA ALA A 14 4.45 -13.19 0.27
C ALA A 14 3.06 -12.68 -0.17
N PHE A 15 2.86 -11.35 -0.12
CA PHE A 15 1.68 -10.69 -0.69
C PHE A 15 1.48 -11.00 -2.18
N ALA A 16 2.52 -10.85 -3.01
CA ALA A 16 2.47 -11.15 -4.44
C ALA A 16 2.06 -12.61 -4.71
N THR A 17 2.58 -13.60 -3.98
CA THR A 17 2.12 -15.00 -4.05
C THR A 17 0.64 -15.17 -3.65
N ALA A 18 0.20 -14.57 -2.54
CA ALA A 18 -1.18 -14.65 -2.06
C ALA A 18 -2.19 -14.00 -3.03
N GLN A 19 -1.91 -12.79 -3.52
CA GLN A 19 -2.75 -12.08 -4.49
C GLN A 19 -2.76 -12.76 -5.86
N GLU A 20 -1.64 -13.35 -6.29
CA GLU A 20 -1.58 -14.18 -7.50
C GLU A 20 -2.51 -15.40 -7.40
N ALA A 21 -2.48 -16.15 -6.29
CA ALA A 21 -3.40 -17.26 -6.06
C ALA A 21 -4.87 -16.84 -6.25
N TYR A 22 -5.29 -15.71 -5.66
CA TYR A 22 -6.64 -15.16 -5.86
C TYR A 22 -6.95 -14.83 -7.33
N GLU A 23 -6.16 -13.95 -7.95
CA GLU A 23 -6.36 -13.51 -9.34
C GLU A 23 -6.30 -14.66 -10.37
N GLN A 24 -5.43 -15.65 -10.16
CA GLN A 24 -5.35 -16.87 -10.97
C GLN A 24 -6.61 -17.71 -10.80
N ALA A 25 -7.01 -18.03 -9.56
CA ALA A 25 -8.21 -18.80 -9.25
C ALA A 25 -9.50 -18.19 -9.85
N VAL A 26 -9.76 -16.88 -9.67
CA VAL A 26 -10.94 -16.20 -10.25
C VAL A 26 -10.91 -16.18 -11.80
N ALA A 27 -9.73 -16.00 -12.42
CA ALA A 27 -9.58 -16.06 -13.88
C ALA A 27 -9.82 -17.46 -14.47
N ASN A 28 -9.39 -18.51 -13.79
CA ASN A 28 -9.56 -19.92 -14.21
C ASN A 28 -10.93 -20.52 -13.83
N GLY A 29 -11.59 -19.98 -12.78
CA GLY A 29 -12.91 -20.42 -12.31
C GLY A 29 -12.91 -21.78 -11.58
N ASP A 30 -11.77 -22.18 -11.00
CA ASP A 30 -11.53 -23.53 -10.46
C ASP A 30 -12.51 -23.97 -9.35
N SER A 31 -12.90 -23.07 -8.44
CA SER A 31 -13.82 -23.32 -7.31
C SER A 31 -14.39 -22.02 -6.73
N GLU A 32 -15.69 -21.75 -6.89
CA GLU A 32 -16.37 -20.52 -6.42
C GLU A 32 -16.21 -20.25 -4.91
N VAL A 33 -16.04 -21.30 -4.09
CA VAL A 33 -15.77 -21.19 -2.64
C VAL A 33 -14.34 -20.75 -2.31
N VAL A 34 -13.36 -21.16 -3.13
CA VAL A 34 -11.93 -20.81 -2.98
C VAL A 34 -11.70 -19.31 -3.20
N LEU A 35 -12.46 -18.69 -4.10
CA LEU A 35 -12.48 -17.23 -4.31
C LEU A 35 -12.76 -16.47 -3.00
N LYS A 36 -13.85 -16.78 -2.29
CA LYS A 36 -14.22 -16.15 -1.00
C LYS A 36 -13.09 -16.26 0.03
N LYS A 37 -12.48 -17.45 0.14
CA LYS A 37 -11.36 -17.74 1.06
C LYS A 37 -10.11 -16.92 0.72
N LEU A 38 -9.65 -17.00 -0.53
CA LEU A 38 -8.49 -16.27 -1.06
C LEU A 38 -8.66 -14.74 -1.02
N LYS A 39 -9.85 -14.19 -1.31
CA LYS A 39 -10.16 -12.76 -1.16
C LYS A 39 -9.96 -12.30 0.29
N LYS A 40 -10.42 -13.10 1.26
CA LYS A 40 -10.22 -12.85 2.70
C LYS A 40 -8.73 -12.83 3.07
N SER A 41 -7.94 -13.82 2.63
CA SER A 41 -6.47 -13.84 2.78
C SER A 41 -5.77 -12.65 2.10
N LEU A 42 -6.21 -12.25 0.90
CA LEU A 42 -5.74 -11.08 0.17
C LEU A 42 -5.90 -9.79 0.98
N ASN A 43 -7.05 -9.56 1.61
CA ASN A 43 -7.25 -8.37 2.46
C ASN A 43 -6.16 -8.24 3.55
N VAL A 44 -5.80 -9.33 4.24
CA VAL A 44 -4.70 -9.36 5.22
C VAL A 44 -3.35 -9.00 4.57
N ALA A 45 -3.00 -9.66 3.47
CA ALA A 45 -1.73 -9.45 2.76
C ALA A 45 -1.59 -8.03 2.14
N LYS A 46 -2.65 -7.51 1.50
CA LYS A 46 -2.71 -6.17 0.90
C LYS A 46 -2.66 -5.05 1.95
N SER A 47 -3.19 -5.28 3.16
CA SER A 47 -3.01 -4.37 4.30
C SER A 47 -1.53 -4.14 4.65
N GLU A 48 -0.64 -5.11 4.44
CA GLU A 48 0.81 -4.91 4.63
C GLU A 48 1.39 -3.87 3.65
N PHE A 49 0.93 -3.86 2.40
CA PHE A 49 1.23 -2.82 1.40
C PHE A 49 0.82 -1.45 1.94
N ASP A 50 -0.48 -1.25 2.21
CA ASP A 50 -1.01 0.04 2.66
C ASP A 50 -0.31 0.54 3.95
N ARG A 51 -0.05 -0.35 4.91
CA ARG A 51 0.66 -0.07 6.17
C ARG A 51 2.12 0.38 5.95
N ASP A 52 2.93 -0.38 5.20
CA ASP A 52 4.33 0.00 4.96
C ASP A 52 4.46 1.22 4.03
N ALA A 53 3.63 1.30 2.99
CA ALA A 53 3.51 2.48 2.13
C ALA A 53 3.15 3.76 2.94
N ALA A 54 2.21 3.69 3.89
CA ALA A 54 1.86 4.81 4.77
C ALA A 54 3.04 5.37 5.58
N MET A 55 3.98 4.52 6.04
CA MET A 55 5.22 4.98 6.71
C MET A 55 6.02 5.95 5.83
N GLN A 56 6.24 5.58 4.57
CA GLN A 56 6.96 6.38 3.58
C GLN A 56 6.15 7.60 3.12
N ARG A 57 4.86 7.41 2.80
CA ARG A 57 3.91 8.47 2.38
C ARG A 57 3.77 9.58 3.41
N LYS A 58 3.82 9.27 4.71
CA LYS A 58 3.86 10.26 5.81
C LYS A 58 4.99 11.27 5.64
N LEU A 59 6.21 10.81 5.36
CA LEU A 59 7.37 11.66 5.04
C LEU A 59 7.18 12.43 3.72
N GLU A 60 6.76 11.75 2.65
CA GLU A 60 6.48 12.38 1.34
C GLU A 60 5.46 13.54 1.43
N LYS A 61 4.41 13.39 2.25
CA LYS A 61 3.38 14.41 2.52
C LYS A 61 3.96 15.71 3.09
N MET A 62 4.98 15.62 3.97
CA MET A 62 5.69 16.78 4.54
C MET A 62 6.36 17.62 3.45
N ALA A 63 6.98 16.97 2.46
CA ALA A 63 7.52 17.63 1.26
C ALA A 63 6.38 18.16 0.35
N ASP A 64 5.34 17.37 0.10
CA ASP A 64 4.21 17.70 -0.80
C ASP A 64 3.54 19.06 -0.48
N GLN A 65 3.40 19.41 0.80
CA GLN A 65 2.95 20.75 1.24
C GLN A 65 3.74 21.92 0.62
N ALA A 66 5.05 21.78 0.40
CA ALA A 66 5.87 22.79 -0.26
C ALA A 66 5.52 22.95 -1.75
N MET A 67 5.29 21.85 -2.47
CA MET A 67 4.78 21.89 -3.85
C MET A 67 3.38 22.49 -3.94
N THR A 68 2.46 22.21 -2.99
CA THR A 68 1.10 22.81 -2.94
C THR A 68 1.11 24.35 -2.93
N GLN A 69 2.16 25.01 -2.41
CA GLN A 69 2.33 26.47 -2.51
C GLN A 69 2.47 26.98 -3.96
N MET A 70 2.85 26.12 -4.92
CA MET A 70 2.90 26.43 -6.36
C MET A 70 1.53 26.27 -7.03
N TYR A 71 0.64 25.43 -6.46
CA TYR A 71 -0.72 25.19 -6.93
C TYR A 71 -1.68 26.32 -6.51
N LYS A 72 -1.50 26.91 -5.31
CA LYS A 72 -2.27 28.09 -4.83
C LYS A 72 -1.90 29.41 -5.54
N GLN A 73 -0.73 29.48 -6.17
CA GLN A 73 -0.22 30.64 -6.93
C GLN A 73 -1.15 30.96 -8.13
N ALA A 74 -1.14 32.22 -8.59
CA ALA A 74 -1.87 32.70 -9.76
C ALA A 74 -1.49 31.95 -11.05
N ARG A 75 -2.33 30.97 -11.45
CA ARG A 75 -2.22 30.12 -12.65
C ARG A 75 -3.59 29.90 -13.30
N SER A 76 -3.58 29.53 -14.58
CA SER A 76 -4.76 29.24 -15.41
C SER A 76 -4.94 27.73 -15.59
N GLU A 77 -5.66 27.09 -14.66
CA GLU A 77 -6.04 25.67 -14.69
C GLU A 77 -7.44 25.50 -14.07
N ASP A 78 -8.31 24.77 -14.78
CA ASP A 78 -9.66 24.39 -14.36
C ASP A 78 -9.91 22.89 -14.62
N LYS A 79 -10.29 22.16 -13.57
CA LYS A 79 -10.59 20.72 -13.58
C LYS A 79 -11.89 20.45 -12.81
N ARG A 80 -12.76 19.60 -13.36
CA ARG A 80 -13.97 19.07 -12.73
C ARG A 80 -13.73 17.64 -12.26
N ALA A 81 -14.10 17.36 -11.01
CA ALA A 81 -14.17 16.00 -10.43
C ALA A 81 -15.64 15.59 -10.23
N LYS A 82 -15.93 14.28 -10.32
CA LYS A 82 -17.28 13.70 -10.26
C LYS A 82 -17.35 12.62 -9.16
N VAL A 83 -18.15 12.87 -8.12
CA VAL A 83 -18.35 11.98 -6.96
C VAL A 83 -19.26 10.78 -7.30
N THR A 84 -18.87 9.58 -6.85
CA THR A 84 -19.59 8.31 -7.03
C THR A 84 -20.98 8.29 -6.34
N ALA A 1 15.41 -1.88 -12.22
CA ALA A 1 14.77 -0.56 -12.48
C ALA A 1 13.42 -0.43 -11.75
N ILE A 2 12.34 -1.08 -12.23
CA ILE A 2 11.00 -1.02 -11.60
C ILE A 2 11.02 -1.64 -10.20
N ALA A 3 10.81 -0.81 -9.18
CA ALA A 3 10.62 -1.17 -7.78
C ALA A 3 9.60 -0.22 -7.14
N SER A 4 8.39 -0.69 -6.87
CA SER A 4 7.39 0.07 -6.09
C SER A 4 7.90 0.35 -4.66
N GLU A 5 7.21 1.25 -3.95
CA GLU A 5 7.54 1.55 -2.54
C GLU A 5 7.51 0.28 -1.66
N PHE A 6 6.49 -0.57 -1.83
CA PHE A 6 6.37 -1.82 -1.09
C PHE A 6 7.17 -2.99 -1.70
N SER A 7 7.44 -2.99 -3.01
CA SER A 7 8.18 -4.05 -3.72
C SER A 7 9.57 -4.36 -3.12
N SER A 8 10.19 -3.36 -2.50
CA SER A 8 11.47 -3.49 -1.76
C SER A 8 11.38 -4.35 -0.49
N LEU A 9 10.19 -4.51 0.11
CA LEU A 9 9.97 -5.24 1.37
C LEU A 9 9.77 -6.75 1.14
N PRO A 10 10.09 -7.61 2.12
CA PRO A 10 9.87 -9.05 2.00
C PRO A 10 8.38 -9.45 2.05
N SER A 11 7.54 -8.66 2.73
CA SER A 11 6.08 -8.90 2.84
C SER A 11 5.32 -8.69 1.52
N TYR A 12 5.88 -7.95 0.55
CA TYR A 12 5.30 -7.80 -0.78
C TYR A 12 5.21 -9.12 -1.55
N ALA A 13 6.19 -10.03 -1.39
CA ALA A 13 6.18 -11.33 -2.05
C ALA A 13 4.95 -12.18 -1.65
N ALA A 14 4.62 -12.23 -0.35
CA ALA A 14 3.39 -12.85 0.18
C ALA A 14 2.13 -12.26 -0.49
N PHE A 15 2.02 -10.93 -0.55
CA PHE A 15 0.96 -10.23 -1.29
C PHE A 15 0.89 -10.64 -2.76
N ALA A 16 1.96 -10.44 -3.55
CA ALA A 16 1.99 -10.73 -4.98
C ALA A 16 1.60 -12.18 -5.30
N THR A 17 2.15 -13.16 -4.55
CA THR A 17 1.80 -14.57 -4.67
C THR A 17 0.32 -14.86 -4.32
N ALA A 18 -0.23 -14.25 -3.26
CA ALA A 18 -1.64 -14.40 -2.91
C ALA A 18 -2.58 -13.74 -3.94
N GLN A 19 -2.19 -12.58 -4.49
CA GLN A 19 -2.91 -11.86 -5.54
C GLN A 19 -2.97 -12.70 -6.83
N GLU A 20 -1.85 -13.27 -7.27
CA GLU A 20 -1.80 -14.23 -8.38
C GLU A 20 -2.69 -15.45 -8.09
N ALA A 21 -2.53 -16.11 -6.94
CA ALA A 21 -3.32 -17.27 -6.55
C ALA A 21 -4.83 -16.99 -6.62
N TYR A 22 -5.28 -15.83 -6.13
CA TYR A 22 -6.67 -15.38 -6.26
C TYR A 22 -7.12 -15.24 -7.72
N GLU A 23 -6.44 -14.40 -8.52
CA GLU A 23 -6.81 -14.16 -9.92
C GLU A 23 -6.77 -15.44 -10.78
N GLN A 24 -5.78 -16.31 -10.57
CA GLN A 24 -5.72 -17.61 -11.23
C GLN A 24 -6.88 -18.51 -10.80
N ALA A 25 -7.14 -18.66 -9.50
CA ALA A 25 -8.25 -19.48 -8.98
C ALA A 25 -9.62 -19.06 -9.54
N VAL A 26 -9.95 -17.76 -9.54
CA VAL A 26 -11.21 -17.24 -10.11
C VAL A 26 -11.28 -17.40 -11.64
N ALA A 27 -10.18 -17.18 -12.37
CA ALA A 27 -10.12 -17.35 -13.83
C ALA A 27 -10.23 -18.82 -14.28
N ASN A 28 -9.65 -19.75 -13.53
CA ASN A 28 -9.70 -21.20 -13.79
C ASN A 28 -10.97 -21.87 -13.22
N GLY A 29 -11.66 -21.24 -12.26
CA GLY A 29 -12.88 -21.74 -11.62
C GLY A 29 -12.68 -23.00 -10.77
N ASP A 30 -11.49 -23.17 -10.17
CA ASP A 30 -11.04 -24.42 -9.53
C ASP A 30 -11.93 -24.87 -8.35
N SER A 31 -12.28 -23.94 -7.45
CA SER A 31 -13.10 -24.17 -6.24
C SER A 31 -13.84 -22.89 -5.84
N GLU A 32 -15.17 -22.82 -5.97
CA GLU A 32 -15.95 -21.59 -5.68
C GLU A 32 -15.78 -21.08 -4.22
N VAL A 33 -15.46 -21.96 -3.28
CA VAL A 33 -15.13 -21.60 -1.89
C VAL A 33 -13.76 -20.93 -1.71
N VAL A 34 -12.76 -21.35 -2.49
CA VAL A 34 -11.38 -20.84 -2.37
C VAL A 34 -11.28 -19.38 -2.80
N LEU A 35 -12.16 -18.93 -3.70
CA LEU A 35 -12.33 -17.53 -4.11
C LEU A 35 -12.54 -16.63 -2.89
N LYS A 36 -13.57 -16.91 -2.07
CA LYS A 36 -13.89 -16.14 -0.86
C LYS A 36 -12.70 -16.08 0.10
N LYS A 37 -12.05 -17.22 0.36
CA LYS A 37 -10.90 -17.35 1.27
C LYS A 37 -9.68 -16.55 0.78
N LEU A 38 -9.36 -16.67 -0.50
CA LEU A 38 -8.30 -15.91 -1.18
C LEU A 38 -8.59 -14.40 -1.24
N LYS A 39 -9.81 -13.97 -1.59
CA LYS A 39 -10.26 -12.57 -1.59
C LYS A 39 -10.03 -11.91 -0.22
N LYS A 40 -10.47 -12.60 0.85
CA LYS A 40 -10.23 -12.19 2.25
C LYS A 40 -8.73 -12.09 2.58
N SER A 41 -7.92 -13.08 2.18
CA SER A 41 -6.46 -13.03 2.37
C SER A 41 -5.79 -11.86 1.60
N LEU A 42 -6.29 -11.52 0.42
CA LEU A 42 -5.83 -10.41 -0.41
C LEU A 42 -6.01 -9.08 0.33
N ASN A 43 -7.16 -8.84 0.96
CA ASN A 43 -7.40 -7.64 1.78
C ASN A 43 -6.32 -7.45 2.86
N VAL A 44 -5.97 -8.50 3.60
CA VAL A 44 -4.88 -8.49 4.59
C VAL A 44 -3.53 -8.18 3.92
N ALA A 45 -3.16 -8.93 2.89
CA ALA A 45 -1.86 -8.81 2.23
C ALA A 45 -1.65 -7.46 1.53
N LYS A 46 -2.67 -6.92 0.83
CA LYS A 46 -2.66 -5.58 0.23
C LYS A 46 -2.67 -4.45 1.28
N SER A 47 -3.27 -4.68 2.45
CA SER A 47 -3.18 -3.74 3.58
C SER A 47 -1.73 -3.48 4.01
N GLU A 48 -0.84 -4.49 3.90
CA GLU A 48 0.59 -4.31 4.15
C GLU A 48 1.24 -3.31 3.17
N PHE A 49 0.85 -3.30 1.89
CA PHE A 49 1.25 -2.29 0.91
C PHE A 49 0.87 -0.90 1.39
N ASP A 50 -0.43 -0.67 1.63
CA ASP A 50 -0.96 0.62 2.08
C ASP A 50 -0.28 1.10 3.38
N ARG A 51 -0.14 0.22 4.37
CA ARG A 51 0.53 0.48 5.66
C ARG A 51 2.00 0.88 5.49
N ASP A 52 2.80 0.08 4.80
CA ASP A 52 4.22 0.36 4.57
C ASP A 52 4.44 1.63 3.73
N ALA A 53 3.70 1.77 2.62
CA ALA A 53 3.68 2.99 1.83
C ALA A 53 3.35 4.23 2.68
N ALA A 54 2.27 4.20 3.49
CA ALA A 54 1.91 5.27 4.41
C ALA A 54 3.01 5.58 5.44
N MET A 55 3.66 4.56 6.01
CA MET A 55 4.79 4.71 6.94
C MET A 55 5.92 5.57 6.33
N GLN A 56 6.36 5.28 5.10
CA GLN A 56 7.40 6.10 4.44
C GLN A 56 6.88 7.43 3.84
N ARG A 57 5.65 7.47 3.31
CA ARG A 57 5.01 8.69 2.79
C ARG A 57 4.79 9.75 3.87
N LYS A 58 4.51 9.34 5.12
CA LYS A 58 4.33 10.24 6.28
C LYS A 58 5.55 11.13 6.56
N LEU A 59 6.78 10.65 6.32
CA LEU A 59 8.02 11.43 6.42
C LEU A 59 8.03 12.60 5.40
N GLU A 60 7.72 12.31 4.14
CA GLU A 60 7.58 13.32 3.07
C GLU A 60 6.40 14.27 3.31
N LYS A 61 5.25 13.74 3.77
CA LYS A 61 4.07 14.54 4.15
C LYS A 61 4.38 15.52 5.28
N MET A 62 5.18 15.15 6.28
CA MET A 62 5.61 16.06 7.36
C MET A 62 6.37 17.28 6.81
N ALA A 63 7.26 17.08 5.83
CA ALA A 63 7.91 18.18 5.10
C ALA A 63 6.89 19.01 4.31
N ASP A 64 6.12 18.40 3.40
CA ASP A 64 5.11 19.06 2.56
C ASP A 64 4.10 19.90 3.38
N GLN A 65 3.59 19.36 4.49
CA GLN A 65 2.70 20.02 5.43
C GLN A 65 3.28 21.34 5.95
N ALA A 66 4.59 21.44 6.20
CA ALA A 66 5.22 22.67 6.69
C ALA A 66 5.02 23.87 5.74
N MET A 67 5.06 23.65 4.42
CA MET A 67 4.70 24.66 3.42
C MET A 67 3.19 24.94 3.43
N THR A 68 2.34 23.90 3.42
CA THR A 68 0.87 24.07 3.43
C THR A 68 0.38 24.82 4.67
N GLN A 69 1.00 24.60 5.83
CA GLN A 69 0.68 25.25 7.12
C GLN A 69 0.84 26.78 7.09
N MET A 70 1.71 27.32 6.24
CA MET A 70 1.86 28.77 6.02
C MET A 70 0.66 29.38 5.28
N TYR A 71 0.04 28.64 4.34
CA TYR A 71 -1.20 29.03 3.66
C TYR A 71 -2.44 28.77 4.52
N LYS A 72 -2.51 27.60 5.17
CA LYS A 72 -3.57 27.15 6.10
C LYS A 72 -3.32 27.59 7.56
N GLN A 73 -2.58 28.69 7.77
CA GLN A 73 -2.29 29.22 9.11
C GLN A 73 -3.58 29.61 9.86
N ALA A 74 -3.53 29.64 11.20
CA ALA A 74 -4.66 29.95 12.07
C ALA A 74 -5.23 31.37 11.83
N ARG A 75 -6.36 31.44 11.12
CA ARG A 75 -7.07 32.66 10.69
C ARG A 75 -8.58 32.56 10.98
N SER A 76 -9.31 33.67 10.81
CA SER A 76 -10.76 33.78 11.01
C SER A 76 -11.55 33.08 9.88
N GLU A 77 -11.87 31.79 10.08
CA GLU A 77 -12.59 30.94 9.12
C GLU A 77 -13.47 29.90 9.85
N ASP A 78 -14.78 29.95 9.59
CA ASP A 78 -15.75 28.94 10.04
C ASP A 78 -15.60 27.63 9.25
N LYS A 79 -15.16 26.55 9.92
CA LYS A 79 -15.03 25.18 9.38
C LYS A 79 -15.37 24.10 10.41
N ARG A 80 -15.37 22.84 9.97
CA ARG A 80 -15.52 21.63 10.80
C ARG A 80 -14.48 20.56 10.43
N ALA A 81 -14.19 19.67 11.38
CA ALA A 81 -13.32 18.49 11.23
C ALA A 81 -13.83 17.35 12.14
N LYS A 82 -13.68 16.10 11.69
CA LYS A 82 -14.15 14.89 12.39
C LYS A 82 -13.03 13.86 12.50
N VAL A 83 -12.56 13.64 13.74
CA VAL A 83 -11.53 12.64 14.06
C VAL A 83 -12.11 11.21 14.11
N THR A 84 -11.43 10.28 13.45
CA THR A 84 -11.71 8.83 13.46
C THR A 84 -11.33 8.16 14.79
N ALA A 1 12.83 -1.64 -12.92
CA ALA A 1 11.97 -0.63 -13.56
C ALA A 1 11.05 0.06 -12.55
N ILE A 2 9.86 -0.48 -12.27
CA ILE A 2 8.88 0.08 -11.33
C ILE A 2 9.29 -0.24 -9.88
N ALA A 3 9.47 0.79 -9.06
CA ALA A 3 9.77 0.69 -7.63
C ALA A 3 8.73 1.48 -6.80
N SER A 4 7.64 0.81 -6.43
CA SER A 4 6.56 1.34 -5.60
C SER A 4 7.00 1.57 -4.14
N GLU A 5 6.21 2.31 -3.38
CA GLU A 5 6.44 2.56 -1.94
C GLU A 5 6.56 1.24 -1.14
N PHE A 6 5.66 0.28 -1.40
CA PHE A 6 5.68 -1.03 -0.72
C PHE A 6 6.58 -2.08 -1.37
N SER A 7 6.90 -1.99 -2.67
CA SER A 7 7.68 -3.03 -3.37
C SER A 7 9.12 -3.21 -2.85
N SER A 8 9.65 -2.21 -2.14
CA SER A 8 10.93 -2.27 -1.42
C SER A 8 10.92 -3.15 -0.17
N LEU A 9 9.74 -3.47 0.39
CA LEU A 9 9.58 -4.26 1.63
C LEU A 9 9.54 -5.77 1.31
N PRO A 10 9.95 -6.65 2.25
CA PRO A 10 9.90 -8.10 2.06
C PRO A 10 8.47 -8.66 2.07
N SER A 11 7.55 -8.04 2.82
CA SER A 11 6.13 -8.45 2.93
C SER A 11 5.33 -8.23 1.63
N TYR A 12 5.79 -7.35 0.73
CA TYR A 12 5.20 -7.17 -0.60
C TYR A 12 5.26 -8.44 -1.45
N ALA A 13 6.33 -9.24 -1.34
CA ALA A 13 6.49 -10.47 -2.12
C ALA A 13 5.36 -11.47 -1.84
N ALA A 14 4.99 -11.64 -0.57
CA ALA A 14 3.83 -12.44 -0.14
C ALA A 14 2.52 -11.92 -0.72
N PHE A 15 2.26 -10.61 -0.64
CA PHE A 15 1.12 -9.94 -1.27
C PHE A 15 1.05 -10.20 -2.79
N ALA A 16 2.09 -9.83 -3.54
CA ALA A 16 2.13 -9.97 -5.00
C ALA A 16 1.90 -11.42 -5.46
N THR A 17 2.54 -12.38 -4.76
CA THR A 17 2.34 -13.83 -4.99
C THR A 17 0.89 -14.25 -4.70
N ALA A 18 0.31 -13.83 -3.57
CA ALA A 18 -1.08 -14.14 -3.21
C ALA A 18 -2.10 -13.52 -4.18
N GLN A 19 -1.84 -12.30 -4.67
CA GLN A 19 -2.65 -11.59 -5.66
C GLN A 19 -2.72 -12.37 -6.97
N GLU A 20 -1.57 -12.80 -7.50
CA GLU A 20 -1.49 -13.71 -8.65
C GLU A 20 -2.21 -15.04 -8.39
N ALA A 21 -1.90 -15.71 -7.28
CA ALA A 21 -2.49 -17.01 -6.91
C ALA A 21 -4.03 -16.95 -6.84
N TYR A 22 -4.59 -15.89 -6.24
CA TYR A 22 -6.03 -15.61 -6.23
C TYR A 22 -6.59 -15.38 -7.65
N GLU A 23 -5.99 -14.48 -8.44
CA GLU A 23 -6.41 -14.18 -9.81
C GLU A 23 -6.41 -15.40 -10.75
N GLN A 24 -5.31 -16.16 -10.80
CA GLN A 24 -5.23 -17.35 -11.67
C GLN A 24 -6.23 -18.43 -11.23
N ALA A 25 -6.43 -18.63 -9.93
CA ALA A 25 -7.41 -19.57 -9.40
C ALA A 25 -8.86 -19.20 -9.78
N VAL A 26 -9.26 -17.92 -9.67
CA VAL A 26 -10.63 -17.50 -10.07
C VAL A 26 -10.82 -17.58 -11.59
N ALA A 27 -9.77 -17.30 -12.37
CA ALA A 27 -9.75 -17.50 -13.82
C ALA A 27 -9.90 -18.98 -14.25
N ASN A 28 -9.38 -19.92 -13.46
CA ASN A 28 -9.55 -21.36 -13.67
C ASN A 28 -10.93 -21.90 -13.22
N GLY A 29 -11.63 -21.18 -12.33
CA GLY A 29 -12.98 -21.53 -11.86
C GLY A 29 -13.06 -22.83 -11.06
N ASP A 30 -11.96 -23.26 -10.43
CA ASP A 30 -11.80 -24.57 -9.80
C ASP A 30 -12.86 -24.86 -8.70
N SER A 31 -13.01 -23.96 -7.73
CA SER A 31 -13.98 -24.02 -6.63
C SER A 31 -14.33 -22.62 -6.11
N GLU A 32 -15.55 -22.14 -6.34
CA GLU A 32 -16.03 -20.81 -5.91
C GLU A 32 -15.79 -20.55 -4.41
N VAL A 33 -16.08 -21.54 -3.56
CA VAL A 33 -15.88 -21.48 -2.10
C VAL A 33 -14.41 -21.31 -1.69
N VAL A 34 -13.48 -21.97 -2.39
CA VAL A 34 -12.03 -21.83 -2.19
C VAL A 34 -11.59 -20.39 -2.50
N LEU A 35 -12.10 -19.81 -3.58
CA LEU A 35 -11.83 -18.43 -3.96
C LEU A 35 -12.40 -17.41 -2.96
N LYS A 36 -13.59 -17.64 -2.41
CA LYS A 36 -14.14 -16.79 -1.32
C LYS A 36 -13.18 -16.67 -0.12
N LYS A 37 -12.56 -17.78 0.31
CA LYS A 37 -11.57 -17.82 1.40
C LYS A 37 -10.25 -17.13 1.00
N LEU A 38 -9.73 -17.40 -0.19
CA LEU A 38 -8.54 -16.73 -0.75
C LEU A 38 -8.70 -15.21 -0.88
N LYS A 39 -9.87 -14.71 -1.29
CA LYS A 39 -10.19 -13.27 -1.33
C LYS A 39 -10.04 -12.61 0.04
N LYS A 40 -10.61 -13.21 1.08
CA LYS A 40 -10.50 -12.71 2.47
C LYS A 40 -9.04 -12.68 2.94
N SER A 41 -8.25 -13.71 2.60
CA SER A 41 -6.80 -13.75 2.85
C SER A 41 -6.02 -12.67 2.10
N LEU A 42 -6.35 -12.41 0.82
CA LEU A 42 -5.73 -11.38 -0.01
C LEU A 42 -5.88 -9.96 0.60
N ASN A 43 -7.05 -9.64 1.17
CA ASN A 43 -7.29 -8.35 1.83
C ASN A 43 -6.28 -8.06 2.94
N VAL A 44 -5.88 -9.07 3.74
CA VAL A 44 -4.82 -8.95 4.76
C VAL A 44 -3.50 -8.51 4.13
N ALA A 45 -3.05 -9.22 3.08
CA ALA A 45 -1.80 -8.94 2.39
C ALA A 45 -1.79 -7.56 1.68
N LYS A 46 -2.87 -7.19 0.98
CA LYS A 46 -3.04 -5.86 0.36
C LYS A 46 -3.13 -4.73 1.40
N SER A 47 -3.67 -4.99 2.59
CA SER A 47 -3.71 -4.02 3.69
C SER A 47 -2.29 -3.60 4.10
N GLU A 48 -1.32 -4.51 4.10
CA GLU A 48 0.09 -4.19 4.39
C GLU A 48 0.66 -3.13 3.44
N PHE A 49 0.26 -3.11 2.16
CA PHE A 49 0.60 -2.04 1.22
C PHE A 49 0.10 -0.70 1.74
N ASP A 50 -1.20 -0.57 2.00
CA ASP A 50 -1.81 0.68 2.48
C ASP A 50 -1.21 1.16 3.82
N ARG A 51 -0.97 0.23 4.77
CA ARG A 51 -0.32 0.49 6.07
C ARG A 51 1.10 1.03 5.89
N ASP A 52 1.94 0.29 5.18
CA ASP A 52 3.36 0.66 4.99
C ASP A 52 3.49 1.94 4.15
N ALA A 53 2.71 2.08 3.07
CA ALA A 53 2.59 3.31 2.29
C ALA A 53 2.21 4.52 3.17
N ALA A 54 1.20 4.41 4.05
CA ALA A 54 0.82 5.47 4.97
C ALA A 54 1.96 5.89 5.92
N MET A 55 2.60 4.94 6.61
CA MET A 55 3.68 5.25 7.55
C MET A 55 4.98 5.72 6.86
N GLN A 56 5.34 5.21 5.68
CA GLN A 56 6.48 5.71 4.92
C GLN A 56 6.21 7.08 4.29
N ARG A 57 4.95 7.39 3.92
CA ARG A 57 4.56 8.69 3.35
C ARG A 57 4.82 9.86 4.30
N LYS A 58 4.62 9.66 5.61
CA LYS A 58 4.98 10.63 6.67
C LYS A 58 6.44 11.08 6.58
N LEU A 59 7.36 10.15 6.34
CA LEU A 59 8.80 10.40 6.17
C LEU A 59 9.12 10.90 4.74
N GLU A 60 8.55 10.27 3.71
CA GLU A 60 8.72 10.64 2.29
C GLU A 60 8.33 12.10 2.00
N LYS A 61 7.25 12.59 2.62
CA LYS A 61 6.80 14.00 2.57
C LYS A 61 7.88 15.01 2.95
N MET A 62 8.76 14.65 3.91
CA MET A 62 9.89 15.49 4.33
C MET A 62 10.95 15.64 3.22
N ALA A 63 11.27 14.56 2.51
CA ALA A 63 12.14 14.56 1.33
C ALA A 63 11.46 15.20 0.08
N ASP A 64 10.16 14.97 -0.11
CA ASP A 64 9.35 15.56 -1.19
C ASP A 64 9.35 17.10 -1.15
N GLN A 65 9.33 17.70 0.05
CA GLN A 65 9.49 19.14 0.22
C GLN A 65 10.85 19.66 -0.29
N ALA A 66 11.93 18.90 -0.11
CA ALA A 66 13.24 19.23 -0.69
C ALA A 66 13.21 19.17 -2.23
N MET A 67 12.58 18.15 -2.82
CA MET A 67 12.44 17.99 -4.28
C MET A 67 11.80 19.22 -4.97
N THR A 68 10.91 19.95 -4.30
CA THR A 68 10.29 21.19 -4.80
C THR A 68 11.32 22.28 -5.17
N GLN A 69 12.52 22.28 -4.57
CA GLN A 69 13.61 23.19 -4.94
C GLN A 69 14.05 23.02 -6.41
N MET A 70 14.06 21.78 -6.92
CA MET A 70 14.39 21.44 -8.31
C MET A 70 13.29 21.86 -9.30
N TYR A 71 12.02 21.86 -8.88
CA TYR A 71 10.91 22.41 -9.68
C TYR A 71 11.05 23.93 -9.88
N LYS A 72 11.49 24.67 -8.86
CA LYS A 72 11.75 26.12 -8.92
C LYS A 72 13.00 26.49 -9.74
N GLN A 73 14.07 25.70 -9.64
CA GLN A 73 15.29 25.83 -10.45
C GLN A 73 15.04 25.52 -11.94
N ALA A 74 15.97 25.88 -12.83
CA ALA A 74 15.95 25.51 -14.25
C ALA A 74 16.19 24.00 -14.46
N ARG A 75 15.13 23.25 -14.78
CA ARG A 75 15.19 21.80 -15.07
C ARG A 75 15.86 21.53 -16.43
N SER A 76 16.58 20.41 -16.53
CA SER A 76 17.16 19.93 -17.79
C SER A 76 16.11 19.35 -18.75
N GLU A 77 16.36 19.45 -20.06
CA GLU A 77 15.55 18.83 -21.11
C GLU A 77 15.95 17.35 -21.29
N ASP A 78 15.24 16.46 -20.61
CA ASP A 78 15.36 15.00 -20.72
C ASP A 78 13.96 14.33 -20.80
N LYS A 79 13.91 13.05 -21.18
CA LYS A 79 12.69 12.22 -21.13
C LYS A 79 12.20 12.00 -19.69
N ARG A 80 10.95 11.56 -19.55
CA ARG A 80 10.33 11.06 -18.32
C ARG A 80 9.95 9.57 -18.44
N ALA A 81 9.72 8.93 -17.31
CA ALA A 81 9.11 7.60 -17.20
C ALA A 81 7.69 7.71 -16.59
N LYS A 82 6.82 6.74 -16.91
CA LYS A 82 5.45 6.63 -16.40
C LYS A 82 5.13 5.18 -16.02
N VAL A 83 4.62 4.99 -14.81
CA VAL A 83 4.06 3.72 -14.32
C VAL A 83 2.78 3.34 -15.11
N THR A 84 2.68 2.07 -15.50
CA THR A 84 1.58 1.47 -16.28
C THR A 84 0.95 0.27 -15.54
N ALA A 1 13.75 2.04 -14.42
CA ALA A 1 13.84 2.60 -13.04
C ALA A 1 12.52 2.47 -12.26
N ILE A 2 11.84 1.32 -12.35
CA ILE A 2 10.55 1.03 -11.68
C ILE A 2 10.77 0.28 -10.37
N ALA A 3 10.51 0.96 -9.25
CA ALA A 3 10.57 0.43 -7.88
C ALA A 3 9.50 1.09 -7.00
N SER A 4 8.35 0.41 -6.83
CA SER A 4 7.26 0.82 -5.93
C SER A 4 7.73 0.87 -4.47
N GLU A 5 7.02 1.62 -3.62
CA GLU A 5 7.38 1.78 -2.20
C GLU A 5 7.42 0.44 -1.46
N PHE A 6 6.36 -0.36 -1.58
CA PHE A 6 6.26 -1.66 -0.92
C PHE A 6 7.06 -2.77 -1.63
N SER A 7 7.31 -2.66 -2.94
CA SER A 7 8.06 -3.67 -3.73
C SER A 7 9.45 -4.00 -3.15
N SER A 8 10.09 -3.02 -2.49
CA SER A 8 11.38 -3.17 -1.81
C SER A 8 11.32 -4.05 -0.54
N LEU A 9 10.15 -4.28 0.06
CA LEU A 9 9.96 -5.04 1.30
C LEU A 9 9.82 -6.56 1.02
N PRO A 10 10.21 -7.44 1.95
CA PRO A 10 10.04 -8.88 1.80
C PRO A 10 8.57 -9.32 1.86
N SER A 11 7.73 -8.59 2.61
CA SER A 11 6.29 -8.86 2.79
C SER A 11 5.46 -8.66 1.51
N TYR A 12 5.95 -7.90 0.53
CA TYR A 12 5.31 -7.71 -0.78
C TYR A 12 5.19 -9.02 -1.56
N ALA A 13 6.17 -9.91 -1.48
CA ALA A 13 6.13 -11.20 -2.16
C ALA A 13 4.91 -12.05 -1.72
N ALA A 14 4.61 -12.07 -0.42
CA ALA A 14 3.42 -12.74 0.12
C ALA A 14 2.11 -12.19 -0.49
N PHE A 15 1.97 -10.87 -0.58
CA PHE A 15 0.89 -10.19 -1.29
C PHE A 15 0.82 -10.60 -2.77
N ALA A 16 1.89 -10.42 -3.55
CA ALA A 16 1.92 -10.72 -4.99
C ALA A 16 1.54 -12.19 -5.29
N THR A 17 2.10 -13.14 -4.54
CA THR A 17 1.77 -14.57 -4.63
C THR A 17 0.31 -14.88 -4.26
N ALA A 18 -0.25 -14.25 -3.21
CA ALA A 18 -1.66 -14.41 -2.84
C ALA A 18 -2.62 -13.80 -3.89
N GLN A 19 -2.26 -12.64 -4.45
CA GLN A 19 -2.96 -11.96 -5.55
C GLN A 19 -3.03 -12.86 -6.79
N GLU A 20 -1.90 -13.44 -7.21
CA GLU A 20 -1.84 -14.45 -8.27
C GLU A 20 -2.71 -15.67 -7.94
N ALA A 21 -2.57 -16.27 -6.75
CA ALA A 21 -3.37 -17.44 -6.35
C ALA A 21 -4.88 -17.18 -6.47
N TYR A 22 -5.36 -16.01 -6.03
CA TYR A 22 -6.75 -15.58 -6.19
C TYR A 22 -7.17 -15.49 -7.67
N GLU A 23 -6.45 -14.69 -8.48
CA GLU A 23 -6.76 -14.49 -9.90
C GLU A 23 -6.70 -15.79 -10.72
N GLN A 24 -5.72 -16.65 -10.47
CA GLN A 24 -5.61 -18.00 -11.04
C GLN A 24 -6.84 -18.85 -10.66
N ALA A 25 -7.18 -18.94 -9.37
CA ALA A 25 -8.32 -19.72 -8.91
C ALA A 25 -9.65 -19.30 -9.56
N VAL A 26 -9.98 -17.99 -9.62
CA VAL A 26 -11.19 -17.51 -10.31
C VAL A 26 -11.16 -17.76 -11.83
N ALA A 27 -10.00 -17.58 -12.49
CA ALA A 27 -9.84 -17.81 -13.92
C ALA A 27 -9.99 -19.29 -14.33
N ASN A 28 -9.49 -20.21 -13.49
CA ASN A 28 -9.60 -21.67 -13.70
C ASN A 28 -10.94 -22.26 -13.18
N GLY A 29 -11.64 -21.56 -12.28
CA GLY A 29 -12.92 -21.99 -11.71
C GLY A 29 -12.82 -23.24 -10.82
N ASP A 30 -11.67 -23.46 -10.19
CA ASP A 30 -11.32 -24.72 -9.51
C ASP A 30 -12.23 -25.08 -8.31
N SER A 31 -12.66 -24.08 -7.52
CA SER A 31 -13.55 -24.21 -6.36
C SER A 31 -14.15 -22.87 -5.95
N GLU A 32 -15.45 -22.65 -6.11
CA GLU A 32 -16.11 -21.37 -5.76
C GLU A 32 -15.88 -20.91 -4.31
N VAL A 33 -15.66 -21.85 -3.38
CA VAL A 33 -15.35 -21.55 -1.97
C VAL A 33 -13.93 -21.02 -1.75
N VAL A 34 -12.94 -21.48 -2.53
CA VAL A 34 -11.53 -21.07 -2.39
C VAL A 34 -11.34 -19.58 -2.71
N LEU A 35 -12.16 -19.06 -3.64
CA LEU A 35 -12.25 -17.64 -3.99
C LEU A 35 -12.61 -16.77 -2.79
N LYS A 36 -13.59 -17.16 -1.97
CA LYS A 36 -14.03 -16.41 -0.78
C LYS A 36 -12.88 -16.21 0.22
N LYS A 37 -12.16 -17.30 0.51
CA LYS A 37 -10.97 -17.32 1.38
C LYS A 37 -9.82 -16.49 0.78
N LEU A 38 -9.50 -16.69 -0.50
CA LEU A 38 -8.44 -15.98 -1.22
C LEU A 38 -8.71 -14.46 -1.35
N LYS A 39 -9.94 -14.03 -1.66
CA LYS A 39 -10.33 -12.61 -1.69
C LYS A 39 -10.09 -11.94 -0.34
N LYS A 40 -10.49 -12.61 0.75
CA LYS A 40 -10.28 -12.15 2.13
C LYS A 40 -8.79 -12.06 2.50
N SER A 41 -8.00 -13.12 2.29
CA SER A 41 -6.54 -13.09 2.56
C SER A 41 -5.80 -12.08 1.68
N LEU A 42 -6.24 -11.87 0.43
CA LEU A 42 -5.75 -10.82 -0.46
C LEU A 42 -5.96 -9.41 0.14
N ASN A 43 -7.15 -9.09 0.62
CA ASN A 43 -7.43 -7.79 1.26
C ASN A 43 -6.45 -7.50 2.43
N VAL A 44 -6.18 -8.49 3.28
CA VAL A 44 -5.17 -8.41 4.36
C VAL A 44 -3.77 -8.14 3.78
N ALA A 45 -3.33 -8.93 2.80
CA ALA A 45 -1.99 -8.80 2.22
C ALA A 45 -1.78 -7.46 1.47
N LYS A 46 -2.78 -6.99 0.71
CA LYS A 46 -2.76 -5.66 0.06
C LYS A 46 -2.68 -4.54 1.10
N SER A 47 -3.35 -4.67 2.25
CA SER A 47 -3.30 -3.69 3.35
C SER A 47 -1.87 -3.40 3.84
N GLU A 48 -0.98 -4.39 3.80
CA GLU A 48 0.45 -4.22 4.12
C GLU A 48 1.17 -3.22 3.18
N PHE A 49 0.76 -3.15 1.90
CA PHE A 49 1.22 -2.14 0.94
C PHE A 49 0.89 -0.74 1.45
N ASP A 50 -0.39 -0.46 1.68
CA ASP A 50 -0.85 0.86 2.14
C ASP A 50 -0.19 1.26 3.46
N ARG A 51 -0.05 0.32 4.40
CA ARG A 51 0.63 0.52 5.70
C ARG A 51 2.11 0.88 5.57
N ASP A 52 2.89 0.15 4.77
CA ASP A 52 4.29 0.47 4.53
C ASP A 52 4.48 1.75 3.69
N ALA A 53 3.76 1.87 2.57
CA ALA A 53 3.81 3.05 1.70
C ALA A 53 3.43 4.35 2.45
N ALA A 54 2.50 4.28 3.41
CA ALA A 54 2.19 5.37 4.31
C ALA A 54 3.39 5.82 5.15
N MET A 55 4.29 4.93 5.60
CA MET A 55 5.52 5.33 6.32
C MET A 55 6.45 6.17 5.45
N GLN A 56 6.63 5.82 4.18
CA GLN A 56 7.42 6.64 3.23
C GLN A 56 6.78 8.01 2.98
N ARG A 57 5.46 8.07 2.73
CA ARG A 57 4.73 9.34 2.55
C ARG A 57 4.70 10.20 3.83
N LYS A 58 4.54 9.58 5.01
CA LYS A 58 4.58 10.24 6.33
C LYS A 58 5.88 10.99 6.57
N LEU A 59 7.04 10.44 6.19
CA LEU A 59 8.34 11.10 6.30
C LEU A 59 8.33 12.49 5.61
N GLU A 60 7.88 12.55 4.36
CA GLU A 60 7.74 13.82 3.63
C GLU A 60 6.66 14.73 4.25
N LYS A 61 5.50 14.16 4.62
CA LYS A 61 4.37 14.89 5.22
C LYS A 61 4.72 15.53 6.57
N MET A 62 5.53 14.86 7.40
CA MET A 62 6.09 15.36 8.67
C MET A 62 6.86 16.68 8.50
N ALA A 63 7.65 16.81 7.44
CA ALA A 63 8.41 18.03 7.14
C ALA A 63 7.48 19.24 6.90
N ASP A 64 6.44 19.08 6.08
CA ASP A 64 5.41 20.11 5.88
C ASP A 64 4.52 20.34 7.11
N GLN A 65 4.21 19.28 7.87
CA GLN A 65 3.48 19.36 9.14
C GLN A 65 4.23 20.22 10.16
N ALA A 66 5.55 20.06 10.30
CA ALA A 66 6.39 20.81 11.24
C ALA A 66 6.28 22.34 11.06
N MET A 67 6.17 22.83 9.80
CA MET A 67 5.88 24.23 9.51
C MET A 67 4.47 24.63 9.98
N THR A 68 3.44 23.83 9.69
CA THR A 68 2.06 24.11 10.15
C THR A 68 1.95 24.07 11.69
N GLN A 69 2.73 23.23 12.35
CA GLN A 69 2.77 23.03 13.80
C GLN A 69 3.19 24.29 14.58
N MET A 70 3.91 25.25 13.98
CA MET A 70 4.20 26.55 14.61
C MET A 70 2.93 27.39 14.86
N TYR A 71 1.93 27.25 13.97
CA TYR A 71 0.62 27.92 14.06
C TYR A 71 -0.36 27.13 14.95
N LYS A 72 -0.36 25.79 14.82
CA LYS A 72 -1.18 24.85 15.61
C LYS A 72 -0.52 24.37 16.92
N GLN A 73 0.44 25.15 17.44
CA GLN A 73 1.18 24.86 18.67
C GLN A 73 0.24 24.70 19.89
N ALA A 74 0.64 23.89 20.87
CA ALA A 74 -0.11 23.63 22.11
C ALA A 74 -0.49 24.92 22.84
N ARG A 75 -1.80 25.15 23.01
CA ARG A 75 -2.43 26.35 23.60
C ARG A 75 -3.53 25.99 24.59
N SER A 76 -3.97 26.98 25.39
CA SER A 76 -5.01 26.82 26.43
C SER A 76 -6.41 26.54 25.83
N GLU A 77 -6.76 25.26 25.72
CA GLU A 77 -8.00 24.75 25.12
C GLU A 77 -8.39 23.40 25.74
N ASP A 78 -9.61 23.31 26.27
CA ASP A 78 -10.22 22.06 26.74
C ASP A 78 -10.39 21.03 25.61
N LYS A 79 -9.67 19.91 25.71
CA LYS A 79 -9.59 18.83 24.73
C LYS A 79 -9.78 17.47 25.41
N ARG A 80 -10.84 16.74 25.05
CA ARG A 80 -11.09 15.37 25.51
C ARG A 80 -9.96 14.41 25.10
N ALA A 81 -9.84 13.30 25.81
CA ALA A 81 -8.95 12.19 25.48
C ALA A 81 -9.75 10.90 25.20
N LYS A 82 -9.11 9.92 24.54
CA LYS A 82 -9.66 8.60 24.20
C LYS A 82 -8.72 7.50 24.69
N VAL A 83 -9.17 6.75 25.71
CA VAL A 83 -8.45 5.60 26.28
C VAL A 83 -8.30 4.49 25.23
N THR A 84 -7.08 4.00 25.04
CA THR A 84 -6.70 2.94 24.08
C THR A 84 -5.79 1.89 24.73
N ALA A 1 13.03 -4.32 -13.28
CA ALA A 1 12.37 -3.26 -14.07
C ALA A 1 11.42 -2.42 -13.22
N ILE A 2 10.27 -2.97 -12.80
CA ILE A 2 9.24 -2.28 -11.98
C ILE A 2 9.86 -1.84 -10.63
N ALA A 3 9.67 -0.56 -10.28
CA ALA A 3 10.13 0.06 -9.04
C ALA A 3 8.97 0.78 -8.32
N SER A 4 8.07 0.00 -7.72
CA SER A 4 6.96 0.50 -6.89
C SER A 4 7.39 0.71 -5.43
N GLU A 5 6.60 1.44 -4.65
CA GLU A 5 6.95 1.84 -3.27
C GLU A 5 7.08 0.61 -2.35
N PHE A 6 6.06 -0.26 -2.33
CA PHE A 6 6.05 -1.48 -1.51
C PHE A 6 6.98 -2.58 -2.07
N SER A 7 7.29 -2.58 -3.37
CA SER A 7 8.12 -3.63 -4.01
C SER A 7 9.53 -3.76 -3.43
N SER A 8 10.03 -2.73 -2.74
CA SER A 8 11.31 -2.76 -2.01
C SER A 8 11.28 -3.53 -0.68
N LEU A 9 10.11 -3.86 -0.13
CA LEU A 9 9.93 -4.58 1.13
C LEU A 9 9.90 -6.11 0.91
N PRO A 10 10.25 -6.93 1.92
CA PRO A 10 10.20 -8.39 1.83
C PRO A 10 8.76 -8.93 1.82
N SER A 11 7.82 -8.26 2.50
CA SER A 11 6.40 -8.65 2.60
C SER A 11 5.65 -8.55 1.25
N TYR A 12 6.11 -7.69 0.33
CA TYR A 12 5.56 -7.58 -1.03
C TYR A 12 5.62 -8.92 -1.80
N ALA A 13 6.70 -9.69 -1.65
CA ALA A 13 6.84 -10.99 -2.33
C ALA A 13 5.74 -11.99 -1.91
N ALA A 14 5.40 -12.04 -0.61
CA ALA A 14 4.28 -12.81 -0.08
C ALA A 14 2.92 -12.28 -0.59
N PHE A 15 2.71 -10.95 -0.58
CA PHE A 15 1.53 -10.31 -1.17
C PHE A 15 1.33 -10.69 -2.64
N ALA A 16 2.36 -10.54 -3.48
CA ALA A 16 2.33 -10.87 -4.90
C ALA A 16 1.95 -12.35 -5.13
N THR A 17 2.54 -13.27 -4.36
CA THR A 17 2.16 -14.70 -4.39
C THR A 17 0.70 -14.91 -4.01
N ALA A 18 0.23 -14.31 -2.91
CA ALA A 18 -1.15 -14.44 -2.42
C ALA A 18 -2.20 -13.91 -3.41
N GLN A 19 -2.02 -12.67 -3.90
CA GLN A 19 -2.95 -12.05 -4.87
C GLN A 19 -2.97 -12.79 -6.21
N GLU A 20 -1.82 -13.31 -6.68
CA GLU A 20 -1.73 -14.15 -7.88
C GLU A 20 -2.49 -15.47 -7.69
N ALA A 21 -2.25 -16.18 -6.58
CA ALA A 21 -2.94 -17.42 -6.25
C ALA A 21 -4.47 -17.26 -6.28
N TYR A 22 -5.00 -16.18 -5.70
CA TYR A 22 -6.41 -15.80 -5.83
C TYR A 22 -6.84 -15.55 -7.28
N GLU A 23 -6.27 -14.54 -7.95
CA GLU A 23 -6.63 -14.14 -9.32
C GLU A 23 -6.62 -15.32 -10.31
N GLN A 24 -5.57 -16.15 -10.26
CA GLN A 24 -5.45 -17.36 -11.06
C GLN A 24 -6.55 -18.38 -10.70
N ALA A 25 -6.77 -18.67 -9.42
CA ALA A 25 -7.85 -19.55 -8.96
C ALA A 25 -9.25 -19.10 -9.42
N VAL A 26 -9.55 -17.78 -9.43
CA VAL A 26 -10.81 -17.24 -9.97
C VAL A 26 -10.98 -17.60 -11.45
N ALA A 27 -9.97 -17.30 -12.28
CA ALA A 27 -9.99 -17.60 -13.71
C ALA A 27 -9.99 -19.10 -14.05
N ASN A 28 -9.35 -19.93 -13.21
CA ASN A 28 -9.32 -21.39 -13.35
C ASN A 28 -10.60 -22.08 -12.84
N GLY A 29 -11.40 -21.42 -12.00
CA GLY A 29 -12.63 -21.96 -11.41
C GLY A 29 -12.41 -23.15 -10.47
N ASP A 30 -11.26 -23.21 -9.79
CA ASP A 30 -10.77 -24.40 -9.07
C ASP A 30 -11.69 -24.87 -7.93
N SER A 31 -12.29 -23.94 -7.17
CA SER A 31 -13.28 -24.18 -6.11
C SER A 31 -14.06 -22.91 -5.76
N GLU A 32 -15.37 -22.88 -6.01
CA GLU A 32 -16.25 -21.71 -5.81
C GLU A 32 -16.21 -21.13 -4.40
N VAL A 33 -16.02 -21.97 -3.38
CA VAL A 33 -15.91 -21.56 -1.96
C VAL A 33 -14.54 -20.99 -1.59
N VAL A 34 -13.47 -21.50 -2.22
CA VAL A 34 -12.08 -21.06 -2.01
C VAL A 34 -11.88 -19.62 -2.51
N LEU A 35 -12.59 -19.22 -3.56
CA LEU A 35 -12.64 -17.83 -4.05
C LEU A 35 -13.00 -16.84 -2.91
N LYS A 36 -14.08 -17.08 -2.17
CA LYS A 36 -14.52 -16.23 -1.05
C LYS A 36 -13.44 -16.08 0.03
N LYS A 37 -12.77 -17.19 0.40
CA LYS A 37 -11.69 -17.23 1.39
C LYS A 37 -10.43 -16.48 0.91
N LEU A 38 -10.00 -16.76 -0.32
CA LEU A 38 -8.84 -16.11 -0.95
C LEU A 38 -9.05 -14.61 -1.24
N LYS A 39 -10.28 -14.16 -1.53
CA LYS A 39 -10.64 -12.73 -1.59
C LYS A 39 -10.36 -12.04 -0.25
N LYS A 40 -10.79 -12.67 0.85
CA LYS A 40 -10.54 -12.18 2.23
C LYS A 40 -9.04 -12.11 2.55
N SER A 41 -8.26 -13.15 2.23
CA SER A 41 -6.80 -13.10 2.42
C SER A 41 -6.10 -12.04 1.55
N LEU A 42 -6.61 -11.76 0.34
CA LEU A 42 -6.16 -10.66 -0.51
C LEU A 42 -6.25 -9.31 0.22
N ASN A 43 -7.39 -9.01 0.87
CA ASN A 43 -7.59 -7.76 1.61
C ASN A 43 -6.49 -7.51 2.64
N VAL A 44 -6.10 -8.53 3.40
CA VAL A 44 -4.98 -8.47 4.36
C VAL A 44 -3.66 -8.23 3.63
N ALA A 45 -3.34 -9.06 2.63
CA ALA A 45 -2.09 -8.99 1.88
C ALA A 45 -1.87 -7.64 1.18
N LYS A 46 -2.89 -7.11 0.49
CA LYS A 46 -2.89 -5.79 -0.19
C LYS A 46 -2.80 -4.63 0.82
N SER A 47 -3.43 -4.76 2.00
CA SER A 47 -3.35 -3.74 3.06
C SER A 47 -1.90 -3.42 3.44
N GLU A 48 -1.00 -4.41 3.46
CA GLU A 48 0.43 -4.20 3.71
C GLU A 48 1.08 -3.21 2.73
N PHE A 49 0.65 -3.19 1.46
CA PHE A 49 1.03 -2.18 0.46
C PHE A 49 0.61 -0.79 0.91
N ASP A 50 -0.69 -0.58 1.15
CA ASP A 50 -1.24 0.72 1.58
C ASP A 50 -0.59 1.24 2.87
N ARG A 51 -0.37 0.36 3.85
CA ARG A 51 0.33 0.63 5.12
C ARG A 51 1.76 1.15 4.88
N ASP A 52 2.60 0.38 4.19
CA ASP A 52 3.98 0.77 3.92
C ASP A 52 4.11 2.00 3.01
N ALA A 53 3.33 2.06 1.92
CA ALA A 53 3.28 3.21 1.02
C ALA A 53 2.85 4.50 1.76
N ALA A 54 1.87 4.42 2.66
CA ALA A 54 1.50 5.51 3.57
C ALA A 54 2.68 5.90 4.49
N MET A 55 3.37 4.94 5.12
CA MET A 55 4.56 5.21 5.95
C MET A 55 5.65 5.99 5.19
N GLN A 56 5.96 5.64 3.93
CA GLN A 56 6.91 6.38 3.11
C GLN A 56 6.50 7.86 2.89
N ARG A 57 5.23 8.12 2.54
CA ARG A 57 4.68 9.49 2.44
C ARG A 57 4.71 10.22 3.79
N LYS A 58 4.21 9.58 4.85
CA LYS A 58 4.09 10.10 6.22
C LYS A 58 5.44 10.49 6.81
N LEU A 59 6.50 9.72 6.57
CA LEU A 59 7.88 10.03 6.98
C LEU A 59 8.38 11.38 6.41
N GLU A 60 8.10 11.63 5.13
CA GLU A 60 8.44 12.91 4.47
C GLU A 60 7.68 14.10 5.12
N LYS A 61 6.37 13.94 5.35
CA LYS A 61 5.53 14.93 6.06
C LYS A 61 5.98 15.15 7.51
N MET A 62 6.36 14.09 8.22
CA MET A 62 6.83 14.11 9.60
C MET A 62 8.10 14.97 9.78
N ALA A 63 9.03 14.96 8.81
CA ALA A 63 10.22 15.82 8.81
C ALA A 63 9.87 17.32 8.81
N ASP A 64 8.93 17.74 7.95
CA ASP A 64 8.39 19.11 7.92
C ASP A 64 7.61 19.45 9.21
N GLN A 65 6.75 18.55 9.71
CA GLN A 65 6.00 18.72 10.95
C GLN A 65 6.93 18.90 12.17
N ALA A 66 8.01 18.11 12.25
CA ALA A 66 9.00 18.14 13.33
C ALA A 66 9.67 19.50 13.50
N MET A 67 9.90 20.25 12.40
CA MET A 67 10.37 21.65 12.46
C MET A 67 9.40 22.53 13.26
N THR A 68 8.12 22.56 12.88
CA THR A 68 7.06 23.31 13.59
C THR A 68 6.93 22.89 15.05
N GLN A 69 7.06 21.58 15.33
CA GLN A 69 7.03 21.01 16.69
C GLN A 69 8.16 21.55 17.61
N MET A 70 9.29 22.01 17.07
CA MET A 70 10.38 22.61 17.86
C MET A 70 9.97 23.98 18.46
N TYR A 71 9.24 24.80 17.70
CA TYR A 71 8.70 26.08 18.18
C TYR A 71 7.58 25.87 19.21
N LYS A 72 6.73 24.87 18.98
CA LYS A 72 5.61 24.44 19.84
C LYS A 72 6.01 23.49 20.99
N GLN A 73 7.31 23.27 21.22
CA GLN A 73 7.85 22.36 22.23
C GLN A 73 7.29 22.64 23.65
N ALA A 74 6.56 21.67 24.21
CA ALA A 74 5.92 21.70 25.52
C ALA A 74 6.00 20.32 26.22
N ARG A 75 5.50 20.24 27.46
CA ARG A 75 5.46 19.01 28.27
C ARG A 75 4.60 17.92 27.60
N SER A 76 5.20 16.78 27.29
CA SER A 76 4.50 15.59 26.77
C SER A 76 3.83 14.75 27.88
N GLU A 77 2.96 13.82 27.49
CA GLU A 77 2.28 12.87 28.37
C GLU A 77 2.32 11.47 27.73
N ASP A 78 3.21 10.59 28.21
CA ASP A 78 3.29 9.20 27.79
C ASP A 78 2.01 8.41 28.14
N LYS A 79 1.60 7.51 27.24
CA LYS A 79 0.42 6.63 27.39
C LYS A 79 0.66 5.25 26.76
N ARG A 80 -0.14 4.26 27.17
CA ARG A 80 -0.20 2.92 26.59
C ARG A 80 -1.13 2.92 25.36
N ALA A 81 -0.58 2.53 24.21
CA ALA A 81 -1.32 2.24 22.98
C ALA A 81 -0.74 1.00 22.28
N LYS A 82 -1.55 0.33 21.45
CA LYS A 82 -1.21 -0.91 20.73
C LYS A 82 -1.44 -0.73 19.21
N VAL A 83 -0.35 -0.49 18.47
CA VAL A 83 -0.36 -0.41 17.00
C VAL A 83 -0.44 -1.81 16.36
N THR A 84 -1.25 -1.96 15.32
CA THR A 84 -1.45 -3.20 14.54
C THR A 84 -0.18 -3.63 13.80
N ALA A 1 11.81 3.46 -14.36
CA ALA A 1 10.49 4.10 -14.15
C ALA A 1 9.69 3.43 -13.03
N ILE A 2 9.21 2.18 -13.23
CA ILE A 2 8.39 1.42 -12.27
C ILE A 2 9.15 1.18 -10.95
N ALA A 3 8.72 1.85 -9.88
CA ALA A 3 9.23 1.74 -8.52
C ALA A 3 8.13 2.05 -7.49
N SER A 4 7.51 1.02 -6.91
CA SER A 4 6.54 1.13 -5.82
C SER A 4 7.23 1.17 -4.45
N GLU A 5 6.58 1.77 -3.44
CA GLU A 5 7.10 1.85 -2.06
C GLU A 5 7.31 0.45 -1.46
N PHE A 6 6.27 -0.39 -1.44
CA PHE A 6 6.35 -1.71 -0.82
C PHE A 6 7.18 -2.71 -1.64
N SER A 7 7.31 -2.52 -2.95
CA SER A 7 8.10 -3.40 -3.84
C SER A 7 9.57 -3.56 -3.41
N SER A 8 10.14 -2.56 -2.73
CA SER A 8 11.49 -2.58 -2.16
C SER A 8 11.65 -3.49 -0.92
N LEU A 9 10.55 -3.90 -0.26
CA LEU A 9 10.56 -4.73 0.95
C LEU A 9 10.52 -6.24 0.61
N PRO A 10 11.04 -7.11 1.49
CA PRO A 10 11.01 -8.57 1.27
C PRO A 10 9.59 -9.16 1.43
N SER A 11 8.76 -8.57 2.31
CA SER A 11 7.37 -9.03 2.57
C SER A 11 6.43 -8.84 1.36
N TYR A 12 6.78 -7.97 0.41
CA TYR A 12 6.04 -7.81 -0.86
C TYR A 12 6.00 -9.10 -1.69
N ALA A 13 7.08 -9.89 -1.70
CA ALA A 13 7.12 -11.14 -2.45
C ALA A 13 6.07 -12.17 -1.95
N ALA A 14 5.87 -12.24 -0.63
CA ALA A 14 4.82 -13.04 0.00
C ALA A 14 3.42 -12.53 -0.40
N PHE A 15 3.18 -11.21 -0.36
CA PHE A 15 1.96 -10.57 -0.87
C PHE A 15 1.70 -10.94 -2.35
N ALA A 16 2.68 -10.71 -3.24
CA ALA A 16 2.58 -10.98 -4.67
C ALA A 16 2.22 -12.44 -4.96
N THR A 17 2.81 -13.39 -4.22
CA THR A 17 2.48 -14.84 -4.30
C THR A 17 1.05 -15.13 -3.81
N ALA A 18 0.64 -14.58 -2.66
CA ALA A 18 -0.69 -14.78 -2.09
C ALA A 18 -1.81 -14.21 -2.98
N GLN A 19 -1.66 -12.98 -3.47
CA GLN A 19 -2.63 -12.35 -4.38
C GLN A 19 -2.69 -13.05 -5.76
N GLU A 20 -1.56 -13.61 -6.24
CA GLU A 20 -1.51 -14.38 -7.48
C GLU A 20 -2.34 -15.66 -7.36
N ALA A 21 -2.22 -16.38 -6.24
CA ALA A 21 -3.01 -17.58 -5.97
C ALA A 21 -4.53 -17.32 -6.05
N TYR A 22 -5.01 -16.17 -5.54
CA TYR A 22 -6.38 -15.72 -5.74
C TYR A 22 -6.69 -15.38 -7.20
N GLU A 23 -5.97 -14.44 -7.81
CA GLU A 23 -6.21 -13.97 -9.18
C GLU A 23 -6.26 -15.11 -10.21
N GLN A 24 -5.30 -16.05 -10.16
CA GLN A 24 -5.31 -17.23 -11.03
C GLN A 24 -6.50 -18.15 -10.73
N ALA A 25 -6.83 -18.40 -9.46
CA ALA A 25 -7.98 -19.22 -9.06
C ALA A 25 -9.32 -18.66 -9.57
N VAL A 26 -9.52 -17.32 -9.54
CA VAL A 26 -10.72 -16.67 -10.11
C VAL A 26 -10.86 -16.99 -11.61
N ALA A 27 -9.80 -16.75 -12.39
CA ALA A 27 -9.78 -17.00 -13.82
C ALA A 27 -9.85 -18.50 -14.20
N ASN A 28 -9.31 -19.39 -13.36
CA ASN A 28 -9.39 -20.85 -13.51
C ASN A 28 -10.79 -21.40 -13.14
N GLY A 29 -11.56 -20.70 -12.31
CA GLY A 29 -12.90 -21.10 -11.86
C GLY A 29 -12.91 -22.37 -11.00
N ASP A 30 -11.83 -22.63 -10.24
CA ASP A 30 -11.57 -23.90 -9.56
C ASP A 30 -12.69 -24.30 -8.56
N SER A 31 -13.09 -23.38 -7.68
CA SER A 31 -14.18 -23.52 -6.69
C SER A 31 -14.78 -22.16 -6.33
N GLU A 32 -16.06 -21.95 -6.61
CA GLU A 32 -16.78 -20.67 -6.39
C GLU A 32 -16.76 -20.17 -4.93
N VAL A 33 -16.75 -21.10 -3.96
CA VAL A 33 -16.64 -20.79 -2.52
C VAL A 33 -15.21 -20.44 -2.08
N VAL A 34 -14.21 -21.00 -2.76
CA VAL A 34 -12.78 -20.74 -2.51
C VAL A 34 -12.39 -19.32 -2.93
N LEU A 35 -13.04 -18.78 -3.96
CA LEU A 35 -12.90 -17.37 -4.36
C LEU A 35 -13.24 -16.41 -3.20
N LYS A 36 -14.38 -16.61 -2.51
CA LYS A 36 -14.85 -15.75 -1.41
C LYS A 36 -13.86 -15.70 -0.23
N LYS A 37 -13.29 -16.85 0.18
CA LYS A 37 -12.28 -16.92 1.26
C LYS A 37 -10.89 -16.41 0.83
N LEU A 38 -10.46 -16.68 -0.41
CA LEU A 38 -9.19 -16.17 -0.96
C LEU A 38 -9.22 -14.63 -1.17
N LYS A 39 -10.36 -14.05 -1.54
CA LYS A 39 -10.55 -12.59 -1.62
C LYS A 39 -10.26 -11.90 -0.27
N LYS A 40 -10.79 -12.47 0.81
CA LYS A 40 -10.49 -12.03 2.20
C LYS A 40 -9.02 -12.19 2.57
N SER A 41 -8.37 -13.30 2.18
CA SER A 41 -6.91 -13.49 2.33
C SER A 41 -6.10 -12.40 1.59
N LEU A 42 -6.52 -12.01 0.38
CA LEU A 42 -5.94 -10.90 -0.38
C LEU A 42 -5.93 -9.60 0.44
N ASN A 43 -7.05 -9.22 1.05
CA ASN A 43 -7.16 -7.98 1.85
C ASN A 43 -6.11 -7.91 2.98
N VAL A 44 -5.82 -9.03 3.65
CA VAL A 44 -4.73 -9.12 4.65
C VAL A 44 -3.38 -8.85 3.98
N ALA A 45 -3.01 -9.63 2.96
CA ALA A 45 -1.74 -9.52 2.26
C ALA A 45 -1.49 -8.13 1.63
N LYS A 46 -2.53 -7.52 1.04
CA LYS A 46 -2.51 -6.15 0.47
C LYS A 46 -2.45 -5.06 1.54
N SER A 47 -2.99 -5.30 2.74
CA SER A 47 -2.88 -4.36 3.87
C SER A 47 -1.43 -4.09 4.27
N GLU A 48 -0.52 -5.09 4.17
CA GLU A 48 0.91 -4.87 4.38
C GLU A 48 1.52 -3.84 3.41
N PHE A 49 1.06 -3.78 2.15
CA PHE A 49 1.43 -2.72 1.20
C PHE A 49 1.05 -1.35 1.77
N ASP A 50 -0.23 -1.12 2.03
CA ASP A 50 -0.73 0.17 2.55
C ASP A 50 -0.03 0.56 3.87
N ARG A 51 0.15 -0.39 4.79
CA ARG A 51 0.83 -0.20 6.09
C ARG A 51 2.27 0.26 5.93
N ASP A 52 3.07 -0.45 5.14
CA ASP A 52 4.46 -0.08 4.88
C ASP A 52 4.57 1.22 4.05
N ALA A 53 3.85 1.30 2.94
CA ALA A 53 3.86 2.46 2.04
C ALA A 53 3.47 3.76 2.76
N ALA A 54 2.50 3.71 3.68
CA ALA A 54 2.13 4.84 4.54
C ALA A 54 3.31 5.38 5.35
N MET A 55 4.23 4.52 5.82
CA MET A 55 5.42 4.93 6.58
C MET A 55 6.36 5.83 5.76
N GLN A 56 6.55 5.55 4.47
CA GLN A 56 7.26 6.45 3.55
C GLN A 56 6.40 7.66 3.15
N ARG A 57 5.12 7.46 2.79
CA ARG A 57 4.22 8.53 2.35
C ARG A 57 4.02 9.63 3.40
N LYS A 58 3.94 9.25 4.69
CA LYS A 58 3.88 10.13 5.87
C LYS A 58 5.04 11.13 5.92
N LEU A 59 6.25 10.71 5.54
CA LEU A 59 7.45 11.55 5.48
C LEU A 59 7.26 12.74 4.53
N GLU A 60 6.70 12.49 3.33
CA GLU A 60 6.33 13.52 2.37
C GLU A 60 5.10 14.33 2.84
N LYS A 61 4.11 13.66 3.46
CA LYS A 61 2.91 14.31 4.02
C LYS A 61 3.26 15.38 5.07
N MET A 62 4.27 15.17 5.91
CA MET A 62 4.75 16.20 6.86
C MET A 62 5.18 17.50 6.17
N ALA A 63 5.85 17.43 5.02
CA ALA A 63 6.23 18.60 4.22
C ALA A 63 5.00 19.29 3.58
N ASP A 64 4.08 18.54 3.00
CA ASP A 64 2.82 19.05 2.45
C ASP A 64 1.94 19.72 3.54
N GLN A 65 1.79 19.08 4.70
CA GLN A 65 1.06 19.58 5.87
C GLN A 65 1.57 20.95 6.34
N ALA A 66 2.88 21.22 6.26
CA ALA A 66 3.44 22.54 6.61
C ALA A 66 2.90 23.68 5.72
N MET A 67 2.65 23.43 4.43
CA MET A 67 1.95 24.35 3.55
C MET A 67 0.45 24.44 3.90
N THR A 68 -0.24 23.30 4.00
CA THR A 68 -1.69 23.27 4.30
C THR A 68 -2.03 23.95 5.64
N GLN A 69 -1.15 23.85 6.64
CA GLN A 69 -1.27 24.51 7.95
C GLN A 69 -1.43 26.03 7.83
N MET A 70 -0.79 26.70 6.88
CA MET A 70 -0.93 28.13 6.63
C MET A 70 -2.36 28.51 6.22
N TYR A 71 -2.98 27.73 5.32
CA TYR A 71 -4.38 27.90 4.91
C TYR A 71 -5.37 27.50 6.03
N LYS A 72 -5.12 26.36 6.69
CA LYS A 72 -5.85 25.84 7.87
C LYS A 72 -5.39 26.45 9.21
N GLN A 73 -4.81 27.65 9.22
CA GLN A 73 -4.44 28.35 10.47
C GLN A 73 -5.64 28.53 11.41
N ALA A 74 -5.37 28.77 12.69
CA ALA A 74 -6.40 29.00 13.72
C ALA A 74 -7.20 30.29 13.44
N ARG A 75 -8.36 30.13 12.80
CA ARG A 75 -9.35 31.16 12.44
C ARG A 75 -10.76 30.78 12.92
N SER A 76 -11.71 31.71 12.83
CA SER A 76 -13.14 31.48 13.12
C SER A 76 -13.82 30.58 12.08
N GLU A 77 -14.11 29.33 12.43
CA GLU A 77 -14.83 28.36 11.60
C GLU A 77 -16.35 28.47 11.88
N ASP A 78 -17.07 29.18 11.01
CA ASP A 78 -18.54 29.27 11.03
C ASP A 78 -19.21 27.88 10.97
N LYS A 79 -20.39 27.73 11.59
CA LYS A 79 -21.10 26.44 11.73
C LYS A 79 -21.41 25.82 10.36
N ARG A 80 -20.84 24.65 10.11
CA ARG A 80 -21.04 23.81 8.92
C ARG A 80 -21.64 22.44 9.28
N ALA A 81 -22.27 21.80 8.30
CA ALA A 81 -22.72 20.40 8.35
C ALA A 81 -21.66 19.47 7.76
N LYS A 82 -21.69 18.18 8.15
CA LYS A 82 -20.75 17.14 7.70
C LYS A 82 -21.48 15.83 7.40
N VAL A 83 -21.29 15.30 6.18
CA VAL A 83 -21.88 14.04 5.68
C VAL A 83 -21.10 12.82 6.19
N THR A 84 -21.82 11.77 6.60
CA THR A 84 -21.26 10.52 7.18
C THR A 84 -21.60 9.31 6.33
N ALA A 1 15.84 -1.19 -11.83
CA ALA A 1 15.10 0.09 -12.02
C ALA A 1 13.69 0.02 -11.41
N ILE A 2 12.73 -0.70 -12.03
CA ILE A 2 11.35 -0.82 -11.54
C ILE A 2 11.30 -1.51 -10.16
N ALA A 3 10.99 -0.74 -9.13
CA ALA A 3 10.77 -1.16 -7.75
C ALA A 3 9.72 -0.25 -7.10
N SER A 4 8.48 -0.72 -6.97
CA SER A 4 7.42 0.02 -6.25
C SER A 4 7.73 0.14 -4.75
N GLU A 5 7.03 1.03 -4.06
CA GLU A 5 7.28 1.36 -2.65
C GLU A 5 7.22 0.12 -1.75
N PHE A 6 6.15 -0.68 -1.86
CA PHE A 6 6.02 -1.92 -1.09
C PHE A 6 6.78 -3.10 -1.71
N SER A 7 7.03 -3.11 -3.03
CA SER A 7 7.73 -4.22 -3.72
C SER A 7 9.14 -4.51 -3.17
N SER A 8 9.79 -3.52 -2.54
CA SER A 8 11.07 -3.65 -1.84
C SER A 8 10.99 -4.43 -0.50
N LEU A 9 9.80 -4.57 0.10
CA LEU A 9 9.60 -5.33 1.35
C LEU A 9 9.46 -6.85 1.08
N PRO A 10 9.81 -7.72 2.04
CA PRO A 10 9.60 -9.17 1.93
C PRO A 10 8.12 -9.54 2.00
N SER A 11 7.32 -8.78 2.77
CA SER A 11 5.87 -9.00 2.97
C SER A 11 5.04 -8.82 1.68
N TYR A 12 5.53 -8.02 0.72
CA TYR A 12 4.92 -7.88 -0.60
C TYR A 12 4.85 -9.20 -1.37
N ALA A 13 5.86 -10.08 -1.24
CA ALA A 13 5.86 -11.37 -1.92
C ALA A 13 4.65 -12.23 -1.52
N ALA A 14 4.31 -12.27 -0.22
CA ALA A 14 3.11 -12.96 0.28
C ALA A 14 1.82 -12.41 -0.36
N PHE A 15 1.67 -11.08 -0.40
CA PHE A 15 0.59 -10.39 -1.11
C PHE A 15 0.54 -10.75 -2.60
N ALA A 16 1.61 -10.51 -3.36
CA ALA A 16 1.66 -10.74 -4.80
C ALA A 16 1.36 -12.21 -5.19
N THR A 17 1.93 -13.17 -4.46
CA THR A 17 1.64 -14.60 -4.60
C THR A 17 0.16 -14.90 -4.35
N ALA A 18 -0.45 -14.35 -3.27
CA ALA A 18 -1.87 -14.55 -2.99
C ALA A 18 -2.76 -13.92 -4.06
N GLN A 19 -2.44 -12.70 -4.50
CA GLN A 19 -3.13 -11.94 -5.55
C GLN A 19 -3.17 -12.73 -6.87
N GLU A 20 -2.01 -13.21 -7.35
CA GLU A 20 -1.92 -14.05 -8.55
C GLU A 20 -2.66 -15.38 -8.40
N ALA A 21 -2.38 -16.15 -7.34
CA ALA A 21 -3.05 -17.43 -7.08
C ALA A 21 -4.58 -17.27 -7.06
N TYR A 22 -5.08 -16.21 -6.43
CA TYR A 22 -6.50 -15.87 -6.37
C TYR A 22 -7.10 -15.53 -7.75
N GLU A 23 -6.52 -14.57 -8.47
CA GLU A 23 -7.00 -14.17 -9.80
C GLU A 23 -6.98 -15.34 -10.79
N GLN A 24 -5.89 -16.13 -10.80
CA GLN A 24 -5.76 -17.31 -11.65
C GLN A 24 -6.78 -18.40 -11.25
N ALA A 25 -6.99 -18.62 -9.94
CA ALA A 25 -8.02 -19.54 -9.45
C ALA A 25 -9.44 -19.16 -9.91
N VAL A 26 -9.86 -17.88 -9.81
CA VAL A 26 -11.20 -17.47 -10.30
C VAL A 26 -11.30 -17.55 -11.82
N ALA A 27 -10.22 -17.22 -12.55
CA ALA A 27 -10.16 -17.34 -14.01
C ALA A 27 -10.32 -18.79 -14.52
N ASN A 28 -9.85 -19.79 -13.74
CA ASN A 28 -9.96 -21.22 -14.05
C ASN A 28 -11.18 -21.91 -13.39
N GLY A 29 -11.73 -21.33 -12.32
CA GLY A 29 -12.87 -21.86 -11.57
C GLY A 29 -12.60 -23.16 -10.81
N ASP A 30 -11.35 -23.45 -10.43
CA ASP A 30 -10.92 -24.73 -9.85
C ASP A 30 -11.68 -25.11 -8.57
N SER A 31 -11.76 -24.20 -7.58
CA SER A 31 -12.41 -24.39 -6.28
C SER A 31 -12.97 -23.08 -5.73
N GLU A 32 -14.29 -22.92 -5.67
CA GLU A 32 -14.95 -21.70 -5.17
C GLU A 32 -14.56 -21.34 -3.72
N VAL A 33 -14.30 -22.35 -2.87
CA VAL A 33 -13.84 -22.16 -1.49
C VAL A 33 -12.47 -21.48 -1.38
N VAL A 34 -11.56 -21.76 -2.33
CA VAL A 34 -10.25 -21.11 -2.43
C VAL A 34 -10.42 -19.61 -2.73
N LEU A 35 -11.39 -19.25 -3.56
CA LEU A 35 -11.68 -17.86 -3.94
C LEU A 35 -12.11 -17.03 -2.73
N LYS A 36 -13.20 -17.41 -2.05
CA LYS A 36 -13.72 -16.71 -0.87
C LYS A 36 -12.71 -16.63 0.29
N LYS A 37 -11.87 -17.66 0.48
CA LYS A 37 -10.77 -17.65 1.47
C LYS A 37 -9.65 -16.69 1.08
N LEU A 38 -9.16 -16.77 -0.15
CA LEU A 38 -8.13 -15.86 -0.66
C LEU A 38 -8.59 -14.40 -0.64
N LYS A 39 -9.83 -14.09 -1.05
CA LYS A 39 -10.40 -12.73 -1.01
C LYS A 39 -10.28 -12.08 0.37
N LYS A 40 -10.64 -12.83 1.42
CA LYS A 40 -10.49 -12.44 2.83
C LYS A 40 -9.04 -12.10 3.20
N SER A 41 -8.09 -13.00 2.95
CA SER A 41 -6.65 -12.75 3.14
C SER A 41 -6.13 -11.58 2.31
N LEU A 42 -6.57 -11.46 1.07
CA LEU A 42 -6.14 -10.45 0.09
C LEU A 42 -6.45 -9.03 0.56
N ASN A 43 -7.62 -8.78 1.15
CA ASN A 43 -7.96 -7.48 1.76
C ASN A 43 -6.86 -7.00 2.73
N VAL A 44 -6.43 -7.85 3.66
CA VAL A 44 -5.34 -7.58 4.61
C VAL A 44 -3.99 -7.45 3.89
N ALA A 45 -3.67 -8.37 2.97
CA ALA A 45 -2.42 -8.41 2.23
C ALA A 45 -2.17 -7.15 1.37
N LYS A 46 -3.19 -6.68 0.63
CA LYS A 46 -3.17 -5.40 -0.10
C LYS A 46 -3.14 -4.19 0.84
N SER A 47 -3.84 -4.26 1.98
CA SER A 47 -3.81 -3.19 3.00
C SER A 47 -2.40 -2.93 3.52
N GLU A 48 -1.56 -3.97 3.62
CA GLU A 48 -0.13 -3.86 3.97
C GLU A 48 0.68 -3.01 2.96
N PHE A 49 0.32 -3.02 1.67
CA PHE A 49 0.87 -2.11 0.65
C PHE A 49 0.56 -0.66 1.04
N ASP A 50 -0.73 -0.32 1.18
CA ASP A 50 -1.17 1.04 1.51
C ASP A 50 -0.53 1.55 2.81
N ARG A 51 -0.43 0.69 3.84
CA ARG A 51 0.24 0.95 5.12
C ARG A 51 1.72 1.29 4.96
N ASP A 52 2.52 0.41 4.35
CA ASP A 52 3.95 0.69 4.13
C ASP A 52 4.19 1.90 3.22
N ALA A 53 3.52 1.94 2.07
CA ALA A 53 3.61 3.07 1.13
C ALA A 53 3.26 4.42 1.81
N ALA A 54 2.23 4.46 2.66
CA ALA A 54 1.90 5.64 3.46
C ALA A 54 3.03 6.05 4.42
N MET A 55 3.78 5.10 5.02
CA MET A 55 4.93 5.41 5.88
C MET A 55 6.04 6.16 5.12
N GLN A 56 6.35 5.78 3.88
CA GLN A 56 7.33 6.49 3.04
C GLN A 56 6.93 7.96 2.81
N ARG A 57 5.66 8.23 2.49
CA ARG A 57 5.12 9.60 2.35
C ARG A 57 5.03 10.35 3.68
N LYS A 58 4.64 9.68 4.77
CA LYS A 58 4.60 10.25 6.12
C LYS A 58 5.97 10.78 6.57
N LEU A 59 7.06 10.10 6.21
CA LEU A 59 8.42 10.54 6.52
C LEU A 59 8.77 11.93 5.94
N GLU A 60 8.27 12.25 4.73
CA GLU A 60 8.40 13.59 4.13
C GLU A 60 7.57 14.64 4.91
N LYS A 61 6.32 14.33 5.27
CA LYS A 61 5.46 15.22 6.09
C LYS A 61 6.05 15.45 7.49
N MET A 62 6.63 14.43 8.11
CA MET A 62 7.31 14.50 9.40
C MET A 62 8.48 15.50 9.40
N ALA A 63 9.23 15.61 8.29
CA ALA A 63 10.30 16.60 8.14
C ALA A 63 9.76 18.04 8.25
N ASP A 64 8.70 18.35 7.50
CA ASP A 64 7.99 19.65 7.54
C ASP A 64 7.34 19.91 8.91
N GLN A 65 6.66 18.91 9.48
CA GLN A 65 6.08 19.00 10.83
C GLN A 65 7.14 19.33 11.88
N ALA A 66 8.29 18.66 11.89
CA ALA A 66 9.37 18.86 12.86
C ALA A 66 9.91 20.30 12.87
N MET A 67 10.17 20.90 11.70
CA MET A 67 10.57 22.32 11.61
C MET A 67 9.45 23.28 12.05
N THR A 68 8.22 23.12 11.54
CA THR A 68 7.08 23.97 11.92
C THR A 68 6.75 23.88 13.42
N GLN A 69 6.88 22.71 14.04
CA GLN A 69 6.70 22.48 15.48
C GLN A 69 7.60 23.36 16.36
N MET A 70 8.82 23.69 15.92
CA MET A 70 9.69 24.65 16.62
C MET A 70 9.10 26.07 16.65
N TYR A 71 8.60 26.55 15.52
CA TYR A 71 7.96 27.88 15.40
C TYR A 71 6.59 27.95 16.09
N LYS A 72 5.80 26.86 16.03
CA LYS A 72 4.45 26.73 16.61
C LYS A 72 4.44 26.12 18.02
N GLN A 73 5.61 26.03 18.68
CA GLN A 73 5.84 25.44 20.01
C GLN A 73 4.89 26.00 21.07
N ALA A 74 3.92 25.17 21.48
CA ALA A 74 2.89 25.47 22.47
C ALA A 74 2.38 24.19 23.15
N ARG A 75 1.48 24.33 24.15
CA ARG A 75 0.82 23.23 24.87
C ARG A 75 -0.02 22.36 23.93
N SER A 76 0.55 21.21 23.56
CA SER A 76 -0.05 20.19 22.69
C SER A 76 0.36 18.78 23.13
N GLU A 77 -0.61 17.85 23.11
CA GLU A 77 -0.44 16.43 23.42
C GLU A 77 -1.46 15.58 22.64
N ASP A 78 -0.97 14.68 21.79
CA ASP A 78 -1.77 13.69 21.06
C ASP A 78 -1.11 12.30 21.11
N LYS A 79 -1.92 11.26 20.90
CA LYS A 79 -1.53 9.85 20.81
C LYS A 79 -2.06 9.20 19.52
N ARG A 80 -1.63 7.97 19.25
CA ARG A 80 -2.14 7.13 18.15
C ARG A 80 -2.94 5.93 18.69
N ALA A 81 -3.74 5.32 17.82
CA ALA A 81 -4.50 4.10 18.09
C ALA A 81 -4.21 3.05 17.01
N LYS A 82 -3.93 1.82 17.45
CA LYS A 82 -3.61 0.64 16.62
C LYS A 82 -4.47 -0.55 17.04
N VAL A 83 -5.03 -1.25 16.05
CA VAL A 83 -5.87 -2.45 16.23
C VAL A 83 -4.99 -3.65 16.60
N THR A 84 -5.02 -4.03 17.88
CA THR A 84 -4.25 -5.16 18.46
C THR A 84 -4.61 -6.53 17.89
N ALA A 1 14.36 2.46 -12.19
CA ALA A 1 13.53 3.66 -11.95
C ALA A 1 12.31 3.36 -11.07
N ILE A 2 11.31 2.64 -11.60
CA ILE A 2 10.04 2.30 -10.90
C ILE A 2 10.32 1.46 -9.64
N ALA A 3 9.96 2.01 -8.47
CA ALA A 3 10.00 1.34 -7.17
C ALA A 3 8.91 1.91 -6.24
N SER A 4 7.75 1.25 -6.18
CA SER A 4 6.64 1.63 -5.29
C SER A 4 7.03 1.55 -3.81
N GLU A 5 6.31 2.28 -2.95
CA GLU A 5 6.65 2.43 -1.52
C GLU A 5 6.69 1.08 -0.78
N PHE A 6 5.74 0.17 -1.05
CA PHE A 6 5.73 -1.18 -0.47
C PHE A 6 6.59 -2.19 -1.24
N SER A 7 6.84 -1.99 -2.55
CA SER A 7 7.60 -2.92 -3.41
C SER A 7 9.03 -3.19 -2.90
N SER A 8 9.62 -2.23 -2.19
CA SER A 8 10.94 -2.37 -1.54
C SER A 8 10.96 -3.36 -0.34
N LEU A 9 9.82 -3.57 0.33
CA LEU A 9 9.70 -4.45 1.50
C LEU A 9 9.63 -5.95 1.08
N PRO A 10 10.06 -6.89 1.94
CA PRO A 10 9.97 -8.32 1.65
C PRO A 10 8.51 -8.82 1.65
N SER A 11 7.65 -8.28 2.53
CA SER A 11 6.24 -8.66 2.68
C SER A 11 5.37 -8.39 1.44
N TYR A 12 5.81 -7.50 0.53
CA TYR A 12 5.16 -7.28 -0.77
C TYR A 12 5.13 -8.54 -1.63
N ALA A 13 6.19 -9.38 -1.59
CA ALA A 13 6.25 -10.61 -2.37
C ALA A 13 5.12 -11.58 -2.00
N ALA A 14 4.84 -11.75 -0.69
CA ALA A 14 3.73 -12.55 -0.19
C ALA A 14 2.36 -12.04 -0.72
N PHE A 15 2.14 -10.72 -0.67
CA PHE A 15 0.97 -10.06 -1.29
C PHE A 15 0.88 -10.36 -2.79
N ALA A 16 1.90 -10.04 -3.59
CA ALA A 16 1.89 -10.23 -5.04
C ALA A 16 1.60 -11.69 -5.45
N THR A 17 2.26 -12.66 -4.79
CA THR A 17 2.01 -14.10 -5.00
C THR A 17 0.59 -14.51 -4.60
N ALA A 18 0.03 -14.00 -3.50
CA ALA A 18 -1.35 -14.30 -3.08
C ALA A 18 -2.39 -13.69 -4.04
N GLN A 19 -2.14 -12.47 -4.53
CA GLN A 19 -2.94 -11.75 -5.52
C GLN A 19 -3.03 -12.57 -6.83
N GLU A 20 -1.90 -13.04 -7.36
CA GLU A 20 -1.83 -13.95 -8.50
C GLU A 20 -2.57 -15.27 -8.24
N ALA A 21 -2.28 -15.95 -7.12
CA ALA A 21 -2.91 -17.22 -6.74
C ALA A 21 -4.44 -17.11 -6.73
N TYR A 22 -4.99 -16.02 -6.16
CA TYR A 22 -6.41 -15.69 -6.22
C TYR A 22 -6.89 -15.52 -7.67
N GLU A 23 -6.39 -14.54 -8.43
CA GLU A 23 -6.85 -14.26 -9.79
C GLU A 23 -6.79 -15.47 -10.74
N GLN A 24 -5.71 -16.25 -10.68
CA GLN A 24 -5.59 -17.50 -11.44
C GLN A 24 -6.65 -18.52 -11.00
N ALA A 25 -6.84 -18.73 -9.69
CA ALA A 25 -7.89 -19.61 -9.17
C ALA A 25 -9.31 -19.20 -9.65
N VAL A 26 -9.63 -17.90 -9.70
CA VAL A 26 -10.89 -17.40 -10.28
C VAL A 26 -11.02 -17.79 -11.76
N ALA A 27 -10.00 -17.47 -12.58
CA ALA A 27 -10.00 -17.73 -14.02
C ALA A 27 -10.00 -19.23 -14.38
N ASN A 28 -9.38 -20.07 -13.57
CA ASN A 28 -9.35 -21.53 -13.74
C ASN A 28 -10.60 -22.24 -13.20
N GLY A 29 -11.39 -21.58 -12.32
CA GLY A 29 -12.61 -22.11 -11.72
C GLY A 29 -12.38 -23.37 -10.87
N ASP A 30 -11.24 -23.44 -10.17
CA ASP A 30 -10.76 -24.67 -9.50
C ASP A 30 -11.69 -25.14 -8.36
N SER A 31 -12.17 -24.22 -7.53
CA SER A 31 -13.08 -24.44 -6.39
C SER A 31 -13.85 -23.16 -6.05
N GLU A 32 -15.17 -23.09 -6.25
CA GLU A 32 -15.98 -21.87 -6.01
C GLU A 32 -15.87 -21.32 -4.58
N VAL A 33 -15.60 -22.19 -3.59
CA VAL A 33 -15.36 -21.80 -2.19
C VAL A 33 -14.00 -21.14 -1.97
N VAL A 34 -12.96 -21.56 -2.71
CA VAL A 34 -11.58 -21.04 -2.55
C VAL A 34 -11.50 -19.58 -2.97
N LEU A 35 -12.34 -19.15 -3.92
CA LEU A 35 -12.47 -17.75 -4.34
C LEU A 35 -12.74 -16.83 -3.15
N LYS A 36 -13.81 -17.10 -2.37
CA LYS A 36 -14.18 -16.27 -1.21
C LYS A 36 -13.10 -16.23 -0.12
N LYS A 37 -12.47 -17.37 0.17
CA LYS A 37 -11.36 -17.50 1.14
C LYS A 37 -10.14 -16.71 0.69
N LEU A 38 -9.72 -16.86 -0.57
CA LEU A 38 -8.60 -16.13 -1.16
C LEU A 38 -8.86 -14.63 -1.28
N LYS A 39 -10.09 -14.18 -1.60
CA LYS A 39 -10.48 -12.76 -1.57
C LYS A 39 -10.29 -12.15 -0.17
N LYS A 40 -10.84 -12.81 0.85
CA LYS A 40 -10.70 -12.40 2.26
C LYS A 40 -9.23 -12.39 2.73
N SER A 41 -8.47 -13.42 2.40
CA SER A 41 -7.01 -13.50 2.64
C SER A 41 -6.25 -12.37 1.95
N LEU A 42 -6.56 -12.09 0.68
CA LEU A 42 -5.93 -11.02 -0.10
C LEU A 42 -6.15 -9.64 0.51
N ASN A 43 -7.33 -9.34 1.08
CA ASN A 43 -7.57 -8.07 1.76
C ASN A 43 -6.52 -7.81 2.88
N VAL A 44 -6.22 -8.83 3.70
CA VAL A 44 -5.16 -8.76 4.73
C VAL A 44 -3.79 -8.46 4.10
N ALA A 45 -3.41 -9.21 3.05
CA ALA A 45 -2.14 -9.04 2.37
C ALA A 45 -1.98 -7.66 1.69
N LYS A 46 -3.02 -7.15 1.01
CA LYS A 46 -3.06 -5.81 0.42
C LYS A 46 -2.96 -4.73 1.50
N SER A 47 -3.61 -4.90 2.65
CA SER A 47 -3.53 -3.95 3.77
C SER A 47 -2.10 -3.72 4.30
N GLU A 48 -1.18 -4.67 4.14
CA GLU A 48 0.24 -4.46 4.44
C GLU A 48 0.86 -3.34 3.57
N PHE A 49 0.41 -3.20 2.31
CA PHE A 49 0.79 -2.11 1.41
C PHE A 49 0.40 -0.77 2.04
N ASP A 50 -0.88 -0.55 2.30
CA ASP A 50 -1.37 0.72 2.86
C ASP A 50 -0.69 1.06 4.21
N ARG A 51 -0.45 0.05 5.06
CA ARG A 51 0.26 0.18 6.35
C ARG A 51 1.70 0.66 6.18
N ASP A 52 2.53 -0.06 5.43
CA ASP A 52 3.94 0.30 5.23
C ASP A 52 4.11 1.57 4.36
N ALA A 53 3.28 1.73 3.33
CA ALA A 53 3.22 2.95 2.53
C ALA A 53 2.93 4.19 3.40
N ALA A 54 1.96 4.15 4.31
CA ALA A 54 1.65 5.27 5.21
C ALA A 54 2.87 5.72 6.06
N MET A 55 3.63 4.77 6.61
CA MET A 55 4.88 5.06 7.35
C MET A 55 5.94 5.75 6.48
N GLN A 56 6.14 5.26 5.25
CA GLN A 56 7.05 5.89 4.29
C GLN A 56 6.56 7.29 3.87
N ARG A 57 5.26 7.45 3.58
CA ARG A 57 4.59 8.70 3.20
C ARG A 57 4.78 9.80 4.24
N LYS A 58 4.70 9.48 5.54
CA LYS A 58 4.95 10.41 6.65
C LYS A 58 6.31 11.10 6.54
N LEU A 59 7.37 10.34 6.27
CA LEU A 59 8.73 10.84 6.06
C LEU A 59 8.86 11.57 4.71
N GLU A 60 8.35 10.98 3.62
CA GLU A 60 8.35 11.58 2.27
C GLU A 60 7.69 12.97 2.21
N LYS A 61 6.60 13.20 2.98
CA LYS A 61 5.96 14.53 3.12
C LYS A 61 6.92 15.63 3.55
N MET A 62 7.88 15.34 4.43
CA MET A 62 8.91 16.30 4.87
C MET A 62 9.87 16.68 3.72
N ALA A 63 10.27 15.70 2.89
CA ALA A 63 11.03 15.95 1.67
C ALA A 63 10.21 16.69 0.59
N ASP A 64 8.92 16.38 0.42
CA ASP A 64 8.03 17.02 -0.56
C ASP A 64 7.91 18.55 -0.35
N GLN A 65 7.91 19.03 0.89
CA GLN A 65 7.95 20.46 1.21
C GLN A 65 9.22 21.13 0.65
N ALA A 66 10.39 20.50 0.84
CA ALA A 66 11.66 20.98 0.27
C ALA A 66 11.70 20.88 -1.27
N MET A 67 11.11 19.83 -1.87
CA MET A 67 11.01 19.69 -3.33
C MET A 67 10.19 20.82 -3.97
N THR A 68 9.14 21.32 -3.30
CA THR A 68 8.32 22.45 -3.80
C THR A 68 9.16 23.70 -4.04
N GLN A 69 10.24 23.92 -3.27
CA GLN A 69 11.18 25.02 -3.48
C GLN A 69 11.84 24.98 -4.89
N MET A 70 12.14 23.79 -5.42
CA MET A 70 12.68 23.59 -6.77
C MET A 70 11.65 23.77 -7.90
N TYR A 71 10.35 23.73 -7.62
CA TYR A 71 9.30 24.13 -8.60
C TYR A 71 9.20 25.66 -8.75
N LYS A 72 9.41 26.43 -7.67
CA LYS A 72 9.40 27.91 -7.69
C LYS A 72 10.76 28.57 -8.01
N GLN A 73 11.82 27.79 -8.19
CA GLN A 73 13.19 28.24 -8.52
C GLN A 73 13.56 27.92 -9.99
N ALA A 74 14.67 28.50 -10.46
CA ALA A 74 15.27 28.24 -11.77
C ALA A 74 15.92 26.84 -11.85
N ARG A 75 15.11 25.84 -12.23
CA ARG A 75 15.53 24.47 -12.56
C ARG A 75 15.94 24.34 -14.04
N SER A 76 16.56 23.20 -14.39
CA SER A 76 16.82 22.79 -15.79
C SER A 76 15.54 22.40 -16.53
N GLU A 77 15.57 22.47 -17.87
CA GLU A 77 14.53 21.92 -18.75
C GLU A 77 14.81 20.44 -19.06
N ASP A 78 14.47 19.55 -18.12
CA ASP A 78 14.41 18.11 -18.31
C ASP A 78 12.95 17.62 -18.31
N LYS A 79 12.66 16.59 -19.12
CA LYS A 79 11.37 15.87 -19.13
C LYS A 79 11.13 15.11 -17.82
N ARG A 80 9.90 14.61 -17.64
CA ARG A 80 9.50 13.68 -16.55
C ARG A 80 8.95 12.37 -17.12
N ALA A 81 9.08 11.31 -16.34
CA ALA A 81 8.36 10.05 -16.57
C ALA A 81 6.88 10.18 -16.11
N LYS A 82 6.06 9.19 -16.50
CA LYS A 82 4.70 8.94 -15.97
C LYS A 82 4.46 7.44 -15.78
N VAL A 83 3.43 7.08 -15.01
CA VAL A 83 3.07 5.70 -14.67
C VAL A 83 1.65 5.41 -15.15
N THR A 84 1.53 4.97 -16.40
CA THR A 84 0.27 4.62 -17.09
C THR A 84 -0.39 3.38 -16.46
N ALA A 1 14.17 1.88 -13.47
CA ALA A 1 13.29 3.07 -13.27
C ALA A 1 12.05 2.73 -12.43
N ILE A 2 11.15 1.85 -12.92
CA ILE A 2 9.92 1.42 -12.21
C ILE A 2 10.27 0.75 -10.86
N ALA A 3 9.88 1.40 -9.75
CA ALA A 3 10.02 0.92 -8.38
C ALA A 3 8.86 1.44 -7.51
N SER A 4 7.84 0.60 -7.32
CA SER A 4 6.69 0.91 -6.44
C SER A 4 7.11 1.02 -4.98
N GLU A 5 6.35 1.78 -4.19
CA GLU A 5 6.72 2.13 -2.81
C GLU A 5 6.77 0.91 -1.85
N PHE A 6 5.91 -0.09 -2.07
CA PHE A 6 5.97 -1.37 -1.36
C PHE A 6 6.88 -2.41 -2.03
N SER A 7 7.12 -2.33 -3.34
CA SER A 7 7.96 -3.30 -4.09
C SER A 7 9.39 -3.44 -3.52
N SER A 8 9.91 -2.37 -2.92
CA SER A 8 11.21 -2.33 -2.22
C SER A 8 11.27 -3.14 -0.90
N LEU A 9 10.13 -3.47 -0.29
CA LEU A 9 10.03 -4.23 0.96
C LEU A 9 10.05 -5.75 0.69
N PRO A 10 10.53 -6.58 1.64
CA PRO A 10 10.52 -8.04 1.51
C PRO A 10 9.11 -8.65 1.60
N SER A 11 8.19 -8.00 2.34
CA SER A 11 6.80 -8.46 2.52
C SER A 11 5.95 -8.38 1.24
N TYR A 12 6.34 -7.58 0.25
CA TYR A 12 5.69 -7.51 -1.06
C TYR A 12 5.70 -8.86 -1.79
N ALA A 13 6.77 -9.66 -1.65
CA ALA A 13 6.84 -10.99 -2.27
C ALA A 13 5.73 -11.92 -1.76
N ALA A 14 5.46 -11.92 -0.44
CA ALA A 14 4.36 -12.66 0.16
C ALA A 14 2.98 -12.18 -0.33
N PHE A 15 2.78 -10.86 -0.46
CA PHE A 15 1.60 -10.28 -1.11
C PHE A 15 1.44 -10.80 -2.55
N ALA A 16 2.48 -10.74 -3.37
CA ALA A 16 2.46 -11.23 -4.75
C ALA A 16 2.06 -12.71 -4.85
N THR A 17 2.60 -13.58 -3.99
CA THR A 17 2.19 -15.00 -3.92
C THR A 17 0.73 -15.19 -3.50
N ALA A 18 0.25 -14.43 -2.50
CA ALA A 18 -1.13 -14.49 -2.02
C ALA A 18 -2.15 -14.00 -3.07
N GLN A 19 -1.90 -12.85 -3.70
CA GLN A 19 -2.75 -12.29 -4.76
C GLN A 19 -2.71 -13.15 -6.03
N GLU A 20 -1.57 -13.77 -6.35
CA GLU A 20 -1.46 -14.73 -7.46
C GLU A 20 -2.41 -15.91 -7.24
N ALA A 21 -2.40 -16.53 -6.06
CA ALA A 21 -3.32 -17.63 -5.74
C ALA A 21 -4.79 -17.23 -5.99
N TYR A 22 -5.23 -16.05 -5.55
CA TYR A 22 -6.56 -15.51 -5.84
C TYR A 22 -6.82 -15.34 -7.34
N GLU A 23 -6.03 -14.51 -8.03
CA GLU A 23 -6.20 -14.21 -9.46
C GLU A 23 -6.15 -15.46 -10.36
N GLN A 24 -5.30 -16.43 -10.02
CA GLN A 24 -5.23 -17.73 -10.70
C GLN A 24 -6.49 -18.56 -10.44
N ALA A 25 -6.89 -18.72 -9.17
CA ALA A 25 -8.09 -19.48 -8.78
C ALA A 25 -9.37 -18.93 -9.42
N VAL A 26 -9.61 -17.61 -9.40
CA VAL A 26 -10.81 -17.00 -10.00
C VAL A 26 -10.86 -17.17 -11.53
N ALA A 27 -9.71 -17.13 -12.20
CA ALA A 27 -9.59 -17.36 -13.65
C ALA A 27 -9.78 -18.84 -14.04
N ASN A 28 -9.30 -19.78 -13.21
CA ASN A 28 -9.45 -21.22 -13.42
C ASN A 28 -10.82 -21.76 -13.00
N GLY A 29 -11.52 -21.08 -12.07
CA GLY A 29 -12.84 -21.46 -11.56
C GLY A 29 -12.84 -22.77 -10.75
N ASP A 30 -11.73 -23.10 -10.09
CA ASP A 30 -11.47 -24.42 -9.50
C ASP A 30 -12.45 -24.82 -8.38
N SER A 31 -12.87 -23.86 -7.55
CA SER A 31 -13.84 -24.03 -6.44
C SER A 31 -14.46 -22.69 -6.05
N GLU A 32 -15.76 -22.53 -6.21
CA GLU A 32 -16.47 -21.26 -5.92
C GLU A 32 -16.35 -20.78 -4.46
N VAL A 33 -16.13 -21.69 -3.51
CA VAL A 33 -15.83 -21.36 -2.11
C VAL A 33 -14.42 -20.78 -1.92
N VAL A 34 -13.44 -21.26 -2.69
CA VAL A 34 -12.02 -20.86 -2.61
C VAL A 34 -11.84 -19.39 -3.02
N LEU A 35 -12.64 -18.92 -3.98
CA LEU A 35 -12.74 -17.51 -4.37
C LEU A 35 -12.98 -16.62 -3.14
N LYS A 36 -14.04 -16.86 -2.37
CA LYS A 36 -14.39 -16.07 -1.18
C LYS A 36 -13.30 -16.08 -0.11
N LYS A 37 -12.68 -17.24 0.15
CA LYS A 37 -11.59 -17.41 1.13
C LYS A 37 -10.34 -16.62 0.73
N LEU A 38 -9.90 -16.78 -0.53
CA LEU A 38 -8.75 -16.08 -1.09
C LEU A 38 -8.98 -14.56 -1.24
N LYS A 39 -10.20 -14.10 -1.51
CA LYS A 39 -10.56 -12.67 -1.48
C LYS A 39 -10.32 -12.06 -0.09
N LYS A 40 -10.73 -12.76 0.97
CA LYS A 40 -10.48 -12.36 2.36
C LYS A 40 -8.99 -12.27 2.71
N SER A 41 -8.18 -13.26 2.35
CA SER A 41 -6.72 -13.17 2.54
C SER A 41 -6.04 -12.13 1.65
N LEU A 42 -6.55 -11.87 0.43
CA LEU A 42 -6.08 -10.76 -0.42
C LEU A 42 -6.28 -9.39 0.26
N ASN A 43 -7.42 -9.15 0.92
CA ASN A 43 -7.64 -7.88 1.64
C ASN A 43 -6.49 -7.59 2.62
N VAL A 44 -6.09 -8.56 3.44
CA VAL A 44 -4.92 -8.48 4.34
C VAL A 44 -3.63 -8.24 3.54
N ALA A 45 -3.34 -9.10 2.56
CA ALA A 45 -2.12 -9.06 1.75
C ALA A 45 -1.92 -7.70 1.02
N LYS A 46 -2.97 -7.15 0.41
CA LYS A 46 -2.96 -5.83 -0.26
C LYS A 46 -2.97 -4.66 0.74
N SER A 47 -3.54 -4.82 1.94
CA SER A 47 -3.44 -3.82 3.01
C SER A 47 -1.99 -3.58 3.46
N GLU A 48 -1.13 -4.60 3.47
CA GLU A 48 0.32 -4.41 3.75
C GLU A 48 0.97 -3.39 2.81
N PHE A 49 0.58 -3.36 1.52
CA PHE A 49 1.01 -2.33 0.57
C PHE A 49 0.64 -0.94 1.08
N ASP A 50 -0.65 -0.70 1.38
CA ASP A 50 -1.14 0.60 1.86
C ASP A 50 -0.44 1.04 3.16
N ARG A 51 -0.27 0.13 4.12
CA ARG A 51 0.45 0.37 5.39
C ARG A 51 1.90 0.76 5.16
N ASP A 52 2.69 -0.07 4.50
CA ASP A 52 4.12 0.19 4.28
C ASP A 52 4.39 1.40 3.34
N ALA A 53 3.57 1.58 2.30
CA ALA A 53 3.59 2.80 1.47
C ALA A 53 3.28 4.06 2.30
N ALA A 54 2.24 4.04 3.13
CA ALA A 54 1.90 5.14 4.05
C ALA A 54 3.05 5.45 5.01
N MET A 55 3.71 4.45 5.60
CA MET A 55 4.90 4.65 6.44
C MET A 55 6.01 5.44 5.73
N GLN A 56 6.32 5.11 4.46
CA GLN A 56 7.29 5.87 3.67
C GLN A 56 6.81 7.30 3.33
N ARG A 57 5.54 7.49 2.92
CA ARG A 57 4.96 8.82 2.69
C ARG A 57 4.91 9.70 3.94
N LYS A 58 4.65 9.13 5.12
CA LYS A 58 4.60 9.82 6.42
C LYS A 58 5.89 10.56 6.75
N LEU A 59 7.06 10.04 6.38
CA LEU A 59 8.35 10.76 6.54
C LEU A 59 8.34 12.10 5.77
N GLU A 60 7.96 12.08 4.48
CA GLU A 60 7.86 13.28 3.65
C GLU A 60 6.76 14.22 4.15
N LYS A 61 5.56 13.69 4.43
CA LYS A 61 4.42 14.47 4.95
C LYS A 61 4.73 15.16 6.28
N MET A 62 5.46 14.51 7.19
CA MET A 62 5.89 15.09 8.48
C MET A 62 6.72 16.37 8.33
N ALA A 63 7.58 16.45 7.30
CA ALA A 63 8.38 17.64 7.00
C ALA A 63 7.50 18.85 6.60
N ASP A 64 6.49 18.62 5.75
CA ASP A 64 5.48 19.62 5.40
C ASP A 64 4.57 19.98 6.59
N GLN A 65 4.11 18.97 7.34
CA GLN A 65 3.27 19.12 8.52
C GLN A 65 3.93 19.99 9.60
N ALA A 66 5.25 19.88 9.82
CA ALA A 66 5.99 20.73 10.75
C ALA A 66 5.87 22.24 10.44
N MET A 67 5.88 22.63 9.16
CA MET A 67 5.60 24.00 8.72
C MET A 67 4.12 24.36 8.96
N THR A 68 3.17 23.52 8.53
CA THR A 68 1.73 23.73 8.72
C THR A 68 1.34 23.89 10.20
N GLN A 69 1.95 23.11 11.10
CA GLN A 69 1.71 23.13 12.55
C GLN A 69 1.99 24.50 13.20
N MET A 70 2.85 25.33 12.62
CA MET A 70 3.06 26.72 13.08
C MET A 70 1.82 27.60 12.86
N TYR A 71 1.12 27.42 11.75
CA TYR A 71 -0.12 28.14 11.41
C TYR A 71 -1.36 27.50 12.06
N LYS A 72 -1.40 26.16 12.15
CA LYS A 72 -2.46 25.33 12.75
C LYS A 72 -2.26 25.04 14.25
N GLN A 73 -1.37 25.78 14.92
CA GLN A 73 -1.01 25.62 16.33
C GLN A 73 -2.24 25.64 17.26
N ALA A 74 -2.20 24.91 18.38
CA ALA A 74 -3.28 24.79 19.37
C ALA A 74 -3.79 26.16 19.87
N ARG A 75 -4.97 26.57 19.39
CA ARG A 75 -5.61 27.88 19.60
C ARG A 75 -7.14 27.71 19.72
N SER A 76 -7.84 28.72 20.23
CA SER A 76 -9.31 28.78 20.32
C SER A 76 -9.98 28.81 18.93
N GLU A 77 -10.39 27.65 18.43
CA GLU A 77 -11.13 27.43 17.18
C GLU A 77 -12.03 26.19 17.32
N ASP A 78 -13.28 26.28 16.87
CA ASP A 78 -14.21 25.15 16.80
C ASP A 78 -13.79 24.15 15.70
N LYS A 79 -13.59 22.88 16.08
CA LYS A 79 -13.23 21.76 15.18
C LYS A 79 -14.48 21.05 14.63
N ARG A 80 -14.27 20.04 13.78
CA ARG A 80 -15.29 19.13 13.21
C ARG A 80 -14.96 17.67 13.56
N ALA A 81 -15.99 16.90 13.91
CA ALA A 81 -15.93 15.46 14.19
C ALA A 81 -17.20 14.73 13.71
N LYS A 82 -17.15 13.40 13.59
CA LYS A 82 -18.31 12.56 13.22
C LYS A 82 -19.33 12.49 14.37
N VAL A 83 -20.53 13.02 14.14
CA VAL A 83 -21.66 12.95 15.09
C VAL A 83 -22.11 11.50 15.30
N THR A 84 -22.26 11.09 16.57
CA THR A 84 -22.71 9.76 17.02
C THR A 84 -24.14 9.80 17.56
N ALA A 1 9.53 2.86 -15.93
CA ALA A 1 9.78 3.46 -14.58
C ALA A 1 8.89 2.83 -13.48
N ILE A 2 8.71 1.50 -13.49
CA ILE A 2 7.93 0.77 -12.48
C ILE A 2 8.73 0.61 -11.17
N ALA A 3 8.28 1.30 -10.12
CA ALA A 3 8.81 1.19 -8.76
C ALA A 3 7.67 1.34 -7.72
N SER A 4 7.21 0.22 -7.17
CA SER A 4 6.29 0.18 -6.03
C SER A 4 7.03 0.41 -4.70
N GLU A 5 6.42 1.18 -3.79
CA GLU A 5 6.97 1.43 -2.46
C GLU A 5 6.91 0.19 -1.55
N PHE A 6 5.86 -0.65 -1.68
CA PHE A 6 5.73 -1.87 -0.88
C PHE A 6 6.53 -3.05 -1.44
N SER A 7 6.82 -3.08 -2.74
CA SER A 7 7.61 -4.15 -3.40
C SER A 7 8.99 -4.38 -2.76
N SER A 8 9.57 -3.34 -2.14
CA SER A 8 10.84 -3.42 -1.39
C SER A 8 10.77 -4.24 -0.09
N LEU A 9 9.57 -4.43 0.49
CA LEU A 9 9.35 -5.19 1.74
C LEU A 9 9.20 -6.70 1.46
N PRO A 10 9.56 -7.58 2.41
CA PRO A 10 9.39 -9.03 2.26
C PRO A 10 7.91 -9.46 2.27
N SER A 11 7.06 -8.75 3.01
CA SER A 11 5.61 -9.04 3.15
C SER A 11 4.84 -8.88 1.81
N TYR A 12 5.32 -8.04 0.89
CA TYR A 12 4.77 -7.90 -0.46
C TYR A 12 4.74 -9.24 -1.22
N ALA A 13 5.74 -10.10 -1.07
CA ALA A 13 5.78 -11.40 -1.75
C ALA A 13 4.58 -12.29 -1.40
N ALA A 14 4.19 -12.32 -0.12
CA ALA A 14 3.00 -13.04 0.36
C ALA A 14 1.72 -12.50 -0.27
N PHE A 15 1.55 -11.16 -0.26
CA PHE A 15 0.46 -10.44 -0.94
C PHE A 15 0.40 -10.79 -2.43
N ALA A 16 1.47 -10.54 -3.19
CA ALA A 16 1.54 -10.75 -4.63
C ALA A 16 1.25 -12.21 -5.03
N THR A 17 1.78 -13.18 -4.26
CA THR A 17 1.48 -14.62 -4.42
C THR A 17 -0.01 -14.91 -4.25
N ALA A 18 -0.65 -14.37 -3.20
CA ALA A 18 -2.09 -14.55 -2.98
C ALA A 18 -2.94 -13.86 -4.07
N GLN A 19 -2.54 -12.64 -4.48
CA GLN A 19 -3.17 -11.85 -5.54
C GLN A 19 -3.17 -12.61 -6.88
N GLU A 20 -2.01 -13.13 -7.31
CA GLU A 20 -1.87 -13.98 -8.49
C GLU A 20 -2.72 -15.25 -8.37
N ALA A 21 -2.54 -16.03 -7.30
CA ALA A 21 -3.27 -17.28 -7.07
C ALA A 21 -4.78 -17.06 -7.18
N TYR A 22 -5.29 -15.97 -6.61
CA TYR A 22 -6.70 -15.59 -6.64
C TYR A 22 -7.18 -15.20 -8.04
N GLU A 23 -6.49 -14.25 -8.71
CA GLU A 23 -6.86 -13.83 -10.08
C GLU A 23 -6.79 -14.99 -11.09
N GLN A 24 -5.83 -15.91 -10.95
CA GLN A 24 -5.79 -17.15 -11.71
C GLN A 24 -6.96 -18.07 -11.34
N ALA A 25 -7.18 -18.34 -10.05
CA ALA A 25 -8.25 -19.22 -9.57
C ALA A 25 -9.66 -18.76 -10.00
N VAL A 26 -10.01 -17.48 -9.88
CA VAL A 26 -11.32 -16.96 -10.33
C VAL A 26 -11.52 -17.11 -11.85
N ALA A 27 -10.45 -16.90 -12.63
CA ALA A 27 -10.45 -16.98 -14.09
C ALA A 27 -10.55 -18.43 -14.61
N ASN A 28 -9.85 -19.36 -13.98
CA ASN A 28 -9.86 -20.79 -14.31
C ASN A 28 -11.06 -21.54 -13.71
N GLY A 29 -11.71 -20.97 -12.67
CA GLY A 29 -12.86 -21.57 -11.98
C GLY A 29 -12.52 -22.86 -11.22
N ASP A 30 -11.27 -23.00 -10.75
CA ASP A 30 -10.69 -24.27 -10.29
C ASP A 30 -11.39 -24.83 -9.03
N SER A 31 -11.50 -24.02 -7.96
CA SER A 31 -12.15 -24.34 -6.69
C SER A 31 -12.79 -23.08 -6.07
N GLU A 32 -14.12 -23.02 -5.99
CA GLU A 32 -14.87 -21.87 -5.47
C GLU A 32 -14.50 -21.48 -4.02
N VAL A 33 -14.19 -22.47 -3.18
CA VAL A 33 -13.74 -22.29 -1.79
C VAL A 33 -12.38 -21.58 -1.67
N VAL A 34 -11.49 -21.84 -2.63
CA VAL A 34 -10.15 -21.20 -2.71
C VAL A 34 -10.32 -19.70 -2.93
N LEU A 35 -11.32 -19.29 -3.73
CA LEU A 35 -11.62 -17.89 -4.03
C LEU A 35 -12.00 -17.14 -2.76
N LYS A 36 -12.99 -17.62 -2.02
CA LYS A 36 -13.43 -17.05 -0.74
C LYS A 36 -12.27 -16.94 0.26
N LYS A 37 -11.46 -17.99 0.40
CA LYS A 37 -10.33 -18.04 1.34
C LYS A 37 -9.25 -17.03 0.97
N LEU A 38 -8.85 -17.03 -0.31
CA LEU A 38 -7.89 -16.08 -0.85
C LEU A 38 -8.37 -14.64 -0.74
N LYS A 39 -9.60 -14.31 -1.16
CA LYS A 39 -10.18 -12.95 -1.09
C LYS A 39 -10.08 -12.38 0.33
N LYS A 40 -10.49 -13.17 1.33
CA LYS A 40 -10.34 -12.83 2.76
C LYS A 40 -8.89 -12.51 3.15
N SER A 41 -7.95 -13.38 2.81
CA SER A 41 -6.50 -13.16 3.02
C SER A 41 -5.97 -11.91 2.30
N LEU A 42 -6.40 -11.70 1.03
CA LEU A 42 -6.02 -10.59 0.15
C LEU A 42 -6.38 -9.24 0.78
N ASN A 43 -7.57 -9.09 1.40
CA ASN A 43 -7.96 -7.87 2.12
C ASN A 43 -6.91 -7.45 3.17
N VAL A 44 -6.45 -8.39 4.00
CA VAL A 44 -5.38 -8.16 4.98
C VAL A 44 -4.04 -7.90 4.29
N ALA A 45 -3.64 -8.74 3.35
CA ALA A 45 -2.34 -8.67 2.67
C ALA A 45 -2.14 -7.36 1.87
N LYS A 46 -3.16 -6.89 1.15
CA LYS A 46 -3.19 -5.58 0.47
C LYS A 46 -3.20 -4.40 1.45
N SER A 47 -3.81 -4.56 2.63
CA SER A 47 -3.77 -3.54 3.69
C SER A 47 -2.33 -3.24 4.15
N GLU A 48 -1.44 -4.23 4.15
CA GLU A 48 -0.01 -4.04 4.42
C GLU A 48 0.67 -3.09 3.41
N PHE A 49 0.29 -3.14 2.13
CA PHE A 49 0.73 -2.20 1.09
C PHE A 49 0.39 -0.77 1.50
N ASP A 50 -0.90 -0.47 1.70
CA ASP A 50 -1.36 0.87 2.05
C ASP A 50 -0.71 1.40 3.35
N ARG A 51 -0.55 0.52 4.35
CA ARG A 51 0.12 0.81 5.63
C ARG A 51 1.60 1.18 5.45
N ASP A 52 2.41 0.34 4.80
CA ASP A 52 3.84 0.61 4.59
C ASP A 52 4.09 1.75 3.60
N ALA A 53 3.30 1.88 2.53
CA ALA A 53 3.36 3.02 1.61
C ALA A 53 3.05 4.36 2.32
N ALA A 54 2.09 4.40 3.26
CA ALA A 54 1.80 5.58 4.07
C ALA A 54 2.98 6.01 4.97
N MET A 55 3.75 5.07 5.52
CA MET A 55 4.99 5.37 6.25
C MET A 55 6.02 6.09 5.36
N GLN A 56 6.13 5.70 4.09
CA GLN A 56 7.01 6.35 3.11
C GLN A 56 6.55 7.80 2.81
N ARG A 57 5.24 8.04 2.67
CA ARG A 57 4.67 9.40 2.52
C ARG A 57 5.00 10.31 3.71
N LYS A 58 5.02 9.76 4.94
CA LYS A 58 5.38 10.49 6.17
C LYS A 58 6.80 11.08 6.13
N LEU A 59 7.76 10.38 5.50
CA LEU A 59 9.12 10.87 5.27
C LEU A 59 9.14 12.17 4.44
N GLU A 60 8.36 12.22 3.36
CA GLU A 60 8.19 13.42 2.52
C GLU A 60 7.52 14.56 3.31
N LYS A 61 6.46 14.25 4.06
CA LYS A 61 5.75 15.22 4.92
C LYS A 61 6.66 15.82 6.01
N MET A 62 7.56 15.02 6.59
CA MET A 62 8.53 15.46 7.60
C MET A 62 9.44 16.59 7.10
N ALA A 63 9.87 16.55 5.83
CA ALA A 63 10.69 17.60 5.23
C ALA A 63 9.96 18.96 5.16
N ASP A 64 8.65 18.97 4.89
CA ASP A 64 7.82 20.18 4.95
C ASP A 64 7.54 20.63 6.40
N GLN A 65 7.29 19.69 7.33
CA GLN A 65 7.12 20.00 8.77
C GLN A 65 8.39 20.59 9.41
N ALA A 66 9.58 20.23 8.92
CA ALA A 66 10.84 20.88 9.31
C ALA A 66 10.86 22.37 8.96
N MET A 67 10.35 22.79 7.79
CA MET A 67 10.22 24.21 7.44
C MET A 67 9.31 24.97 8.44
N THR A 68 8.26 24.33 8.95
CA THR A 68 7.32 24.94 9.92
C THR A 68 8.02 25.44 11.20
N GLN A 69 9.14 24.81 11.60
CA GLN A 69 9.94 25.23 12.75
C GLN A 69 10.50 26.66 12.62
N MET A 70 10.70 27.15 11.39
CA MET A 70 11.22 28.49 11.09
C MET A 70 10.20 29.59 11.43
N TYR A 71 8.92 29.32 11.12
CA TYR A 71 7.78 30.20 11.41
C TYR A 71 7.36 30.11 12.89
N LYS A 72 7.34 28.90 13.45
CA LYS A 72 7.05 28.59 14.86
C LYS A 72 8.29 28.58 15.76
N GLN A 73 9.34 29.35 15.42
CA GLN A 73 10.53 29.50 16.28
C GLN A 73 10.16 30.00 17.70
N ALA A 74 11.03 29.74 18.67
CA ALA A 74 10.90 30.20 20.06
C ALA A 74 10.86 31.74 20.14
N ARG A 75 9.66 32.28 20.36
CA ARG A 75 9.34 33.72 20.43
C ARG A 75 8.41 34.00 21.61
N SER A 76 8.31 35.28 22.01
CA SER A 76 7.46 35.75 23.11
C SER A 76 5.95 35.66 22.78
N GLU A 77 5.33 34.52 23.09
CA GLU A 77 3.90 34.24 22.93
C GLU A 77 3.36 33.49 24.16
N ASP A 78 2.47 34.13 24.92
CA ASP A 78 1.70 33.50 26.00
C ASP A 78 0.49 32.73 25.43
N LYS A 79 0.49 31.41 25.56
CA LYS A 79 -0.60 30.50 25.19
C LYS A 79 -0.83 29.39 26.23
N ARG A 80 -2.01 28.77 26.20
CA ARG A 80 -2.32 27.54 26.97
C ARG A 80 -1.42 26.38 26.53
N ALA A 81 -1.25 25.41 27.43
CA ALA A 81 -0.61 24.13 27.18
C ALA A 81 -1.48 22.98 27.71
N LYS A 82 -1.24 21.77 27.20
CA LYS A 82 -1.91 20.51 27.61
C LYS A 82 -0.87 19.47 28.00
N VAL A 83 -1.25 18.58 28.92
CA VAL A 83 -0.43 17.44 29.37
C VAL A 83 -0.91 16.13 28.73
N THR A 84 -0.01 15.17 28.57
CA THR A 84 -0.21 13.90 27.85
C THR A 84 0.28 12.68 28.63
N ALA A 1 14.28 1.42 -14.12
CA ALA A 1 14.24 2.10 -12.80
C ALA A 1 12.80 2.23 -12.28
N ILE A 2 12.22 1.09 -11.86
CA ILE A 2 10.85 0.96 -11.30
C ILE A 2 10.92 0.12 -10.02
N ALA A 3 10.75 0.78 -8.87
CA ALA A 3 10.63 0.17 -7.54
C ALA A 3 9.65 1.00 -6.68
N SER A 4 8.47 0.46 -6.43
CA SER A 4 7.45 1.03 -5.53
C SER A 4 7.90 1.01 -4.06
N GLU A 5 7.23 1.79 -3.20
CA GLU A 5 7.57 1.86 -1.77
C GLU A 5 7.53 0.48 -1.08
N PHE A 6 6.57 -0.38 -1.43
CA PHE A 6 6.45 -1.72 -0.87
C PHE A 6 7.25 -2.79 -1.63
N SER A 7 7.40 -2.68 -2.96
CA SER A 7 8.05 -3.72 -3.79
C SER A 7 9.54 -3.95 -3.46
N SER A 8 10.20 -2.95 -2.85
CA SER A 8 11.55 -3.06 -2.28
C SER A 8 11.65 -3.93 -1.02
N LEU A 9 10.54 -4.17 -0.30
CA LEU A 9 10.51 -4.96 0.94
C LEU A 9 10.29 -6.47 0.63
N PRO A 10 10.78 -7.39 1.49
CA PRO A 10 10.59 -8.83 1.27
C PRO A 10 9.13 -9.27 1.45
N SER A 11 8.36 -8.60 2.30
CA SER A 11 6.94 -8.90 2.59
C SER A 11 6.01 -8.72 1.38
N TYR A 12 6.40 -7.92 0.39
CA TYR A 12 5.69 -7.77 -0.87
C TYR A 12 5.57 -9.08 -1.65
N ALA A 13 6.60 -9.95 -1.61
CA ALA A 13 6.57 -11.23 -2.32
C ALA A 13 5.42 -12.13 -1.84
N ALA A 14 5.18 -12.20 -0.53
CA ALA A 14 4.04 -12.93 0.06
C ALA A 14 2.69 -12.40 -0.46
N PHE A 15 2.52 -11.07 -0.52
CA PHE A 15 1.38 -10.43 -1.16
C PHE A 15 1.24 -10.83 -2.64
N ALA A 16 2.26 -10.62 -3.47
CA ALA A 16 2.22 -10.92 -4.91
C ALA A 16 1.87 -12.39 -5.20
N THR A 17 2.46 -13.34 -4.45
CA THR A 17 2.12 -14.77 -4.53
C THR A 17 0.65 -15.05 -4.18
N ALA A 18 0.11 -14.46 -3.10
CA ALA A 18 -1.30 -14.60 -2.74
C ALA A 18 -2.24 -13.95 -3.78
N GLN A 19 -1.88 -12.78 -4.32
CA GLN A 19 -2.59 -12.04 -5.36
C GLN A 19 -2.71 -12.87 -6.64
N GLU A 20 -1.60 -13.43 -7.12
CA GLU A 20 -1.57 -14.37 -8.25
C GLU A 20 -2.42 -15.62 -7.96
N ALA A 21 -2.19 -16.31 -6.84
CA ALA A 21 -2.92 -17.52 -6.48
C ALA A 21 -4.45 -17.29 -6.49
N TYR A 22 -4.91 -16.18 -5.93
CA TYR A 22 -6.31 -15.75 -5.98
C TYR A 22 -6.80 -15.50 -7.43
N GLU A 23 -6.20 -14.56 -8.17
CA GLU A 23 -6.65 -14.24 -9.54
C GLU A 23 -6.64 -15.43 -10.49
N GLN A 24 -5.60 -16.29 -10.41
CA GLN A 24 -5.53 -17.54 -11.16
C GLN A 24 -6.68 -18.47 -10.78
N ALA A 25 -6.89 -18.73 -9.49
CA ALA A 25 -8.03 -19.55 -9.02
C ALA A 25 -9.39 -19.03 -9.51
N VAL A 26 -9.61 -17.71 -9.51
CA VAL A 26 -10.83 -17.07 -10.06
C VAL A 26 -11.00 -17.39 -11.54
N ALA A 27 -9.99 -17.12 -12.37
CA ALA A 27 -10.03 -17.36 -13.81
C ALA A 27 -10.10 -18.85 -14.21
N ASN A 28 -9.51 -19.74 -13.41
CA ASN A 28 -9.54 -21.19 -13.61
C ASN A 28 -10.83 -21.85 -13.08
N GLY A 29 -11.57 -21.19 -12.17
CA GLY A 29 -12.80 -21.70 -11.57
C GLY A 29 -12.61 -22.95 -10.71
N ASP A 30 -11.50 -23.05 -9.98
CA ASP A 30 -11.11 -24.26 -9.22
C ASP A 30 -12.11 -24.63 -8.11
N SER A 31 -12.65 -23.65 -7.36
CA SER A 31 -13.63 -23.82 -6.28
C SER A 31 -14.29 -22.50 -5.89
N GLU A 32 -15.58 -22.32 -6.17
CA GLU A 32 -16.36 -21.10 -5.93
C GLU A 32 -16.31 -20.61 -4.47
N VAL A 33 -16.18 -21.53 -3.50
CA VAL A 33 -16.01 -21.19 -2.08
C VAL A 33 -14.60 -20.69 -1.73
N VAL A 34 -13.57 -21.22 -2.41
CA VAL A 34 -12.15 -20.82 -2.24
C VAL A 34 -11.92 -19.41 -2.77
N LEU A 35 -12.64 -18.98 -3.82
CA LEU A 35 -12.63 -17.59 -4.29
C LEU A 35 -12.94 -16.61 -3.15
N LYS A 36 -14.08 -16.77 -2.45
CA LYS A 36 -14.49 -15.90 -1.34
C LYS A 36 -13.53 -15.93 -0.14
N LYS A 37 -12.88 -17.07 0.13
CA LYS A 37 -11.84 -17.22 1.17
C LYS A 37 -10.52 -16.55 0.80
N LEU A 38 -10.04 -16.74 -0.43
CA LEU A 38 -8.84 -16.07 -0.95
C LEU A 38 -9.04 -14.55 -1.08
N LYS A 39 -10.23 -14.06 -1.46
CA LYS A 39 -10.56 -12.62 -1.52
C LYS A 39 -10.31 -11.91 -0.18
N LYS A 40 -10.90 -12.44 0.91
CA LYS A 40 -10.72 -11.88 2.26
C LYS A 40 -9.26 -11.93 2.75
N SER A 41 -8.55 -13.04 2.53
CA SER A 41 -7.11 -13.15 2.84
C SER A 41 -6.24 -12.18 2.03
N LEU A 42 -6.53 -12.00 0.74
CA LEU A 42 -5.79 -11.08 -0.13
C LEU A 42 -5.95 -9.61 0.28
N ASN A 43 -7.13 -9.19 0.74
CA ASN A 43 -7.32 -7.84 1.30
C ASN A 43 -6.36 -7.55 2.48
N VAL A 44 -6.09 -8.54 3.35
CA VAL A 44 -5.07 -8.43 4.41
C VAL A 44 -3.67 -8.21 3.81
N ALA A 45 -3.29 -9.02 2.81
CA ALA A 45 -1.99 -8.92 2.15
C ALA A 45 -1.78 -7.58 1.40
N LYS A 46 -2.80 -7.07 0.70
CA LYS A 46 -2.77 -5.72 0.07
C LYS A 46 -2.67 -4.60 1.12
N SER A 47 -3.27 -4.79 2.29
CA SER A 47 -3.18 -3.83 3.41
C SER A 47 -1.74 -3.62 3.90
N GLU A 48 -0.88 -4.63 3.79
CA GLU A 48 0.56 -4.51 4.09
C GLU A 48 1.24 -3.45 3.22
N PHE A 49 0.90 -3.39 1.92
CA PHE A 49 1.38 -2.34 1.00
C PHE A 49 1.02 -0.96 1.54
N ASP A 50 -0.27 -0.71 1.80
CA ASP A 50 -0.73 0.60 2.26
C ASP A 50 -0.09 0.99 3.61
N ARG A 51 -0.01 0.05 4.57
CA ARG A 51 0.64 0.23 5.88
C ARG A 51 2.12 0.59 5.77
N ASP A 52 2.92 -0.19 5.04
CA ASP A 52 4.36 0.06 4.90
C ASP A 52 4.67 1.28 4.01
N ALA A 53 3.94 1.47 2.90
CA ALA A 53 4.07 2.67 2.07
C ALA A 53 3.67 3.96 2.81
N ALA A 54 2.64 3.92 3.67
CA ALA A 54 2.27 5.04 4.53
C ALA A 54 3.40 5.48 5.47
N MET A 55 4.19 4.54 6.03
CA MET A 55 5.35 4.87 6.87
C MET A 55 6.37 5.77 6.13
N GLN A 56 6.59 5.51 4.83
CA GLN A 56 7.43 6.35 3.96
C GLN A 56 6.72 7.65 3.55
N ARG A 57 5.45 7.59 3.10
CA ARG A 57 4.68 8.79 2.69
C ARG A 57 4.47 9.79 3.82
N LYS A 58 4.28 9.35 5.06
CA LYS A 58 4.15 10.21 6.26
C LYS A 58 5.34 11.15 6.47
N LEU A 59 6.56 10.72 6.13
CA LEU A 59 7.78 11.54 6.16
C LEU A 59 7.65 12.74 5.19
N GLU A 60 7.25 12.49 3.94
CA GLU A 60 6.98 13.54 2.95
C GLU A 60 5.77 14.41 3.33
N LYS A 61 4.68 13.79 3.82
CA LYS A 61 3.46 14.46 4.28
C LYS A 61 3.72 15.41 5.46
N MET A 62 4.69 15.12 6.33
CA MET A 62 5.15 16.00 7.42
C MET A 62 5.61 17.37 6.91
N ALA A 63 6.32 17.42 5.78
CA ALA A 63 6.76 18.67 5.16
C ALA A 63 5.58 19.54 4.67
N ASP A 64 4.63 18.93 3.94
CA ASP A 64 3.38 19.58 3.51
C ASP A 64 2.52 20.03 4.71
N GLN A 65 2.44 19.20 5.75
CA GLN A 65 1.73 19.51 6.99
C GLN A 65 2.36 20.71 7.72
N ALA A 66 3.70 20.77 7.83
CA ALA A 66 4.41 21.88 8.46
C ALA A 66 4.13 23.24 7.79
N MET A 67 4.16 23.31 6.45
CA MET A 67 3.79 24.53 5.71
C MET A 67 2.30 24.87 5.81
N THR A 68 1.40 23.91 5.61
CA THR A 68 -0.06 24.17 5.68
C THR A 68 -0.52 24.55 7.10
N GLN A 69 0.15 24.06 8.15
CA GLN A 69 -0.12 24.40 9.55
C GLN A 69 0.09 25.90 9.87
N MET A 70 0.89 26.63 9.08
CA MET A 70 1.00 28.09 9.22
C MET A 70 -0.31 28.81 8.86
N TYR A 71 -1.09 28.23 7.94
CA TYR A 71 -2.40 28.73 7.51
C TYR A 71 -3.53 28.16 8.38
N LYS A 72 -3.48 26.85 8.67
CA LYS A 72 -4.41 26.10 9.53
C LYS A 72 -4.07 26.14 11.03
N GLN A 73 -3.33 27.16 11.47
CA GLN A 73 -2.93 27.36 12.87
C GLN A 73 -4.16 27.44 13.80
N ALA A 74 -4.01 27.04 15.06
CA ALA A 74 -5.08 27.02 16.08
C ALA A 74 -5.78 28.39 16.23
N ARG A 75 -7.03 28.48 15.75
CA ARG A 75 -7.87 29.70 15.67
C ARG A 75 -9.34 29.37 15.96
N SER A 76 -10.12 30.40 16.30
CA SER A 76 -11.57 30.34 16.56
C SER A 76 -12.37 29.91 15.32
N GLU A 77 -12.72 28.62 15.25
CA GLU A 77 -13.45 27.95 14.18
C GLU A 77 -14.26 26.80 14.80
N ASP A 78 -15.52 26.63 14.38
CA ASP A 78 -16.41 25.56 14.81
C ASP A 78 -15.93 24.16 14.34
N LYS A 79 -15.27 23.44 15.25
CA LYS A 79 -14.79 22.06 15.04
C LYS A 79 -15.95 21.06 14.94
N ARG A 80 -15.66 19.86 14.41
CA ARG A 80 -16.56 18.70 14.33
C ARG A 80 -15.87 17.42 14.81
N ALA A 81 -16.67 16.45 15.22
CA ALA A 81 -16.24 15.11 15.63
C ALA A 81 -17.22 14.05 15.07
N LYS A 82 -16.71 12.83 14.84
CA LYS A 82 -17.45 11.70 14.26
C LYS A 82 -17.24 10.45 15.10
N VAL A 83 -18.33 9.88 15.62
CA VAL A 83 -18.33 8.58 16.32
C VAL A 83 -17.97 7.44 15.37
N THR A 84 -17.27 6.44 15.89
CA THR A 84 -16.86 5.21 15.19
C THR A 84 -18.04 4.24 14.92
N ALA A 1 4.43 4.97 -16.75
CA ALA A 1 4.22 5.53 -15.39
C ALA A 1 3.96 4.44 -14.32
N ILE A 2 4.78 3.39 -14.29
CA ILE A 2 4.71 2.26 -13.35
C ILE A 2 5.84 2.36 -12.33
N ALA A 3 5.49 2.65 -11.07
CA ALA A 3 6.42 2.71 -9.93
C ALA A 3 5.73 2.25 -8.62
N SER A 4 5.73 0.94 -8.38
CA SER A 4 5.32 0.32 -7.11
C SER A 4 6.37 0.56 -6.00
N GLU A 5 6.01 1.31 -4.96
CA GLU A 5 6.91 1.53 -3.81
C GLU A 5 7.12 0.25 -2.99
N PHE A 6 6.03 -0.49 -2.72
CA PHE A 6 6.05 -1.66 -1.84
C PHE A 6 6.90 -2.82 -2.37
N SER A 7 7.13 -2.92 -3.69
CA SER A 7 7.96 -4.00 -4.29
C SER A 7 9.41 -4.02 -3.78
N SER A 8 9.90 -2.92 -3.21
CA SER A 8 11.21 -2.82 -2.54
C SER A 8 11.28 -3.59 -1.20
N LEU A 9 10.15 -3.80 -0.53
CA LEU A 9 10.04 -4.49 0.77
C LEU A 9 10.02 -6.02 0.58
N PRO A 10 10.49 -6.83 1.55
CA PRO A 10 10.45 -8.29 1.48
C PRO A 10 9.01 -8.83 1.59
N SER A 11 8.15 -8.17 2.37
CA SER A 11 6.75 -8.54 2.60
C SER A 11 5.86 -8.51 1.33
N TYR A 12 6.25 -7.75 0.31
CA TYR A 12 5.57 -7.73 -0.99
C TYR A 12 5.54 -9.10 -1.67
N ALA A 13 6.58 -9.93 -1.52
CA ALA A 13 6.61 -11.26 -2.13
C ALA A 13 5.47 -12.17 -1.64
N ALA A 14 5.17 -12.14 -0.33
CA ALA A 14 4.03 -12.81 0.28
C ALA A 14 2.69 -12.29 -0.27
N PHE A 15 2.53 -10.95 -0.35
CA PHE A 15 1.38 -10.30 -0.98
C PHE A 15 1.18 -10.74 -2.45
N ALA A 16 2.24 -10.67 -3.27
CA ALA A 16 2.23 -11.08 -4.66
C ALA A 16 1.82 -12.56 -4.82
N THR A 17 2.25 -13.44 -3.92
CA THR A 17 1.80 -14.84 -3.88
C THR A 17 0.31 -14.96 -3.54
N ALA A 18 -0.18 -14.25 -2.52
CA ALA A 18 -1.59 -14.28 -2.09
C ALA A 18 -2.55 -13.76 -3.19
N GLN A 19 -2.27 -12.58 -3.76
CA GLN A 19 -3.06 -12.00 -4.84
C GLN A 19 -2.97 -12.80 -6.15
N GLU A 20 -1.82 -13.42 -6.46
CA GLU A 20 -1.68 -14.37 -7.57
C GLU A 20 -2.59 -15.58 -7.37
N ALA A 21 -2.54 -16.23 -6.20
CA ALA A 21 -3.39 -17.37 -5.86
C ALA A 21 -4.87 -17.04 -6.10
N TYR A 22 -5.35 -15.87 -5.65
CA TYR A 22 -6.72 -15.41 -5.91
C TYR A 22 -7.03 -15.29 -7.41
N GLU A 23 -6.27 -14.45 -8.14
CA GLU A 23 -6.47 -14.21 -9.57
C GLU A 23 -6.37 -15.48 -10.43
N GLN A 24 -5.44 -16.39 -10.10
CA GLN A 24 -5.26 -17.68 -10.76
C GLN A 24 -6.47 -18.60 -10.50
N ALA A 25 -6.87 -18.76 -9.24
CA ALA A 25 -8.02 -19.58 -8.85
C ALA A 25 -9.34 -19.12 -9.48
N VAL A 26 -9.66 -17.81 -9.46
CA VAL A 26 -10.88 -17.27 -10.08
C VAL A 26 -10.87 -17.41 -11.62
N ALA A 27 -9.72 -17.25 -12.27
CA ALA A 27 -9.57 -17.47 -13.72
C ALA A 27 -9.73 -18.95 -14.13
N ASN A 28 -9.25 -19.89 -13.30
CA ASN A 28 -9.35 -21.33 -13.54
C ASN A 28 -10.70 -21.94 -13.08
N GLY A 29 -11.42 -21.27 -12.17
CA GLY A 29 -12.72 -21.71 -11.64
C GLY A 29 -12.65 -22.98 -10.78
N ASP A 30 -11.51 -23.24 -10.13
CA ASP A 30 -11.19 -24.51 -9.45
C ASP A 30 -12.20 -24.91 -8.35
N SER A 31 -12.51 -23.98 -7.43
CA SER A 31 -13.44 -24.16 -6.30
C SER A 31 -14.05 -22.81 -5.90
N GLU A 32 -15.36 -22.61 -6.08
CA GLU A 32 -16.04 -21.33 -5.78
C GLU A 32 -15.88 -20.87 -4.32
N VAL A 33 -15.78 -21.81 -3.37
CA VAL A 33 -15.52 -21.51 -1.94
C VAL A 33 -14.11 -20.97 -1.68
N VAL A 34 -13.12 -21.41 -2.46
CA VAL A 34 -11.70 -20.98 -2.36
C VAL A 34 -11.54 -19.52 -2.77
N LEU A 35 -12.36 -19.03 -3.72
CA LEU A 35 -12.42 -17.61 -4.11
C LEU A 35 -12.71 -16.72 -2.90
N LYS A 36 -13.77 -17.02 -2.12
CA LYS A 36 -14.12 -16.26 -0.90
C LYS A 36 -12.95 -16.19 0.09
N LYS A 37 -12.30 -17.32 0.36
CA LYS A 37 -11.16 -17.42 1.29
C LYS A 37 -9.96 -16.59 0.82
N LEU A 38 -9.59 -16.73 -0.45
CA LEU A 38 -8.48 -16.01 -1.07
C LEU A 38 -8.74 -14.50 -1.24
N LYS A 39 -9.97 -14.07 -1.53
CA LYS A 39 -10.35 -12.65 -1.55
C LYS A 39 -10.11 -12.01 -0.17
N LYS A 40 -10.53 -12.70 0.89
CA LYS A 40 -10.33 -12.31 2.30
C LYS A 40 -8.84 -12.21 2.67
N SER A 41 -8.01 -13.19 2.31
CA SER A 41 -6.55 -13.08 2.52
C SER A 41 -5.91 -11.95 1.69
N LEU A 42 -6.39 -11.68 0.47
CA LEU A 42 -5.96 -10.56 -0.36
C LEU A 42 -6.20 -9.20 0.33
N ASN A 43 -7.37 -8.97 0.93
CA ASN A 43 -7.65 -7.72 1.66
C ASN A 43 -6.59 -7.41 2.75
N VAL A 44 -6.17 -8.42 3.53
CA VAL A 44 -5.07 -8.30 4.50
C VAL A 44 -3.72 -8.08 3.79
N ALA A 45 -3.40 -8.89 2.78
CA ALA A 45 -2.14 -8.84 2.05
C ALA A 45 -1.90 -7.49 1.33
N LYS A 46 -2.93 -6.95 0.64
CA LYS A 46 -2.89 -5.63 -0.01
C LYS A 46 -2.79 -4.48 1.00
N SER A 47 -3.35 -4.62 2.21
CA SER A 47 -3.18 -3.60 3.26
C SER A 47 -1.70 -3.40 3.66
N GLU A 48 -0.84 -4.41 3.44
CA GLU A 48 0.61 -4.26 3.62
C GLU A 48 1.24 -3.28 2.61
N PHE A 49 0.75 -3.25 1.36
CA PHE A 49 1.12 -2.25 0.36
C PHE A 49 0.66 -0.87 0.80
N ASP A 50 -0.64 -0.70 1.02
CA ASP A 50 -1.24 0.60 1.35
C ASP A 50 -0.65 1.19 2.66
N ARG A 51 -0.50 0.39 3.72
CA ARG A 51 0.13 0.83 4.99
C ARG A 51 1.58 1.26 4.78
N ASP A 52 2.40 0.47 4.10
CA ASP A 52 3.83 0.79 3.91
C ASP A 52 4.03 2.04 3.05
N ALA A 53 3.36 2.11 1.90
CA ALA A 53 3.36 3.28 1.03
C ALA A 53 2.91 4.57 1.78
N ALA A 54 1.80 4.50 2.52
CA ALA A 54 1.32 5.60 3.37
C ALA A 54 2.32 5.98 4.46
N MET A 55 2.87 5.01 5.22
CA MET A 55 3.89 5.22 6.25
C MET A 55 5.12 5.96 5.69
N GLN A 56 5.68 5.50 4.56
CA GLN A 56 6.84 6.14 3.93
C GLN A 56 6.55 7.58 3.50
N ARG A 57 5.39 7.82 2.83
CA ARG A 57 4.93 9.17 2.44
C ARG A 57 4.76 10.08 3.66
N LYS A 58 4.09 9.59 4.71
CA LYS A 58 3.87 10.27 5.98
C LYS A 58 5.18 10.62 6.70
N LEU A 59 6.19 9.75 6.64
CA LEU A 59 7.53 9.98 7.21
C LEU A 59 8.21 11.22 6.62
N GLU A 60 8.08 11.44 5.30
CA GLU A 60 8.57 12.66 4.63
C GLU A 60 7.86 13.92 5.16
N LYS A 61 6.52 13.89 5.27
CA LYS A 61 5.73 14.98 5.87
C LYS A 61 6.10 15.24 7.34
N MET A 62 6.34 14.18 8.11
CA MET A 62 6.77 14.26 9.52
C MET A 62 8.12 14.98 9.66
N ALA A 63 9.08 14.70 8.78
CA ALA A 63 10.38 15.38 8.76
C ALA A 63 10.24 16.90 8.57
N ASP A 64 9.40 17.33 7.61
CA ASP A 64 9.06 18.76 7.41
C ASP A 64 8.38 19.36 8.65
N GLN A 65 7.35 18.70 9.19
CA GLN A 65 6.62 19.15 10.40
C GLN A 65 7.56 19.33 11.60
N ALA A 66 8.47 18.38 11.82
CA ALA A 66 9.47 18.40 12.91
C ALA A 66 10.40 19.63 12.84
N MET A 67 10.90 20.01 11.65
CA MET A 67 11.67 21.25 11.49
C MET A 67 10.80 22.51 11.62
N THR A 68 9.60 22.54 11.02
CA THR A 68 8.64 23.66 11.14
C THR A 68 8.30 24.01 12.60
N GLN A 69 8.30 23.03 13.51
CA GLN A 69 8.14 23.25 14.95
C GLN A 69 9.13 24.27 15.54
N MET A 70 10.35 24.41 14.99
CA MET A 70 11.35 25.38 15.48
C MET A 70 10.94 26.85 15.24
N TYR A 71 10.17 27.12 14.20
CA TYR A 71 9.59 28.44 13.90
C TYR A 71 8.37 28.73 14.77
N LYS A 72 7.53 27.71 14.99
CA LYS A 72 6.30 27.74 15.83
C LYS A 72 6.56 27.47 17.32
N GLN A 73 7.83 27.46 17.74
CA GLN A 73 8.27 27.16 19.11
C GLN A 73 7.65 28.12 20.14
N ALA A 74 6.72 27.59 20.92
CA ALA A 74 6.06 28.26 22.05
C ALA A 74 6.43 27.58 23.37
N ARG A 75 6.14 28.25 24.50
CA ARG A 75 6.35 27.71 25.86
C ARG A 75 5.18 26.80 26.26
N SER A 76 5.48 25.53 26.53
CA SER A 76 4.52 24.49 26.94
C SER A 76 5.06 23.60 28.06
N GLU A 77 4.18 22.84 28.71
CA GLU A 77 4.49 21.92 29.81
C GLU A 77 3.71 20.61 29.66
N ASP A 78 4.26 19.67 28.88
CA ASP A 78 3.70 18.35 28.59
C ASP A 78 4.69 17.22 28.91
N LYS A 79 4.23 16.25 29.71
CA LYS A 79 4.97 15.04 30.11
C LYS A 79 5.15 14.10 28.91
N ARG A 80 6.36 14.05 28.35
CA ARG A 80 6.77 13.17 27.23
C ARG A 80 8.04 12.40 27.56
N ALA A 81 8.09 11.14 27.14
CA ALA A 81 9.19 10.21 27.35
C ALA A 81 9.35 9.29 26.12
N LYS A 82 10.39 9.55 25.32
CA LYS A 82 10.76 8.76 24.12
C LYS A 82 12.23 8.33 24.17
N VAL A 83 12.53 7.17 23.58
CA VAL A 83 13.88 6.60 23.50
C VAL A 83 14.55 7.04 22.19
N THR A 84 15.46 8.01 22.29
CA THR A 84 16.22 8.61 21.17
C THR A 84 17.02 7.58 20.36
N ALA A 1 10.25 4.52 -15.70
CA ALA A 1 10.66 4.33 -14.30
C ALA A 1 9.47 3.92 -13.43
N ILE A 2 9.44 2.67 -12.94
CA ILE A 2 8.37 2.10 -12.11
C ILE A 2 8.97 1.54 -10.80
N ALA A 3 8.67 2.21 -9.68
CA ALA A 3 9.02 1.80 -8.32
C ALA A 3 7.91 2.24 -7.33
N SER A 4 7.08 1.31 -6.89
CA SER A 4 6.04 1.55 -5.88
C SER A 4 6.65 1.73 -4.48
N GLU A 5 5.87 2.24 -3.52
CA GLU A 5 6.35 2.42 -2.14
C GLU A 5 6.53 1.08 -1.40
N PHE A 6 5.63 0.09 -1.63
CA PHE A 6 5.74 -1.21 -0.98
C PHE A 6 6.58 -2.24 -1.76
N SER A 7 6.73 -2.09 -3.09
CA SER A 7 7.46 -3.07 -3.92
C SER A 7 8.96 -3.22 -3.56
N SER A 8 9.54 -2.24 -2.87
CA SER A 8 10.90 -2.28 -2.32
C SER A 8 11.02 -3.03 -0.97
N LEU A 9 9.92 -3.31 -0.26
CA LEU A 9 9.91 -4.16 0.94
C LEU A 9 9.96 -5.66 0.56
N PRO A 10 10.51 -6.53 1.43
CA PRO A 10 10.47 -7.98 1.23
C PRO A 10 9.06 -8.55 1.41
N SER A 11 8.26 -7.97 2.31
CA SER A 11 6.88 -8.37 2.65
C SER A 11 5.90 -8.26 1.46
N TYR A 12 6.21 -7.43 0.46
CA TYR A 12 5.45 -7.35 -0.80
C TYR A 12 5.43 -8.67 -1.57
N ALA A 13 6.49 -9.48 -1.51
CA ALA A 13 6.54 -10.77 -2.20
C ALA A 13 5.45 -11.73 -1.68
N ALA A 14 5.22 -11.77 -0.37
CA ALA A 14 4.14 -12.53 0.27
C ALA A 14 2.74 -12.02 -0.15
N PHE A 15 2.57 -10.72 -0.31
CA PHE A 15 1.36 -10.14 -0.93
C PHE A 15 1.19 -10.61 -2.38
N ALA A 16 2.22 -10.47 -3.21
CA ALA A 16 2.20 -10.87 -4.62
C ALA A 16 1.84 -12.35 -4.81
N THR A 17 2.36 -13.28 -4.00
CA THR A 17 1.95 -14.69 -4.03
C THR A 17 0.51 -14.92 -3.57
N ALA A 18 0.07 -14.28 -2.48
CA ALA A 18 -1.29 -14.43 -1.96
C ALA A 18 -2.35 -13.89 -2.94
N GLN A 19 -2.07 -12.76 -3.60
CA GLN A 19 -2.98 -12.17 -4.60
C GLN A 19 -2.96 -12.93 -5.93
N GLU A 20 -1.80 -13.47 -6.33
CA GLU A 20 -1.69 -14.35 -7.50
C GLU A 20 -2.54 -15.62 -7.33
N ALA A 21 -2.49 -16.26 -6.15
CA ALA A 21 -3.31 -17.42 -5.83
C ALA A 21 -4.81 -17.15 -6.07
N TYR A 22 -5.31 -16.00 -5.62
CA TYR A 22 -6.70 -15.57 -5.91
C TYR A 22 -6.96 -15.36 -7.40
N GLU A 23 -6.15 -14.51 -8.05
CA GLU A 23 -6.31 -14.17 -9.48
C GLU A 23 -6.26 -15.39 -10.40
N GLN A 24 -5.32 -16.33 -10.19
CA GLN A 24 -5.29 -17.58 -10.96
C GLN A 24 -6.50 -18.46 -10.66
N ALA A 25 -6.92 -18.59 -9.40
CA ALA A 25 -8.09 -19.39 -9.00
C ALA A 25 -9.39 -18.90 -9.67
N VAL A 26 -9.70 -17.59 -9.62
CA VAL A 26 -10.88 -17.01 -10.29
C VAL A 26 -10.80 -17.11 -11.82
N ALA A 27 -9.62 -16.93 -12.43
CA ALA A 27 -9.40 -17.09 -13.87
C ALA A 27 -9.57 -18.53 -14.36
N ASN A 28 -9.13 -19.53 -13.58
CA ASN A 28 -9.25 -20.96 -13.90
C ASN A 28 -10.62 -21.55 -13.50
N GLY A 29 -11.34 -20.93 -12.56
CA GLY A 29 -12.64 -21.37 -12.06
C GLY A 29 -12.61 -22.68 -11.27
N ASP A 30 -11.47 -22.98 -10.61
CA ASP A 30 -11.17 -24.29 -10.00
C ASP A 30 -12.20 -24.74 -8.93
N SER A 31 -12.52 -23.85 -7.98
CA SER A 31 -13.50 -24.06 -6.91
C SER A 31 -14.13 -22.73 -6.46
N GLU A 32 -15.43 -22.54 -6.70
CA GLU A 32 -16.18 -21.32 -6.37
C GLU A 32 -16.14 -20.93 -4.87
N VAL A 33 -15.93 -21.90 -3.98
CA VAL A 33 -15.74 -21.70 -2.53
C VAL A 33 -14.32 -21.26 -2.15
N VAL A 34 -13.31 -21.60 -2.96
CA VAL A 34 -11.91 -21.20 -2.76
C VAL A 34 -11.72 -19.71 -3.09
N LEU A 35 -12.53 -19.16 -4.00
CA LEU A 35 -12.57 -17.73 -4.33
C LEU A 35 -12.80 -16.87 -3.07
N LYS A 36 -13.92 -17.06 -2.35
CA LYS A 36 -14.22 -16.24 -1.14
C LYS A 36 -13.10 -16.31 -0.10
N LYS A 37 -12.52 -17.50 0.09
CA LYS A 37 -11.44 -17.79 1.05
C LYS A 37 -10.15 -17.04 0.71
N LEU A 38 -9.71 -17.17 -0.55
CA LEU A 38 -8.55 -16.45 -1.09
C LEU A 38 -8.75 -14.94 -1.15
N LYS A 39 -9.95 -14.43 -1.51
CA LYS A 39 -10.30 -13.00 -1.47
C LYS A 39 -10.10 -12.41 -0.07
N LYS A 40 -10.61 -13.10 0.95
CA LYS A 40 -10.43 -12.75 2.37
C LYS A 40 -8.94 -12.70 2.75
N SER A 41 -8.14 -13.71 2.37
CA SER A 41 -6.68 -13.71 2.55
C SER A 41 -5.98 -12.54 1.81
N LEU A 42 -6.41 -12.22 0.58
CA LEU A 42 -5.91 -11.11 -0.22
C LEU A 42 -6.10 -9.78 0.53
N ASN A 43 -7.29 -9.51 1.07
CA ASN A 43 -7.57 -8.28 1.84
C ASN A 43 -6.55 -8.05 2.98
N VAL A 44 -6.18 -9.09 3.73
CA VAL A 44 -5.11 -9.03 4.74
C VAL A 44 -3.76 -8.70 4.09
N ALA A 45 -3.32 -9.49 3.12
CA ALA A 45 -2.06 -9.32 2.41
C ALA A 45 -1.89 -7.92 1.75
N LYS A 46 -2.91 -7.41 1.06
CA LYS A 46 -2.96 -6.06 0.50
C LYS A 46 -2.91 -4.97 1.56
N SER A 47 -3.48 -5.18 2.75
CA SER A 47 -3.45 -4.18 3.83
C SER A 47 -2.02 -3.83 4.29
N GLU A 48 -1.05 -4.76 4.18
CA GLU A 48 0.37 -4.44 4.42
C GLU A 48 0.92 -3.40 3.44
N PHE A 49 0.46 -3.38 2.18
CA PHE A 49 0.79 -2.33 1.20
C PHE A 49 0.37 -0.97 1.74
N ASP A 50 -0.93 -0.76 2.00
CA ASP A 50 -1.45 0.51 2.53
C ASP A 50 -0.78 0.90 3.86
N ARG A 51 -0.55 -0.06 4.76
CA ARG A 51 0.08 0.15 6.08
C ARG A 51 1.51 0.68 5.96
N ASP A 52 2.36 0.04 5.15
CA ASP A 52 3.70 0.54 4.87
C ASP A 52 3.68 1.85 4.07
N ALA A 53 2.98 1.87 2.94
CA ALA A 53 2.91 3.02 2.03
C ALA A 53 2.44 4.31 2.72
N ALA A 54 1.47 4.24 3.65
CA ALA A 54 1.08 5.37 4.50
C ALA A 54 2.27 5.96 5.27
N MET A 55 3.00 5.13 6.03
CA MET A 55 4.18 5.55 6.79
C MET A 55 5.31 6.09 5.88
N GLN A 56 5.50 5.50 4.69
CA GLN A 56 6.44 5.97 3.68
C GLN A 56 6.06 7.36 3.12
N ARG A 57 4.78 7.62 2.84
CA ARG A 57 4.23 8.93 2.45
C ARG A 57 4.42 9.98 3.56
N LYS A 58 4.18 9.64 4.83
CA LYS A 58 4.47 10.50 6.00
C LYS A 58 5.95 10.88 6.08
N LEU A 59 6.87 9.94 5.82
CA LEU A 59 8.32 10.21 5.78
C LEU A 59 8.69 11.25 4.71
N GLU A 60 8.11 11.17 3.51
CA GLU A 60 8.36 12.14 2.44
C GLU A 60 8.01 13.59 2.83
N LYS A 61 6.93 13.82 3.59
CA LYS A 61 6.57 15.17 4.08
C LYS A 61 7.69 15.79 4.94
N MET A 62 8.30 14.99 5.81
CA MET A 62 9.42 15.42 6.66
C MET A 62 10.73 15.57 5.87
N ALA A 63 10.98 14.69 4.90
CA ALA A 63 12.11 14.79 3.96
C ALA A 63 12.02 16.01 3.01
N ASP A 64 10.82 16.49 2.67
CA ASP A 64 10.62 17.75 1.94
C ASP A 64 11.10 18.96 2.76
N GLN A 65 10.77 19.05 4.05
CA GLN A 65 11.28 20.10 4.94
C GLN A 65 12.81 20.08 5.09
N ALA A 66 13.45 18.91 4.95
CA ALA A 66 14.91 18.81 4.93
C ALA A 66 15.56 19.53 3.72
N MET A 67 14.84 19.79 2.62
CA MET A 67 15.37 20.57 1.49
C MET A 67 15.63 22.03 1.87
N THR A 68 14.80 22.60 2.74
CA THR A 68 14.91 23.96 3.29
C THR A 68 16.28 24.21 3.94
N GLN A 69 16.91 23.18 4.51
CA GLN A 69 18.25 23.26 5.10
C GLN A 69 19.31 23.74 4.09
N MET A 70 19.16 23.42 2.79
CA MET A 70 20.12 23.80 1.73
C MET A 70 20.10 25.30 1.41
N TYR A 71 18.92 25.93 1.52
CA TYR A 71 18.71 27.37 1.30
C TYR A 71 19.34 28.20 2.44
N LYS A 72 19.26 27.69 3.67
CA LYS A 72 19.83 28.28 4.90
C LYS A 72 21.28 27.83 5.19
N GLN A 73 21.81 26.88 4.42
CA GLN A 73 23.17 26.33 4.56
C GLN A 73 24.23 27.42 4.40
N ALA A 74 25.02 27.64 5.47
CA ALA A 74 26.19 28.52 5.45
C ALA A 74 27.27 28.03 4.45
N ARG A 75 28.26 28.89 4.16
CA ARG A 75 29.38 28.60 3.25
C ARG A 75 30.06 27.25 3.56
N SER A 76 30.32 26.45 2.52
CA SER A 76 30.93 25.12 2.61
C SER A 76 31.74 24.81 1.35
N GLU A 77 32.87 24.13 1.51
CA GLU A 77 33.81 23.75 0.44
C GLU A 77 34.33 22.31 0.62
N ASP A 78 33.45 21.33 0.34
CA ASP A 78 33.72 19.90 0.49
C ASP A 78 33.18 19.10 -0.72
N LYS A 79 34.05 18.34 -1.39
CA LYS A 79 33.66 17.48 -2.52
C LYS A 79 32.68 16.39 -2.07
N ARG A 80 31.48 16.37 -2.67
CA ARG A 80 30.43 15.38 -2.36
C ARG A 80 30.92 13.93 -2.48
N ALA A 81 30.36 13.05 -1.65
CA ALA A 81 30.70 11.63 -1.56
C ALA A 81 29.42 10.77 -1.50
N LYS A 82 29.37 9.73 -2.33
CA LYS A 82 28.32 8.70 -2.30
C LYS A 82 28.21 8.00 -0.93
N VAL A 83 27.03 7.49 -0.61
CA VAL A 83 26.75 6.76 0.66
C VAL A 83 26.48 5.28 0.37
N THR A 84 27.12 4.40 1.14
CA THR A 84 27.02 2.93 1.02
C THR A 84 25.71 2.35 1.57
#